data_9F2R
#
_entry.id   9F2R
#
_cell.length_a   91.080
_cell.length_b   119.267
_cell.length_c   251.555
_cell.angle_alpha   90.000
_cell.angle_beta   90.000
_cell.angle_gamma   90.000
#
_symmetry.space_group_name_H-M   'P 21 21 21'
#
loop_
_entity.id
_entity.type
_entity.pdbx_description
1 polymer 'Polymerase acidic protein'
2 polymer 'RNA-directed RNA polymerase catalytic subunit'
3 polymer 'Polymerase basic protein 2'
4 polymer "3' end of the promoter vRNA"
5 polymer "5' end of the promoter vRNA"
6 non-polymer GLYCEROL
7 non-polymer 'MAGNESIUM ION'
8 non-polymer "7N-METHYL-8-HYDROGUANOSINE-5'-TRIPHOSPHATE"
9 water water
#
loop_
_entity_poly.entity_id
_entity_poly.type
_entity_poly.pdbx_seq_one_letter_code
_entity_poly.pdbx_strand_id
1 'polypeptide(L)'
;GSHHHHHHHHGSGSMENFVRTNFNPMILERAEKTMKEYGENPQNEGNKFAAISTHMEVCFMYSDFHFIDLEGNTIVKEND
DDNAMLKHRFEIIEGQERNIAWTIVNSICNMTENSKPRFLPDLYDYKTNKFIEIGVTRRKVEDYYYEKASKLKGENVYIH
IFSFDGEEMATDDEYILDEESRARIKTRLFVLRQELATAGLWDSFRQSEKGEETLEEEFSYPPTFQRLANQSLPPSFKDY
HQFKAYVSSFKANGNIEAKLGAMSEKVNAQIESFDPRTIRELELPEGKFCTQRSKFLLMDAMKLSVLNPAHEGEGIPMKD
AKACLDTFWGWKKATIIKKHEKGVNTNYLMIWEQLLESIKEMEGKFLNLKKTNHLKWGLGEGQAPEKMDFEDCKEVPDLF
QYKSEPPEKRKLASWIQSEFNKASELTNSNWIEFDELGNDVAPIEHIASRRRNFFTAEVSQCRASEYIMKAVYINTALLN
SSCTAMEEYQVIPIITKCRDTSGQRRTNLYGFIIKGRSHLRNDTDVVNFISLEFSLTDPRNEIHKWEKYCVLEIGDMEIR
TSISTIMKPVYLYVRTNGTSKIKMKWGMEMRRCLLQSLQQVESMIEAESAVKEKDMTEPFFRNRENDWPIGESPQGIEKG
TIGKVCRVLLAKSVFNSIYASAQLEGFSAESRKLLLLIQAFRDNLDPGTFDLKGLYEAIEECIINDPWVLLNASWFNSFL
KAVQLSMGSGSGENLYFQ
;
A
2 'polypeptide(L)'
;GSGSGSGSGMDVNPMLIFLKVPVQNAISTTFPYTGDPPYSHGTGTGYTMDTVIRTHDYSSRGIWKTNSETGAQQLNPIDG
PLPEDNEPSGYAQTDCVLELIEGLDRSHPGLFETACQETIDAIQQTRVDKLTQGRQTYDWTLNRNQPAATALANTIEVFR
KNGYKLNESGRLIDFLKDVLLSFENDSMEVTTHFQKKKRIRDNHSKKMITQRTIGKKRVKLTKKNYLIRALTLNTMTKDA
ERGKLKRRAIATPGMQIRGFVYFVELLARNICERLEQSGLPVGGNEKKAKLANVIKKMMAKSTDEELSYTITGDNTKWNE
NQNPRIFLAMVLRITAGQPEWFRDLLAVAPIMFSNKVARLGRGYMFESKSMHLRTQISAENLSDINLRYFNEDTKKKIEK
IRHLMVEGTASLSPGMMMGMFNMLSTVLGVSVLNLGQREILKRTYWWDGLQSSDDFALIINGHFKEDIQQGVNHFYRTCK
LVGINMSQKKSYINKTGTFEFTSFFYRYGFVANFSMELPSFGVAGNNESADMSIGTTVIKTNMINNDLGPATAQMAIQLF
IKDYRYTYRCHRGDTNLETRRTKSIKRLWTETISKAGLLVADGGPNPYNLRNLHIPEVCLKWSLMDPDYRGRLCNPNNPF
VHHMEVESTNLAVVMPAHGPAKSLEYDAVATTHSWTPKRNRSILNTNQRGILEDERIYQKCCQVFEKFFPSSTYRRPIGM
ASMLDAMLSRARIDARIDLESGRISSQDFSEITNTCKAIEALKRQGSGSGENLYFQ
;
B
3 'polypeptide(L)'
;GSGSGSGSGMERIKELMEMVKNSRMREILTTTSVDHMAVIKKYTSGRQEKNPALRMKWMMAMKYPISASSRIREMIPEKD
EDGNTLWTNTKDAGSNRVLVSPNAVTWWNRAGPVSDVVHYPRVYKMYFDRLERLTHGTFGPVKFYNQVKVRKRVDINPGH
KDLTSREAQEVIMEVVFPNEVGARTLSSDAQLTITKEKKEELKNCKISPIMVAYMLERELVRRTRFLPIAGATSSTYVEV
LHLTQGTCWEQQYTPGGEAENDDLDQTLIIASRNIVRRSIVAIDPLASLLSMCHTTSISSEPLVEILRSNPTDEQAVNIC
KAALGIRINNSFSFGGYNFKRVKGSSQRTEKAVLTGNLQTLTMTIFEGYEEFNVSGKRASAVLKKGAQRLIQAIIGGRTL
EDILNLMITLMVFSQEEKMLKAVRGDLNFVNRANQRLNPMYQLLRHFQKDSSTLLKNWGTEEIDPIMGIAGIMPDGTINK
TQTLMGVRLSQGGVDEYSFNERIRVNIDKYLRVRNEKGELLISPEEVSEAQGQEKLPINYNSSLMWEVNGPESILTNTYH
WIIKNWELLKTQWMTDPTVLYNRIEFEPFQTLIPKGNRAIYSGFTRTLFQQMRDVEGTFDSIQIIKLLPFSAHPPSLGRT
QFSSFTLNIRGAPLRLLIRGNSQVFNYNQMENVIIVLGKSVGSPERSILTESSSIESAVLRGFLILGKANSKYGPVLTIG
ELDKLGRGEKANVLIGQGDTVLVMKRKRDSSILTDSQTALKRIRLEESKGWSHPQFEKGGGSGGGSGGSAWSHPQFEKGR
SGGENLYFQ
;
C
4 'polyribonucleotide' UAUACCUCUGCUUCUGCUAUU R
5 'polyribonucleotide' AGUAGUAACAAGAGGG V
#
# COMPACT_ATOMS: atom_id res chain seq x y z
N SER A 14 39.39 -44.96 -12.03
CA SER A 14 38.27 -44.23 -11.39
C SER A 14 37.65 -45.06 -10.27
N MET A 15 37.45 -44.42 -9.12
CA MET A 15 36.71 -45.01 -8.02
C MET A 15 35.22 -44.96 -8.35
N GLU A 16 34.84 -43.94 -9.14
CA GLU A 16 33.48 -43.78 -9.64
C GLU A 16 33.14 -44.93 -10.60
N ASN A 17 34.10 -45.32 -11.45
CA ASN A 17 33.86 -46.31 -12.47
C ASN A 17 33.64 -47.68 -11.83
N PHE A 18 34.48 -47.99 -10.83
CA PHE A 18 34.33 -49.19 -10.02
C PHE A 18 32.89 -49.34 -9.56
N VAL A 19 32.34 -48.26 -8.99
CA VAL A 19 31.04 -48.27 -8.32
C VAL A 19 29.93 -48.68 -9.29
N ARG A 20 30.08 -48.39 -10.59
CA ARG A 20 29.04 -48.68 -11.57
C ARG A 20 28.88 -50.18 -11.77
N THR A 21 29.99 -50.93 -11.59
CA THR A 21 30.06 -52.35 -11.87
C THR A 21 29.36 -53.14 -10.77
N ASN A 22 29.65 -52.77 -9.51
CA ASN A 22 29.34 -53.59 -8.35
C ASN A 22 27.89 -53.38 -7.91
N PHE A 23 27.39 -52.14 -8.07
CA PHE A 23 26.09 -51.76 -7.53
C PHE A 23 25.03 -51.72 -8.65
N ASN A 24 23.79 -51.99 -8.25
CA ASN A 24 22.69 -52.26 -9.17
C ASN A 24 22.13 -50.93 -9.69
N PRO A 25 21.12 -50.93 -10.59
CA PRO A 25 20.56 -49.69 -11.13
C PRO A 25 20.17 -48.67 -10.05
N MET A 26 19.24 -49.08 -9.18
CA MET A 26 18.42 -48.16 -8.40
C MET A 26 19.22 -47.53 -7.26
N ILE A 27 20.35 -48.15 -6.89
CA ILE A 27 21.23 -47.60 -5.87
C ILE A 27 22.19 -46.58 -6.49
N LEU A 28 22.67 -46.87 -7.71
CA LEU A 28 23.51 -45.94 -8.45
C LEU A 28 22.76 -44.62 -8.60
N GLU A 29 21.52 -44.72 -9.10
CA GLU A 29 20.59 -43.62 -9.26
C GLU A 29 20.46 -42.84 -7.95
N ARG A 30 20.09 -43.56 -6.89
CA ARG A 30 19.81 -42.96 -5.59
C ARG A 30 21.07 -42.31 -4.99
N ALA A 31 22.24 -42.87 -5.31
CA ALA A 31 23.50 -42.47 -4.69
C ALA A 31 23.90 -41.07 -5.16
N GLU A 32 23.70 -40.79 -6.45
CA GLU A 32 24.10 -39.51 -7.06
C GLU A 32 23.15 -38.41 -6.60
N LYS A 33 21.85 -38.71 -6.63
CA LYS A 33 20.81 -37.86 -6.09
C LYS A 33 21.23 -37.31 -4.73
N THR A 34 21.31 -38.20 -3.72
CA THR A 34 21.63 -37.81 -2.35
C THR A 34 23.04 -37.23 -2.27
N MET A 35 23.77 -37.26 -3.41
CA MET A 35 25.10 -36.69 -3.48
C MET A 35 25.05 -35.26 -4.03
N LYS A 36 24.09 -34.96 -4.91
CA LYS A 36 23.91 -33.61 -5.37
C LYS A 36 23.24 -32.77 -4.27
N GLU A 37 22.24 -33.36 -3.58
CA GLU A 37 21.71 -32.78 -2.36
C GLU A 37 22.85 -32.32 -1.46
N TYR A 38 23.86 -33.20 -1.32
CA TYR A 38 25.01 -32.99 -0.46
C TYR A 38 25.80 -31.75 -0.91
N GLY A 39 25.86 -31.55 -2.23
CA GLY A 39 26.56 -30.41 -2.81
C GLY A 39 27.93 -30.83 -3.35
N GLU A 40 27.91 -31.71 -4.37
CA GLU A 40 29.10 -32.25 -4.99
C GLU A 40 28.67 -33.33 -5.99
N ASN A 41 29.45 -33.49 -7.08
CA ASN A 41 29.07 -34.37 -8.16
C ASN A 41 29.76 -35.72 -7.96
N PRO A 42 29.28 -36.81 -8.61
CA PRO A 42 29.82 -38.16 -8.40
C PRO A 42 31.30 -38.30 -8.75
N GLN A 43 31.76 -37.43 -9.66
CA GLN A 43 33.11 -37.50 -10.19
C GLN A 43 34.08 -36.99 -9.13
N ASN A 44 33.83 -35.77 -8.63
CA ASN A 44 34.71 -35.10 -7.67
C ASN A 44 34.97 -35.98 -6.44
N GLU A 45 33.94 -36.73 -6.01
CA GLU A 45 34.09 -37.62 -4.88
C GLU A 45 33.91 -39.05 -5.36
N GLY A 46 35.00 -39.84 -5.31
CA GLY A 46 34.96 -41.23 -5.74
C GLY A 46 34.68 -42.16 -4.57
N ASN A 47 35.49 -42.01 -3.51
CA ASN A 47 35.42 -42.88 -2.34
C ASN A 47 34.18 -42.58 -1.51
N LYS A 48 33.67 -41.36 -1.63
CA LYS A 48 32.48 -40.94 -0.89
C LYS A 48 31.24 -41.43 -1.64
N PHE A 49 31.38 -41.72 -2.94
CA PHE A 49 30.31 -42.27 -3.76
C PHE A 49 30.19 -43.78 -3.53
N ALA A 50 31.27 -44.41 -3.05
CA ALA A 50 31.23 -45.79 -2.64
C ALA A 50 30.63 -45.89 -1.24
N ALA A 51 31.11 -45.04 -0.32
CA ALA A 51 30.59 -44.95 1.04
C ALA A 51 29.07 -44.77 1.03
N ILE A 52 28.57 -43.92 0.11
CA ILE A 52 27.15 -43.63 -0.01
C ILE A 52 26.42 -44.82 -0.62
N SER A 53 26.99 -45.39 -1.69
CA SER A 53 26.41 -46.58 -2.32
C SER A 53 26.47 -47.79 -1.39
N THR A 54 27.60 -47.93 -0.67
CA THR A 54 27.84 -49.05 0.23
C THR A 54 26.80 -49.00 1.35
N HIS A 55 26.83 -47.89 2.10
CA HIS A 55 25.95 -47.69 3.25
C HIS A 55 24.51 -48.01 2.86
N MET A 56 24.10 -47.48 1.71
CA MET A 56 22.72 -47.56 1.27
C MET A 56 22.37 -48.96 0.78
N GLU A 57 23.37 -49.71 0.32
CA GLU A 57 23.15 -51.10 -0.09
C GLU A 57 22.86 -51.94 1.15
N VAL A 58 23.70 -51.78 2.18
CA VAL A 58 23.50 -52.47 3.44
C VAL A 58 22.07 -52.24 3.89
N CYS A 59 21.72 -50.95 4.04
CA CYS A 59 20.39 -50.52 4.44
C CYS A 59 19.33 -51.30 3.65
N PHE A 60 19.48 -51.33 2.32
CA PHE A 60 18.48 -51.96 1.46
C PHE A 60 18.41 -53.46 1.69
N MET A 61 19.58 -54.09 1.93
CA MET A 61 19.63 -55.50 2.23
C MET A 61 18.97 -55.78 3.57
N TYR A 62 19.13 -54.86 4.53
CA TYR A 62 18.65 -55.03 5.89
C TYR A 62 17.14 -55.29 5.89
N SER A 63 16.44 -54.76 4.88
CA SER A 63 15.00 -54.67 4.90
C SER A 63 14.37 -55.55 3.82
N ASP A 64 14.92 -55.49 2.60
CA ASP A 64 14.35 -56.23 1.49
C ASP A 64 14.15 -57.69 1.92
N PHE A 65 13.02 -58.25 1.49
CA PHE A 65 12.67 -59.64 1.76
C PHE A 65 12.54 -59.83 3.27
N HIS A 66 11.71 -58.99 3.91
CA HIS A 66 11.41 -59.07 5.34
C HIS A 66 10.06 -58.40 5.61
N PHE A 67 9.12 -59.15 6.20
CA PHE A 67 7.70 -58.79 6.20
C PHE A 67 7.06 -58.98 7.57
N ILE A 68 5.76 -58.68 7.65
CA ILE A 68 4.94 -58.91 8.82
C ILE A 68 3.57 -59.46 8.39
N ASP A 69 3.02 -60.35 9.22
CA ASP A 69 1.87 -61.18 8.91
C ASP A 69 0.57 -60.39 9.01
N LEU A 70 -0.56 -61.12 8.92
CA LEU A 70 -1.87 -60.61 9.28
C LEU A 70 -2.00 -60.58 10.80
N GLU A 71 -1.39 -61.55 11.50
CA GLU A 71 -1.37 -61.56 12.96
C GLU A 71 -0.31 -60.57 13.44
N GLY A 72 0.92 -60.79 12.97
CA GLY A 72 1.99 -59.82 13.09
C GLY A 72 3.26 -60.43 13.69
N ASN A 73 3.91 -61.33 12.93
CA ASN A 73 5.16 -61.94 13.34
C ASN A 73 6.20 -61.74 12.25
N THR A 74 7.45 -61.43 12.64
CA THR A 74 8.49 -61.17 11.66
C THR A 74 8.62 -62.42 10.79
N ILE A 75 8.91 -62.21 9.51
CA ILE A 75 8.99 -63.29 8.54
C ILE A 75 9.95 -62.87 7.44
N VAL A 76 10.53 -63.86 6.76
CA VAL A 76 11.36 -63.64 5.58
C VAL A 76 10.63 -64.23 4.37
N LYS A 77 11.00 -63.80 3.16
CA LYS A 77 10.33 -64.26 1.95
C LYS A 77 11.14 -63.83 0.74
N GLU A 78 11.02 -64.58 -0.37
CA GLU A 78 11.75 -64.29 -1.60
C GLU A 78 10.82 -63.79 -2.70
N ASN A 79 9.51 -64.03 -2.56
CA ASN A 79 8.52 -63.52 -3.51
C ASN A 79 8.39 -62.00 -3.37
N ASP A 80 8.29 -61.53 -2.12
CA ASP A 80 8.20 -60.11 -1.80
C ASP A 80 6.85 -59.55 -2.30
N ASP A 81 5.80 -60.38 -2.21
CA ASP A 81 4.46 -60.01 -2.63
C ASP A 81 3.45 -60.98 -2.02
N ALA A 84 1.03 -58.89 -2.12
CA ALA A 84 -0.17 -58.18 -1.63
C ALA A 84 -0.91 -59.03 -0.59
N MET A 85 -0.17 -59.56 0.40
CA MET A 85 -0.74 -60.30 1.53
C MET A 85 -0.08 -59.89 2.83
N LEU A 86 1.23 -59.61 2.79
CA LEU A 86 1.99 -59.19 3.97
C LEU A 86 2.34 -57.70 3.87
N LYS A 87 3.24 -57.25 4.76
CA LYS A 87 3.64 -55.85 4.83
C LYS A 87 5.10 -55.77 5.27
N HIS A 88 5.86 -54.82 4.72
CA HIS A 88 7.27 -54.70 5.02
C HIS A 88 7.48 -54.49 6.52
N ARG A 89 8.52 -55.14 7.04
CA ARG A 89 8.86 -55.03 8.45
C ARG A 89 9.47 -53.65 8.71
N PHE A 90 10.27 -53.17 7.75
CA PHE A 90 11.05 -51.97 7.93
C PHE A 90 10.54 -50.86 7.01
N GLU A 91 10.64 -49.62 7.50
CA GLU A 91 10.61 -48.45 6.64
C GLU A 91 12.05 -48.07 6.33
N ILE A 92 12.37 -47.91 5.04
CA ILE A 92 13.68 -47.45 4.64
C ILE A 92 13.61 -45.93 4.54
N ILE A 93 14.50 -45.26 5.29
CA ILE A 93 14.54 -43.81 5.36
C ILE A 93 15.72 -43.32 4.54
N GLU A 94 16.86 -44.01 4.66
CA GLU A 94 18.04 -43.64 3.90
C GLU A 94 17.68 -43.73 2.42
N GLY A 95 18.28 -42.83 1.63
CA GLY A 95 18.06 -42.76 0.20
C GLY A 95 16.96 -41.76 -0.18
N GLN A 96 15.97 -41.58 0.72
CA GLN A 96 14.97 -40.54 0.55
C GLN A 96 15.63 -39.17 0.63
N GLU A 97 15.07 -38.22 -0.14
CA GLU A 97 15.46 -36.82 -0.07
C GLU A 97 15.04 -36.27 1.29
N ARG A 98 15.87 -35.39 1.86
CA ARG A 98 15.79 -35.05 3.28
C ARG A 98 14.38 -34.70 3.72
N ASN A 99 13.71 -33.84 2.93
CA ASN A 99 12.40 -33.32 3.28
C ASN A 99 11.39 -34.46 3.32
N ILE A 100 11.42 -35.33 2.30
CA ILE A 100 10.57 -36.50 2.26
C ILE A 100 10.91 -37.43 3.45
N ALA A 101 12.20 -37.60 3.74
CA ALA A 101 12.62 -38.44 4.84
C ALA A 101 12.00 -37.94 6.15
N TRP A 102 12.11 -36.64 6.41
CA TRP A 102 11.50 -36.03 7.58
C TRP A 102 9.98 -36.22 7.57
N THR A 103 9.37 -36.22 6.38
CA THR A 103 7.94 -36.44 6.27
C THR A 103 7.61 -37.83 6.80
N ILE A 104 8.46 -38.80 6.45
CA ILE A 104 8.25 -40.18 6.84
C ILE A 104 8.44 -40.32 8.35
N VAL A 105 9.51 -39.72 8.87
CA VAL A 105 9.81 -39.75 10.29
C VAL A 105 8.61 -39.23 11.07
N ASN A 106 8.14 -38.02 10.71
CA ASN A 106 7.03 -37.35 11.38
C ASN A 106 5.77 -38.20 11.35
N SER A 107 5.45 -38.77 10.18
CA SER A 107 4.25 -39.59 10.03
C SER A 107 4.24 -40.75 11.03
N ILE A 108 5.41 -41.40 11.20
CA ILE A 108 5.57 -42.56 12.07
C ILE A 108 5.43 -42.13 13.54
N CYS A 109 6.20 -41.10 13.92
CA CYS A 109 6.16 -40.55 15.28
C CYS A 109 4.75 -40.13 15.68
N ASN A 110 3.96 -39.59 14.73
CA ASN A 110 2.61 -39.15 15.02
C ASN A 110 1.69 -40.34 15.25
N MET A 111 1.95 -41.45 14.54
CA MET A 111 1.14 -42.65 14.68
C MET A 111 1.39 -43.32 16.03
N THR A 112 2.63 -43.23 16.55
CA THR A 112 3.01 -43.94 17.75
C THR A 112 3.07 -43.00 18.95
N GLU A 113 3.12 -41.68 18.70
CA GLU A 113 3.47 -40.66 19.69
C GLU A 113 4.85 -40.93 20.27
N ASN A 114 5.67 -41.63 19.47
CA ASN A 114 7.11 -41.68 19.63
C ASN A 114 7.63 -40.25 19.58
N SER A 115 8.69 -39.94 20.34
CA SER A 115 9.35 -38.66 20.21
C SER A 115 10.15 -38.65 18.92
N LYS A 116 10.39 -37.45 18.35
CA LYS A 116 11.04 -37.34 17.05
C LYS A 116 12.53 -37.24 17.24
N PRO A 117 13.35 -37.96 16.44
CA PRO A 117 14.80 -37.90 16.59
C PRO A 117 15.40 -36.58 16.09
N ARG A 118 16.54 -36.20 16.69
CA ARG A 118 17.30 -35.03 16.29
C ARG A 118 17.94 -35.23 14.93
N PHE A 119 18.29 -36.48 14.63
CA PHE A 119 19.00 -36.80 13.40
C PHE A 119 18.14 -37.74 12.57
N LEU A 120 18.40 -37.73 11.28
CA LEU A 120 17.65 -38.51 10.32
C LEU A 120 18.19 -39.95 10.34
N PRO A 121 17.39 -40.94 10.82
CA PRO A 121 17.86 -42.31 10.94
C PRO A 121 17.83 -43.02 9.59
N ASP A 122 18.34 -44.25 9.55
CA ASP A 122 18.42 -45.02 8.31
C ASP A 122 17.19 -45.91 8.15
N LEU A 123 16.66 -46.48 9.24
CA LEU A 123 15.47 -47.30 9.13
C LEU A 123 14.57 -47.11 10.34
N TYR A 124 13.36 -47.67 10.23
CA TYR A 124 12.44 -47.82 11.34
C TYR A 124 11.81 -49.20 11.27
N ASP A 125 11.66 -49.85 12.43
CA ASP A 125 11.17 -51.21 12.52
C ASP A 125 9.77 -51.21 13.09
N TYR A 126 8.79 -51.67 12.29
CA TYR A 126 7.40 -51.69 12.71
C TYR A 126 7.13 -52.81 13.72
N LYS A 127 8.13 -53.68 13.97
CA LYS A 127 7.97 -54.73 14.97
C LYS A 127 8.48 -54.24 16.31
N THR A 128 9.78 -53.96 16.41
CA THR A 128 10.36 -53.52 17.67
C THR A 128 10.07 -52.03 17.92
N ASN A 129 9.50 -51.33 16.92
CA ASN A 129 9.20 -49.91 16.99
C ASN A 129 10.44 -49.14 17.41
N LYS A 130 11.54 -49.35 16.68
CA LYS A 130 12.76 -48.61 16.91
C LYS A 130 13.16 -47.94 15.61
N PHE A 131 13.89 -46.82 15.74
CA PHE A 131 14.66 -46.26 14.64
C PHE A 131 16.03 -46.92 14.67
N ILE A 132 16.71 -46.93 13.52
CA ILE A 132 17.91 -47.70 13.34
C ILE A 132 18.93 -46.85 12.58
N GLU A 133 20.12 -46.72 13.17
CA GLU A 133 21.30 -46.22 12.49
C GLU A 133 22.13 -47.43 12.02
N ILE A 134 22.39 -47.53 10.70
CA ILE A 134 23.38 -48.47 10.18
C ILE A 134 24.72 -47.75 10.10
N GLY A 135 25.80 -48.51 10.33
CA GLY A 135 27.16 -48.04 10.16
C GLY A 135 27.99 -49.06 9.40
N VAL A 136 28.96 -48.56 8.63
CA VAL A 136 29.91 -49.40 7.91
C VAL A 136 31.27 -48.73 8.04
N THR A 137 32.31 -49.51 8.36
CA THR A 137 33.59 -48.93 8.70
C THR A 137 34.73 -49.88 8.34
N ARG A 138 35.88 -49.28 8.03
CA ARG A 138 37.10 -50.02 7.76
C ARG A 138 37.82 -50.29 9.08
N ARG A 139 37.89 -49.26 9.94
CA ARG A 139 38.51 -49.35 11.25
C ARG A 139 37.66 -50.24 12.15
N LYS A 140 37.39 -49.77 13.37
CA LYS A 140 36.95 -50.67 14.44
C LYS A 140 35.47 -50.46 14.72
N VAL A 141 34.71 -51.53 14.43
CA VAL A 141 33.34 -51.70 14.92
C VAL A 141 33.29 -51.35 16.40
N GLU A 142 34.36 -51.71 17.11
CA GLU A 142 34.52 -51.39 18.52
C GLU A 142 34.26 -49.91 18.76
N ASP A 143 35.06 -49.06 18.10
CA ASP A 143 35.17 -47.65 18.45
C ASP A 143 34.20 -46.80 17.65
N TYR A 144 33.85 -47.24 16.43
CA TYR A 144 32.98 -46.48 15.56
C TYR A 144 31.54 -46.49 16.11
N TYR A 145 31.21 -47.50 16.91
CA TYR A 145 29.92 -47.55 17.58
C TYR A 145 29.81 -46.39 18.58
N TYR A 146 30.81 -46.28 19.45
CA TYR A 146 30.79 -45.30 20.53
C TYR A 146 31.04 -43.89 19.97
N GLU A 147 31.53 -43.82 18.73
CA GLU A 147 31.65 -42.57 18.02
C GLU A 147 30.25 -42.06 17.68
N LYS A 148 29.34 -42.99 17.34
CA LYS A 148 28.00 -42.66 16.88
C LYS A 148 26.99 -42.68 18.04
N ALA A 149 27.20 -43.54 19.03
CA ALA A 149 26.37 -43.53 20.23
C ALA A 149 26.55 -42.20 20.96
N SER A 150 27.69 -41.54 20.71
CA SER A 150 27.91 -40.15 21.08
C SER A 150 26.97 -39.25 20.28
N LYS A 151 27.20 -39.14 18.96
CA LYS A 151 26.36 -38.33 18.08
C LYS A 151 24.89 -38.45 18.48
N LEU A 152 24.45 -39.69 18.76
CA LEU A 152 23.06 -39.98 19.09
C LEU A 152 22.88 -40.11 20.60
N LYS A 153 23.53 -39.25 21.38
CA LYS A 153 23.42 -39.34 22.83
C LYS A 153 22.16 -38.60 23.25
N GLY A 154 21.26 -39.32 23.95
CA GLY A 154 19.96 -38.78 24.33
C GLY A 154 18.86 -39.25 23.38
N GLU A 155 19.25 -39.70 22.17
CA GLU A 155 18.31 -40.21 21.19
C GLU A 155 17.83 -41.59 21.65
N ASN A 156 16.97 -42.23 20.86
CA ASN A 156 16.49 -43.57 21.19
C ASN A 156 16.55 -44.45 19.95
N VAL A 157 17.78 -44.70 19.49
CA VAL A 157 18.06 -45.33 18.20
C VAL A 157 18.94 -46.57 18.40
N TYR A 158 18.46 -47.73 17.95
CA TYR A 158 19.28 -48.91 17.81
C TYR A 158 20.42 -48.62 16.82
N ILE A 159 21.65 -48.85 17.25
CA ILE A 159 22.81 -48.76 16.38
C ILE A 159 23.18 -50.16 15.92
N HIS A 160 23.82 -50.24 14.73
CA HIS A 160 24.21 -51.50 14.15
C HIS A 160 25.36 -51.27 13.18
N ILE A 161 26.58 -51.45 13.69
CA ILE A 161 27.78 -51.28 12.88
C ILE A 161 28.09 -52.61 12.19
N PHE A 162 28.75 -52.51 11.02
CA PHE A 162 29.28 -53.66 10.30
C PHE A 162 30.67 -53.31 9.77
N SER A 163 31.66 -54.16 10.05
CA SER A 163 32.97 -54.04 9.44
C SER A 163 33.02 -54.89 8.17
N PHE A 164 34.08 -54.69 7.37
CA PHE A 164 34.19 -55.33 6.07
C PHE A 164 34.66 -56.78 6.23
N ASP A 165 35.33 -57.07 7.36
CA ASP A 165 35.74 -58.43 7.68
C ASP A 165 34.53 -59.34 7.69
N GLY A 166 33.54 -58.96 8.50
CA GLY A 166 32.39 -59.79 8.80
C GLY A 166 31.77 -59.39 10.13
N GLU A 167 32.61 -59.28 11.16
CA GLU A 167 32.12 -59.11 12.52
C GLU A 167 31.44 -57.74 12.67
N GLU A 168 30.41 -57.72 13.51
CA GLU A 168 29.44 -56.62 13.62
C GLU A 168 29.23 -56.29 15.09
N MET A 169 28.38 -55.29 15.37
CA MET A 169 28.05 -54.91 16.72
C MET A 169 26.75 -54.11 16.71
N ALA A 170 25.76 -54.60 17.48
CA ALA A 170 24.46 -53.95 17.60
C ALA A 170 24.34 -53.35 19.01
N THR A 171 23.10 -53.02 19.40
CA THR A 171 22.82 -52.44 20.72
C THR A 171 22.55 -53.57 21.71
N ASP A 172 23.26 -53.50 22.85
CA ASP A 172 23.16 -54.49 23.93
C ASP A 172 23.51 -55.87 23.38
N ASP A 173 24.60 -55.96 22.61
CA ASP A 173 24.91 -57.10 21.77
C ASP A 173 23.65 -57.95 21.59
N GLU A 174 22.59 -57.31 21.11
CA GLU A 174 21.31 -57.95 20.86
C GLU A 174 20.85 -57.59 19.46
N TYR A 175 20.45 -58.62 18.69
CA TYR A 175 20.14 -58.47 17.28
C TYR A 175 18.63 -58.53 17.09
N ILE A 176 18.10 -57.58 16.32
CA ILE A 176 16.70 -57.58 15.95
C ILE A 176 16.56 -58.20 14.56
N LEU A 177 17.69 -58.42 13.89
CA LEU A 177 17.71 -59.06 12.58
C LEU A 177 18.29 -60.47 12.74
N ASP A 178 17.87 -61.38 11.83
CA ASP A 178 18.21 -62.80 11.93
C ASP A 178 19.64 -63.04 11.46
N GLU A 179 20.14 -64.25 11.74
CA GLU A 179 21.52 -64.61 11.47
C GLU A 179 21.75 -64.71 9.97
N GLU A 180 20.83 -65.37 9.27
CA GLU A 180 20.89 -65.55 7.83
C GLU A 180 20.96 -64.19 7.15
N SER A 181 20.20 -63.23 7.69
CA SER A 181 20.06 -61.91 7.09
C SER A 181 21.34 -61.10 7.27
N ARG A 182 21.91 -61.11 8.48
CA ARG A 182 23.17 -60.43 8.75
C ARG A 182 24.30 -61.10 7.97
N ALA A 183 24.22 -62.43 7.80
CA ALA A 183 25.21 -63.18 7.04
C ALA A 183 25.46 -62.50 5.70
N ARG A 184 24.34 -62.23 5.00
CA ARG A 184 24.39 -61.74 3.64
C ARG A 184 25.13 -60.41 3.59
N ILE A 185 24.83 -59.54 4.57
CA ILE A 185 25.43 -58.21 4.64
C ILE A 185 26.92 -58.35 4.90
N LYS A 186 27.28 -59.10 5.95
CA LYS A 186 28.67 -59.35 6.29
C LYS A 186 29.45 -59.88 5.09
N THR A 187 28.80 -60.82 4.36
CA THR A 187 29.38 -61.45 3.19
C THR A 187 29.60 -60.40 2.12
N ARG A 188 28.51 -59.70 1.76
CA ARG A 188 28.52 -58.68 0.72
C ARG A 188 29.64 -57.67 0.96
N LEU A 189 29.87 -57.29 2.22
CA LEU A 189 30.88 -56.30 2.56
C LEU A 189 32.27 -56.80 2.21
N PHE A 190 32.55 -58.05 2.62
CA PHE A 190 33.83 -58.71 2.38
C PHE A 190 34.08 -58.85 0.88
N VAL A 191 33.05 -59.30 0.15
CA VAL A 191 33.13 -59.49 -1.30
C VAL A 191 33.35 -58.15 -2.00
N LEU A 192 32.86 -57.04 -1.40
CA LEU A 192 33.11 -55.70 -1.89
C LEU A 192 34.57 -55.31 -1.62
N ARG A 193 35.02 -55.55 -0.39
CA ARG A 193 36.40 -55.25 -0.02
C ARG A 193 37.35 -56.09 -0.86
N GLN A 194 36.90 -57.29 -1.26
CA GLN A 194 37.67 -58.15 -2.15
C GLN A 194 37.76 -57.52 -3.55
N GLU A 195 36.62 -57.03 -4.07
CA GLU A 195 36.56 -56.39 -5.37
C GLU A 195 37.31 -55.06 -5.32
N LEU A 196 37.29 -54.42 -4.14
CA LEU A 196 38.04 -53.20 -3.88
C LEU A 196 39.54 -53.52 -3.87
N ALA A 197 39.92 -54.60 -3.20
CA ALA A 197 41.31 -54.95 -2.96
C ALA A 197 42.03 -55.29 -4.26
N THR A 198 41.44 -56.18 -5.06
CA THR A 198 42.08 -56.67 -6.27
C THR A 198 41.92 -55.68 -7.41
N ALA A 199 41.12 -54.61 -7.20
CA ALA A 199 41.00 -53.52 -8.16
C ALA A 199 42.09 -52.47 -7.90
N GLY A 200 42.58 -52.41 -6.65
CA GLY A 200 43.59 -51.45 -6.23
C GLY A 200 42.99 -50.33 -5.38
N LEU A 201 41.73 -50.50 -4.95
CA LEU A 201 40.92 -49.41 -4.43
C LEU A 201 40.54 -49.60 -2.97
N TRP A 202 40.87 -50.74 -2.34
CA TRP A 202 40.59 -50.87 -0.92
C TRP A 202 41.52 -49.93 -0.13
N ASP A 203 42.77 -49.80 -0.60
CA ASP A 203 43.78 -49.05 0.12
C ASP A 203 43.45 -47.56 0.04
N SER A 204 42.77 -47.17 -1.05
CA SER A 204 42.31 -45.81 -1.26
C SER A 204 41.12 -45.49 -0.35
N PHE A 205 40.08 -46.33 -0.44
CA PHE A 205 38.81 -46.15 0.24
C PHE A 205 39.00 -46.07 1.75
N ARG A 206 40.03 -46.77 2.25
CA ARG A 206 40.27 -46.92 3.68
C ARG A 206 41.01 -45.70 4.25
N GLN A 207 40.73 -44.50 3.70
CA GLN A 207 41.39 -43.27 4.13
C GLN A 207 40.48 -42.07 3.88
N SER A 208 39.18 -42.23 4.18
CA SER A 208 38.21 -41.17 3.95
C SER A 208 36.98 -41.40 4.82
N GLU A 209 36.19 -42.42 4.46
CA GLU A 209 34.94 -42.75 5.12
C GLU A 209 33.89 -41.67 4.83
N LEU A 215 31.69 -23.24 2.51
CA LEU A 215 32.65 -22.49 1.64
C LEU A 215 32.13 -21.06 1.45
N GLU A 216 33.05 -20.12 1.19
CA GLU A 216 32.65 -18.75 0.90
C GLU A 216 31.89 -18.71 -0.42
N GLU A 217 30.91 -17.79 -0.50
CA GLU A 217 30.12 -17.59 -1.72
C GLU A 217 31.02 -17.06 -2.83
N GLU A 218 30.70 -17.48 -4.05
CA GLU A 218 31.51 -17.09 -5.19
C GLU A 218 30.62 -16.39 -6.21
N PHE A 219 31.12 -15.29 -6.78
CA PHE A 219 30.45 -14.61 -7.87
C PHE A 219 31.47 -13.72 -8.56
N SER A 220 31.74 -13.99 -9.84
CA SER A 220 32.71 -13.21 -10.58
C SER A 220 32.18 -12.94 -11.98
N TYR A 221 32.83 -12.08 -12.75
CA TYR A 221 32.35 -11.79 -14.09
C TYR A 221 33.08 -12.66 -15.10
N PRO A 222 32.39 -13.46 -15.94
CA PRO A 222 33.06 -14.08 -17.08
C PRO A 222 33.46 -13.02 -18.10
N PRO A 223 34.24 -13.38 -19.16
CA PRO A 223 34.81 -12.42 -20.10
C PRO A 223 33.93 -11.34 -20.74
N THR A 224 32.78 -11.74 -21.27
CA THR A 224 31.87 -10.80 -21.92
C THR A 224 31.39 -9.75 -20.92
N PHE A 225 30.91 -10.19 -19.74
CA PHE A 225 30.32 -9.25 -18.80
C PHE A 225 31.41 -8.34 -18.24
N GLN A 226 32.61 -8.87 -18.06
CA GLN A 226 33.78 -8.06 -17.71
C GLN A 226 34.00 -6.95 -18.73
N ARG A 227 33.90 -7.27 -20.02
CA ARG A 227 34.10 -6.27 -21.04
C ARG A 227 32.99 -5.21 -20.94
N LEU A 228 31.75 -5.64 -20.71
CA LEU A 228 30.66 -4.70 -20.50
C LEU A 228 30.93 -3.82 -19.29
N ALA A 229 31.44 -4.39 -18.21
CA ALA A 229 31.73 -3.62 -17.00
C ALA A 229 32.76 -2.54 -17.31
N ASN A 230 33.78 -2.88 -18.10
CA ASN A 230 34.82 -1.93 -18.45
C ASN A 230 34.27 -0.73 -19.23
N GLN A 231 33.14 -0.93 -19.91
CA GLN A 231 32.55 0.11 -20.74
C GLN A 231 31.37 0.81 -20.07
N SER A 232 31.22 0.66 -18.74
CA SER A 232 30.12 1.24 -17.97
C SER A 232 30.62 2.24 -16.93
N LEU A 233 31.77 2.87 -17.19
CA LEU A 233 32.43 3.71 -16.21
C LEU A 233 32.39 5.16 -16.65
N PRO A 234 32.72 6.09 -15.73
CA PRO A 234 33.02 7.47 -16.13
C PRO A 234 34.15 7.43 -17.13
N PRO A 235 34.27 8.47 -17.98
CA PRO A 235 35.15 8.38 -19.13
C PRO A 235 36.65 8.28 -18.90
N SER A 236 37.15 8.65 -17.71
CA SER A 236 38.59 8.66 -17.48
C SER A 236 39.12 7.28 -17.10
N PHE A 237 38.26 6.27 -16.88
CA PHE A 237 38.73 5.00 -16.35
C PHE A 237 38.84 3.96 -17.47
N LYS A 238 39.88 3.11 -17.41
CA LYS A 238 40.13 2.16 -18.48
C LYS A 238 39.43 0.83 -18.21
N ASP A 239 39.19 0.47 -16.93
CA ASP A 239 38.55 -0.81 -16.64
C ASP A 239 37.89 -0.80 -15.26
N TYR A 240 37.04 -1.80 -15.06
CA TYR A 240 36.16 -1.85 -13.90
C TYR A 240 36.94 -1.91 -12.59
N HIS A 241 38.03 -2.70 -12.58
CA HIS A 241 38.84 -2.91 -11.38
C HIS A 241 39.54 -1.62 -10.99
N GLN A 242 40.03 -0.86 -11.98
CA GLN A 242 40.58 0.45 -11.67
C GLN A 242 39.51 1.35 -11.06
N PHE A 243 38.27 1.26 -11.58
CA PHE A 243 37.21 2.15 -11.11
C PHE A 243 36.82 1.79 -9.68
N LYS A 244 36.65 0.49 -9.43
CA LYS A 244 36.32 0.00 -8.08
C LYS A 244 37.39 0.42 -7.05
N ALA A 245 38.68 0.33 -7.40
CA ALA A 245 39.74 0.81 -6.50
C ALA A 245 39.56 2.30 -6.22
N TYR A 246 39.30 3.10 -7.26
CA TYR A 246 39.13 4.54 -7.09
C TYR A 246 38.01 4.80 -6.08
N VAL A 247 36.85 4.13 -6.25
CA VAL A 247 35.71 4.36 -5.40
C VAL A 247 36.02 3.91 -3.97
N SER A 248 36.73 2.78 -3.84
CA SER A 248 37.05 2.18 -2.55
C SER A 248 37.99 3.07 -1.76
N SER A 249 38.89 3.79 -2.42
CA SER A 249 39.83 4.64 -1.72
C SER A 249 39.39 6.09 -1.70
N PHE A 250 38.24 6.42 -2.30
CA PHE A 250 37.86 7.82 -2.44
C PHE A 250 37.64 8.45 -1.07
N LYS A 251 38.18 9.67 -0.93
CA LYS A 251 37.92 10.54 0.19
C LYS A 251 37.63 11.94 -0.36
N ALA A 252 36.54 12.54 0.12
CA ALA A 252 36.08 13.82 -0.37
C ALA A 252 36.94 14.93 0.22
N ASN A 253 37.15 15.99 -0.57
CA ASN A 253 37.90 17.14 -0.13
C ASN A 253 37.55 18.32 -1.04
N GLY A 254 36.41 18.96 -0.78
CA GLY A 254 36.01 20.18 -1.48
C GLY A 254 35.52 19.93 -2.91
N ASN A 255 35.13 18.69 -3.23
CA ASN A 255 34.81 18.33 -4.61
C ASN A 255 33.60 19.11 -5.12
N ILE A 256 32.53 19.14 -4.33
CA ILE A 256 31.32 19.89 -4.65
C ILE A 256 31.65 21.37 -4.70
N GLU A 257 32.35 21.86 -3.67
CA GLU A 257 32.67 23.28 -3.59
C GLU A 257 33.46 23.72 -4.82
N ALA A 258 34.42 22.91 -5.27
CA ALA A 258 35.25 23.25 -6.43
C ALA A 258 34.39 23.40 -7.68
N LYS A 259 33.47 22.45 -7.91
CA LYS A 259 32.70 22.45 -9.15
C LYS A 259 31.58 23.49 -9.14
N LEU A 260 30.99 23.78 -7.98
CA LEU A 260 30.12 24.93 -7.82
C LEU A 260 30.84 26.21 -8.25
N GLY A 261 32.13 26.32 -7.89
CA GLY A 261 32.92 27.50 -8.24
C GLY A 261 33.36 27.53 -9.71
N ALA A 262 33.07 26.46 -10.48
CA ALA A 262 33.41 26.40 -11.89
C ALA A 262 32.16 26.42 -12.77
N MET A 263 30.99 26.52 -12.14
CA MET A 263 29.75 26.36 -12.87
C MET A 263 29.12 27.73 -13.08
N SER A 264 28.76 28.00 -14.33
CA SER A 264 28.13 29.23 -14.74
C SER A 264 27.00 29.68 -13.82
N GLU A 265 26.96 30.99 -13.57
CA GLU A 265 25.91 31.62 -12.80
C GLU A 265 24.55 31.55 -13.50
N LYS A 266 24.52 31.17 -14.77
CA LYS A 266 23.28 30.95 -15.49
C LYS A 266 22.55 29.73 -14.96
N VAL A 267 23.26 28.87 -14.23
CA VAL A 267 22.64 27.77 -13.53
C VAL A 267 22.22 28.29 -12.17
N ASN A 268 20.94 28.61 -12.00
CA ASN A 268 20.43 29.18 -10.75
C ASN A 268 18.92 28.99 -10.65
N ALA A 269 18.40 29.16 -9.43
CA ALA A 269 16.97 29.13 -9.18
C ALA A 269 16.54 30.43 -8.51
N GLN A 270 16.70 31.52 -9.25
CA GLN A 270 16.26 32.84 -8.83
C GLN A 270 14.76 32.83 -8.54
N ILE A 271 14.37 33.32 -7.37
CA ILE A 271 12.97 33.35 -6.98
C ILE A 271 12.33 34.66 -7.45
N GLU A 272 11.21 34.58 -8.15
N GLU A 272 11.22 34.57 -8.18
CA GLU A 272 10.48 35.80 -8.44
CA GLU A 272 10.45 35.78 -8.44
C GLU A 272 9.29 35.88 -7.50
C GLU A 272 9.30 35.86 -7.46
N SER A 273 9.24 36.99 -6.76
CA SER A 273 8.18 37.30 -5.82
C SER A 273 6.84 37.18 -6.55
N PHE A 274 5.84 36.60 -5.89
CA PHE A 274 4.57 36.30 -6.55
C PHE A 274 3.49 37.17 -5.93
N ASP A 275 2.90 38.04 -6.76
CA ASP A 275 1.87 38.95 -6.28
C ASP A 275 0.69 38.87 -7.23
N PRO A 276 -0.44 38.29 -6.81
CA PRO A 276 -1.55 38.08 -7.73
C PRO A 276 -2.13 39.38 -8.31
N ARG A 277 -1.77 40.52 -7.73
CA ARG A 277 -2.26 41.80 -8.22
C ARG A 277 -1.60 42.19 -9.54
N THR A 278 -0.42 41.64 -9.87
CA THR A 278 0.31 42.11 -11.03
C THR A 278 0.47 40.98 -12.06
N ILE A 279 -0.29 39.89 -11.92
CA ILE A 279 -0.21 38.80 -12.88
C ILE A 279 -1.36 38.95 -13.83
N ARG A 280 -1.21 38.40 -15.04
CA ARG A 280 -2.21 38.55 -16.07
C ARG A 280 -3.20 37.39 -16.00
N GLU A 281 -4.33 37.58 -16.66
CA GLU A 281 -5.27 36.52 -16.90
C GLU A 281 -4.69 35.51 -17.88
N LEU A 282 -5.24 34.30 -17.80
CA LEU A 282 -4.96 33.24 -18.75
C LEU A 282 -5.46 33.66 -20.12
N GLU A 283 -4.68 33.33 -21.15
CA GLU A 283 -5.08 33.50 -22.54
C GLU A 283 -5.79 32.26 -23.04
N LEU A 284 -6.96 32.46 -23.65
CA LEU A 284 -7.75 31.38 -24.20
C LEU A 284 -7.44 31.30 -25.69
N PRO A 285 -7.64 30.13 -26.33
CA PRO A 285 -7.35 29.97 -27.74
C PRO A 285 -8.42 30.69 -28.55
N GLU A 286 -8.10 30.92 -29.83
CA GLU A 286 -9.00 31.54 -30.78
C GLU A 286 -9.22 30.58 -31.92
N GLY A 287 -10.34 30.77 -32.60
CA GLY A 287 -10.76 29.88 -33.66
C GLY A 287 -12.26 30.04 -33.83
N LYS A 288 -12.89 29.03 -34.42
CA LYS A 288 -14.33 28.95 -34.43
C LYS A 288 -14.83 28.74 -33.01
N PHE A 289 -16.15 28.98 -32.82
CA PHE A 289 -16.76 28.81 -31.53
C PHE A 289 -16.85 27.31 -31.22
N CYS A 290 -16.72 26.98 -29.94
CA CYS A 290 -16.88 25.60 -29.49
C CYS A 290 -18.35 25.21 -29.67
N THR A 291 -18.57 23.90 -29.81
CA THR A 291 -19.86 23.32 -30.12
C THR A 291 -20.13 22.21 -29.11
N GLN A 292 -21.38 21.74 -29.06
CA GLN A 292 -21.82 20.76 -28.11
C GLN A 292 -21.16 19.42 -28.42
N ARG A 293 -20.81 18.66 -27.37
CA ARG A 293 -20.21 17.34 -27.55
C ARG A 293 -20.67 16.35 -26.49
N SER A 294 -21.73 16.67 -25.74
CA SER A 294 -22.35 15.66 -24.89
C SER A 294 -22.93 14.56 -25.76
N LYS A 295 -23.18 13.39 -25.17
CA LYS A 295 -23.69 12.25 -25.90
C LYS A 295 -25.21 12.31 -25.95
N PHE A 296 -25.82 13.20 -25.16
CA PHE A 296 -27.25 13.42 -25.12
C PHE A 296 -27.50 14.91 -24.89
N LEU A 297 -28.72 15.36 -25.18
CA LEU A 297 -29.04 16.78 -25.02
C LEU A 297 -29.08 17.09 -23.54
N LEU A 298 -28.66 18.31 -23.19
CA LEU A 298 -28.72 18.81 -21.84
C LEU A 298 -29.96 19.72 -21.69
N MET A 299 -29.78 21.03 -21.58
CA MET A 299 -30.89 21.91 -21.23
C MET A 299 -32.00 21.84 -22.28
N ASP A 300 -31.67 21.54 -23.54
CA ASP A 300 -32.62 21.65 -24.65
C ASP A 300 -33.48 20.39 -24.81
N ALA A 301 -33.29 19.37 -23.97
CA ALA A 301 -34.01 18.11 -24.11
C ALA A 301 -35.51 18.34 -23.90
N MET A 302 -36.33 17.50 -24.55
CA MET A 302 -37.77 17.50 -24.36
C MET A 302 -38.22 16.07 -24.06
N LYS A 303 -39.12 15.90 -23.10
CA LYS A 303 -39.63 14.57 -22.78
C LYS A 303 -41.12 14.47 -23.11
N LEU A 304 -41.48 13.31 -23.70
CA LEU A 304 -42.82 12.74 -23.65
C LEU A 304 -42.87 11.80 -22.46
N SER A 305 -43.87 11.98 -21.59
CA SER A 305 -43.92 11.19 -20.37
C SER A 305 -45.33 10.70 -20.11
N VAL A 306 -45.41 9.63 -19.31
CA VAL A 306 -46.66 9.05 -18.85
C VAL A 306 -46.61 9.05 -17.33
N LEU A 307 -47.66 9.62 -16.72
CA LEU A 307 -47.83 9.63 -15.27
C LEU A 307 -48.24 8.22 -14.85
N ASN A 308 -47.85 7.84 -13.63
CA ASN A 308 -48.15 6.51 -13.10
C ASN A 308 -48.36 5.53 -14.25
N PRO A 309 -47.30 5.11 -14.96
CA PRO A 309 -47.44 4.12 -16.02
C PRO A 309 -48.01 2.79 -15.51
N ALA A 310 -49.00 2.26 -16.25
CA ALA A 310 -49.64 1.00 -15.91
C ALA A 310 -49.49 0.01 -17.06
N HIS A 311 -49.94 0.45 -18.25
CA HIS A 311 -49.88 -0.26 -19.52
C HIS A 311 -49.11 -1.58 -19.47
N GLU A 312 -49.49 -2.50 -20.38
CA GLU A 312 -48.86 -3.79 -20.57
C GLU A 312 -47.34 -3.65 -20.65
N GLY A 313 -46.63 -4.28 -19.72
CA GLY A 313 -45.17 -4.39 -19.78
C GLY A 313 -44.47 -3.12 -19.30
N GLU A 314 -44.97 -2.55 -18.19
CA GLU A 314 -44.31 -1.42 -17.56
C GLU A 314 -42.96 -1.90 -17.01
N GLY A 315 -41.87 -1.26 -17.45
CA GLY A 315 -40.53 -1.72 -17.16
C GLY A 315 -39.76 -2.08 -18.43
N ILE A 316 -40.44 -2.75 -19.37
CA ILE A 316 -39.87 -3.05 -20.67
C ILE A 316 -39.65 -1.75 -21.42
N PRO A 317 -38.37 -1.34 -21.68
CA PRO A 317 -38.08 -0.04 -22.27
C PRO A 317 -38.88 0.35 -23.51
N MET A 318 -38.91 -0.51 -24.53
CA MET A 318 -39.61 -0.21 -25.78
C MET A 318 -41.12 -0.09 -25.56
N LYS A 319 -41.69 -0.89 -24.66
CA LYS A 319 -43.10 -0.76 -24.34
C LYS A 319 -43.36 0.57 -23.64
N ASP A 320 -42.48 0.95 -22.71
CA ASP A 320 -42.58 2.26 -22.09
C ASP A 320 -42.48 3.35 -23.15
N ALA A 321 -41.57 3.18 -24.12
CA ALA A 321 -41.34 4.18 -25.16
C ALA A 321 -42.58 4.40 -26.01
N LYS A 322 -43.26 3.29 -26.38
CA LYS A 322 -44.49 3.38 -27.17
C LYS A 322 -45.57 4.13 -26.39
N ALA A 323 -45.67 3.87 -25.09
CA ALA A 323 -46.67 4.51 -24.25
C ALA A 323 -46.41 6.01 -24.17
N CYS A 324 -45.13 6.41 -24.11
CA CYS A 324 -44.76 7.82 -24.13
C CYS A 324 -45.05 8.41 -25.50
N LEU A 325 -44.67 7.70 -26.57
CA LEU A 325 -44.94 8.17 -27.92
C LEU A 325 -46.44 8.43 -28.09
N ASP A 326 -47.27 7.52 -27.58
CA ASP A 326 -48.71 7.57 -27.76
C ASP A 326 -49.33 8.80 -27.08
N THR A 327 -48.58 9.50 -26.24
CA THR A 327 -49.09 10.69 -25.58
C THR A 327 -48.99 11.90 -26.52
N PHE A 328 -48.46 11.73 -27.73
CA PHE A 328 -48.19 12.87 -28.60
C PHE A 328 -48.97 12.72 -29.90
N TRP A 329 -49.71 13.79 -30.26
CA TRP A 329 -50.66 13.75 -31.36
C TRP A 329 -50.26 14.73 -32.46
N GLY A 330 -49.12 15.39 -32.31
CA GLY A 330 -48.79 16.53 -33.15
C GLY A 330 -47.88 16.17 -34.34
N TRP A 331 -47.77 14.88 -34.69
CA TRP A 331 -46.85 14.45 -35.75
C TRP A 331 -47.17 15.16 -37.07
N LYS A 332 -46.29 14.98 -38.04
CA LYS A 332 -46.29 15.79 -39.26
C LYS A 332 -45.10 15.36 -40.11
N LYS A 333 -45.22 15.49 -41.44
CA LYS A 333 -44.16 15.05 -42.32
C LYS A 333 -42.85 15.75 -41.93
N ALA A 334 -41.78 14.96 -41.81
CA ALA A 334 -40.51 15.46 -41.31
C ALA A 334 -39.85 16.32 -42.38
N THR A 335 -39.25 17.44 -41.98
CA THR A 335 -38.45 18.28 -42.86
C THR A 335 -37.13 18.59 -42.17
N ILE A 336 -36.09 18.90 -42.97
CA ILE A 336 -34.80 19.33 -42.48
C ILE A 336 -34.83 20.85 -42.30
N ILE A 337 -34.50 21.34 -41.09
CA ILE A 337 -34.47 22.78 -40.80
C ILE A 337 -33.08 23.28 -40.41
N LYS A 338 -32.18 22.37 -40.00
CA LYS A 338 -30.80 22.75 -39.71
C LYS A 338 -29.86 21.65 -40.17
N LYS A 339 -29.09 21.94 -41.22
CA LYS A 339 -28.25 20.96 -41.88
C LYS A 339 -26.97 20.72 -41.08
N HIS A 340 -26.61 19.44 -40.97
CA HIS A 340 -25.25 19.00 -40.70
C HIS A 340 -24.41 19.25 -41.96
N GLU A 341 -23.62 20.33 -41.97
CA GLU A 341 -22.99 20.76 -43.21
C GLU A 341 -22.15 19.64 -43.81
N LYS A 342 -21.51 18.80 -42.98
CA LYS A 342 -20.59 17.80 -43.52
C LYS A 342 -21.27 16.47 -43.79
N GLY A 343 -22.57 16.33 -43.49
CA GLY A 343 -23.24 15.05 -43.68
C GLY A 343 -24.17 15.03 -44.89
N VAL A 344 -24.74 13.84 -45.14
CA VAL A 344 -25.76 13.65 -46.17
C VAL A 344 -27.10 13.81 -45.47
N ASN A 345 -27.59 15.05 -45.43
CA ASN A 345 -28.70 15.38 -44.55
C ASN A 345 -29.93 14.56 -44.90
N THR A 346 -30.03 14.14 -46.16
CA THR A 346 -31.14 13.31 -46.60
C THR A 346 -31.19 12.01 -45.81
N ASN A 347 -30.00 11.44 -45.55
CA ASN A 347 -29.91 10.16 -44.88
C ASN A 347 -30.50 10.20 -43.48
N TYR A 348 -30.39 11.34 -42.80
CA TYR A 348 -30.84 11.45 -41.42
C TYR A 348 -32.36 11.44 -41.36
N LEU A 349 -32.98 12.19 -42.28
CA LEU A 349 -34.43 12.20 -42.44
C LEU A 349 -34.93 10.77 -42.60
N MET A 350 -34.28 10.01 -43.47
CA MET A 350 -34.75 8.69 -43.81
C MET A 350 -34.58 7.72 -42.65
N ILE A 351 -33.54 7.94 -41.81
CA ILE A 351 -33.34 7.11 -40.63
C ILE A 351 -34.50 7.29 -39.65
N TRP A 352 -34.93 8.54 -39.46
CA TRP A 352 -36.03 8.86 -38.57
C TRP A 352 -37.29 8.15 -39.02
N GLU A 353 -37.61 8.31 -40.32
CA GLU A 353 -38.81 7.71 -40.91
C GLU A 353 -38.71 6.21 -40.70
N GLN A 354 -37.56 5.62 -41.05
CA GLN A 354 -37.33 4.19 -40.87
C GLN A 354 -37.58 3.81 -39.40
N LEU A 355 -36.97 4.54 -38.46
CA LEU A 355 -37.11 4.24 -37.05
C LEU A 355 -38.59 4.28 -36.66
N LEU A 356 -39.28 5.37 -37.01
CA LEU A 356 -40.66 5.55 -36.58
C LEU A 356 -41.51 4.41 -37.11
N GLU A 357 -41.37 4.11 -38.41
CA GLU A 357 -42.11 3.01 -39.02
C GLU A 357 -41.83 1.71 -38.26
N SER A 358 -40.56 1.36 -38.09
CA SER A 358 -40.19 0.10 -37.46
C SER A 358 -40.74 -0.01 -36.04
N ILE A 359 -40.75 1.11 -35.31
CA ILE A 359 -41.34 1.11 -33.98
C ILE A 359 -42.83 0.80 -34.10
N LYS A 360 -43.49 1.52 -35.02
CA LYS A 360 -44.92 1.37 -35.24
C LYS A 360 -45.31 -0.11 -35.39
N GLU A 361 -44.46 -0.89 -36.08
CA GLU A 361 -44.78 -2.25 -36.49
C GLU A 361 -44.10 -3.30 -35.62
N MET A 362 -43.33 -2.91 -34.59
CA MET A 362 -42.51 -3.89 -33.91
C MET A 362 -43.40 -4.84 -33.09
N GLU A 363 -42.93 -6.09 -32.97
CA GLU A 363 -43.48 -7.03 -32.01
C GLU A 363 -42.32 -7.77 -31.34
N GLY A 364 -42.45 -7.98 -30.03
CA GLY A 364 -41.35 -8.43 -29.21
C GLY A 364 -40.92 -7.32 -28.26
N LYS A 365 -39.82 -7.56 -27.55
CA LYS A 365 -39.35 -6.65 -26.52
C LYS A 365 -38.21 -5.77 -27.03
N PHE A 366 -37.46 -6.27 -28.03
CA PHE A 366 -36.33 -5.55 -28.59
C PHE A 366 -36.67 -5.11 -30.02
N LEU A 367 -35.82 -4.23 -30.57
CA LEU A 367 -35.97 -3.74 -31.93
C LEU A 367 -34.60 -3.58 -32.56
N ASN A 368 -34.40 -4.32 -33.66
CA ASN A 368 -33.22 -4.21 -34.51
C ASN A 368 -33.65 -3.67 -35.87
N LEU A 369 -32.94 -2.64 -36.33
CA LEU A 369 -33.33 -1.96 -37.56
C LEU A 369 -32.65 -2.62 -38.74
N LYS A 370 -33.31 -2.52 -39.89
CA LYS A 370 -32.81 -3.03 -41.15
C LYS A 370 -31.58 -2.23 -41.55
N LYS A 371 -30.62 -2.90 -42.17
CA LYS A 371 -29.38 -2.26 -42.58
C LYS A 371 -29.56 -1.58 -43.94
N THR A 372 -30.39 -0.55 -43.94
CA THR A 372 -30.59 0.26 -45.13
C THR A 372 -29.31 1.03 -45.45
N ASN A 373 -29.26 1.64 -46.64
CA ASN A 373 -28.08 2.37 -47.08
C ASN A 373 -27.92 3.64 -46.24
N HIS A 374 -29.03 4.30 -45.95
CA HIS A 374 -29.01 5.52 -45.14
C HIS A 374 -28.54 5.23 -43.70
N LEU A 375 -28.89 4.06 -43.14
CA LEU A 375 -28.53 3.76 -41.77
C LEU A 375 -27.08 3.30 -41.69
N LYS A 376 -26.64 2.52 -42.69
CA LYS A 376 -25.26 2.10 -42.79
C LYS A 376 -24.32 3.30 -42.92
N TRP A 377 -24.72 4.32 -43.69
CA TRP A 377 -23.92 5.53 -43.79
C TRP A 377 -23.81 6.23 -42.42
N GLY A 378 -24.95 6.40 -41.75
CA GLY A 378 -25.00 7.11 -40.49
C GLY A 378 -24.15 6.44 -39.41
N LEU A 379 -24.05 5.10 -39.49
CA LEU A 379 -23.34 4.27 -38.53
C LEU A 379 -21.96 3.84 -39.02
N GLY A 380 -21.47 4.39 -40.14
CA GLY A 380 -20.10 4.23 -40.57
C GLY A 380 -19.76 2.78 -40.97
N GLU A 381 -20.74 2.06 -41.51
CA GLU A 381 -20.57 0.69 -41.96
C GLU A 381 -19.58 0.63 -43.13
N GLY A 382 -18.55 -0.20 -43.00
CA GLY A 382 -17.53 -0.33 -44.02
C GLY A 382 -16.56 0.85 -44.10
N GLN A 383 -16.59 1.77 -43.14
CA GLN A 383 -15.78 2.97 -43.26
C GLN A 383 -14.33 2.70 -42.89
N ALA A 384 -14.05 1.60 -42.20
CA ALA A 384 -12.69 1.23 -41.90
C ALA A 384 -11.96 0.84 -43.17
N PRO A 385 -10.77 1.41 -43.48
CA PRO A 385 -9.99 0.97 -44.62
C PRO A 385 -9.72 -0.53 -44.57
N GLU A 386 -9.71 -1.16 -45.76
CA GLU A 386 -9.36 -2.56 -45.86
C GLU A 386 -7.91 -2.72 -45.43
N LYS A 387 -7.66 -3.73 -44.59
CA LYS A 387 -6.34 -3.93 -44.01
C LYS A 387 -5.54 -4.85 -44.92
N MET A 388 -4.24 -4.55 -45.09
CA MET A 388 -3.40 -5.21 -46.07
C MET A 388 -1.98 -5.28 -45.54
N ASP A 389 -1.22 -6.28 -46.01
CA ASP A 389 0.20 -6.36 -45.75
C ASP A 389 0.90 -5.17 -46.42
N PHE A 390 1.92 -4.64 -45.74
CA PHE A 390 2.67 -3.52 -46.27
C PHE A 390 3.33 -3.89 -47.60
N GLU A 391 3.88 -5.10 -47.68
CA GLU A 391 4.55 -5.52 -48.90
C GLU A 391 3.62 -5.38 -50.10
N ASP A 392 2.32 -5.57 -49.89
CA ASP A 392 1.36 -5.52 -50.98
C ASP A 392 0.84 -4.11 -51.29
N CYS A 393 1.21 -3.07 -50.53
CA CYS A 393 0.69 -1.73 -50.82
C CYS A 393 1.75 -0.63 -50.65
N LYS A 394 3.01 -1.02 -50.38
CA LYS A 394 4.09 -0.06 -50.10
C LYS A 394 4.26 0.94 -51.23
N GLU A 395 3.68 0.65 -52.41
CA GLU A 395 3.96 1.41 -53.63
C GLU A 395 2.86 2.42 -53.91
N VAL A 396 1.74 2.37 -53.17
CA VAL A 396 0.63 3.28 -53.39
C VAL A 396 1.11 4.70 -53.11
N PRO A 397 0.97 5.65 -54.06
CA PRO A 397 1.51 7.00 -53.90
C PRO A 397 1.07 7.76 -52.65
N ASP A 398 -0.20 7.65 -52.27
CA ASP A 398 -0.73 8.43 -51.17
C ASP A 398 -0.78 7.63 -49.86
N LEU A 399 0.00 6.54 -49.77
CA LEU A 399 0.11 5.78 -48.53
C LEU A 399 0.82 6.67 -47.51
N PHE A 400 0.19 6.89 -46.35
CA PHE A 400 0.72 7.89 -45.43
C PHE A 400 0.33 7.57 -43.99
N GLN A 401 1.21 8.03 -43.08
CA GLN A 401 0.95 8.03 -41.66
C GLN A 401 -0.44 8.61 -41.37
N TYR A 402 -1.12 8.06 -40.39
CA TYR A 402 -2.37 8.65 -39.98
C TYR A 402 -2.12 10.07 -39.50
N LYS A 403 -3.07 10.96 -39.85
CA LYS A 403 -3.11 12.29 -39.31
C LYS A 403 -2.90 12.23 -37.79
N SER A 404 -1.83 12.89 -37.36
CA SER A 404 -1.36 12.90 -35.99
C SER A 404 -0.88 14.32 -35.71
N GLU A 405 -1.83 15.21 -35.44
CA GLU A 405 -1.57 16.62 -35.34
C GLU A 405 -2.30 17.18 -34.12
N PRO A 406 -1.93 18.38 -33.64
CA PRO A 406 -2.65 19.00 -32.53
C PRO A 406 -4.13 19.10 -32.93
N PRO A 407 -5.08 19.05 -31.98
CA PRO A 407 -6.48 19.35 -32.29
C PRO A 407 -6.63 20.76 -32.85
N GLU A 408 -7.65 20.94 -33.69
CA GLU A 408 -8.16 22.24 -34.10
C GLU A 408 -8.61 23.07 -32.89
N LYS A 409 -8.20 24.34 -32.82
CA LYS A 409 -8.59 25.21 -31.72
C LYS A 409 -10.01 25.72 -31.90
N ARG A 410 -10.69 25.94 -30.77
N ARG A 410 -10.71 25.91 -30.78
CA ARG A 410 -12.00 26.58 -30.73
CA ARG A 410 -11.99 26.59 -30.74
C ARG A 410 -12.03 27.54 -29.54
C ARG A 410 -11.98 27.56 -29.57
N LYS A 411 -12.88 28.56 -29.61
CA LYS A 411 -12.97 29.57 -28.56
C LYS A 411 -14.29 29.51 -27.80
N LEU A 412 -14.31 30.13 -26.62
CA LEU A 412 -15.48 30.12 -25.76
C LEU A 412 -16.69 30.72 -26.46
N ALA A 413 -17.84 30.11 -26.20
CA ALA A 413 -19.14 30.62 -26.56
C ALA A 413 -20.02 30.58 -25.32
N SER A 414 -21.11 31.35 -25.34
CA SER A 414 -21.91 31.61 -24.15
C SER A 414 -22.76 30.39 -23.77
N TRP A 415 -22.99 29.46 -24.70
CA TRP A 415 -23.94 28.40 -24.40
C TRP A 415 -23.47 27.51 -23.23
N ILE A 416 -22.15 27.37 -23.02
CA ILE A 416 -21.65 26.40 -22.06
C ILE A 416 -21.91 26.92 -20.65
N GLN A 417 -21.66 28.22 -20.41
CA GLN A 417 -22.02 28.84 -19.15
C GLN A 417 -23.54 28.73 -18.90
N SER A 418 -24.33 28.93 -19.96
CA SER A 418 -25.77 28.86 -19.85
C SER A 418 -26.20 27.45 -19.42
N GLU A 419 -25.60 26.42 -20.02
CA GLU A 419 -25.88 25.03 -19.65
C GLU A 419 -25.50 24.78 -18.18
N PHE A 420 -24.39 25.38 -17.74
CA PHE A 420 -23.91 25.16 -16.41
C PHE A 420 -24.90 25.76 -15.39
N ASN A 421 -25.33 26.99 -15.65
CA ASN A 421 -26.36 27.63 -14.84
C ASN A 421 -27.57 26.71 -14.67
N LYS A 422 -28.09 26.18 -15.78
CA LYS A 422 -29.28 25.33 -15.72
C LYS A 422 -29.00 24.05 -14.95
N ALA A 423 -27.78 23.53 -15.07
CA ALA A 423 -27.44 22.27 -14.44
C ALA A 423 -27.50 22.39 -12.92
N SER A 424 -27.22 23.59 -12.42
CA SER A 424 -27.16 23.78 -10.98
C SER A 424 -28.50 24.24 -10.41
N GLU A 425 -29.60 24.07 -11.16
CA GLU A 425 -30.90 24.59 -10.77
C GLU A 425 -31.82 23.45 -10.36
N LEU A 426 -32.80 23.77 -9.51
CA LEU A 426 -33.78 22.82 -9.02
C LEU A 426 -34.83 22.64 -10.11
N THR A 427 -35.26 21.38 -10.30
CA THR A 427 -36.44 21.06 -11.08
C THR A 427 -37.55 20.72 -10.08
N ASN A 428 -38.73 20.35 -10.57
CA ASN A 428 -39.80 19.92 -9.67
C ASN A 428 -39.98 18.41 -9.78
N SER A 429 -38.92 17.71 -10.20
CA SER A 429 -38.90 16.25 -10.21
C SER A 429 -37.76 15.75 -9.33
N ASN A 430 -38.01 14.66 -8.60
CA ASN A 430 -36.95 13.91 -7.92
C ASN A 430 -36.35 12.91 -8.88
N TRP A 431 -35.04 13.05 -9.14
CA TRP A 431 -34.38 12.20 -10.12
C TRP A 431 -33.71 11.00 -9.48
N ILE A 432 -33.34 11.08 -8.20
CA ILE A 432 -32.57 9.98 -7.63
C ILE A 432 -33.42 9.24 -6.59
N GLU A 433 -33.52 7.92 -6.80
CA GLU A 433 -34.11 7.00 -5.84
C GLU A 433 -32.98 6.14 -5.27
N PHE A 434 -32.86 6.12 -3.96
CA PHE A 434 -31.77 5.39 -3.33
C PHE A 434 -32.27 4.08 -2.75
N ASP A 435 -31.40 3.07 -2.81
CA ASP A 435 -31.63 1.77 -2.19
C ASP A 435 -31.58 1.91 -0.67
N GLU A 436 -32.00 0.83 0.03
CA GLU A 436 -32.15 0.80 1.47
C GLU A 436 -30.79 0.73 2.18
N LEU A 437 -30.74 1.32 3.39
CA LEU A 437 -29.72 1.05 4.40
C LEU A 437 -30.28 0.12 5.47
N GLY A 438 -29.37 -0.53 6.22
CA GLY A 438 -29.72 -1.06 7.53
C GLY A 438 -30.32 0.04 8.40
N ASN A 439 -31.16 -0.33 9.37
CA ASN A 439 -31.78 0.62 10.28
C ASN A 439 -30.69 1.37 11.05
N ASP A 440 -30.96 2.64 11.35
CA ASP A 440 -30.11 3.47 12.19
C ASP A 440 -30.20 2.99 13.65
N VAL A 441 -29.04 2.89 14.32
CA VAL A 441 -28.98 2.41 15.69
C VAL A 441 -28.07 3.33 16.50
N ALA A 442 -26.83 3.56 16.04
CA ALA A 442 -25.94 4.50 16.72
C ALA A 442 -26.53 5.90 16.63
N PRO A 443 -26.35 6.77 17.67
CA PRO A 443 -26.78 8.17 17.54
C PRO A 443 -26.22 8.84 16.28
N ILE A 444 -24.94 8.62 15.96
CA ILE A 444 -24.28 9.21 14.80
C ILE A 444 -24.99 8.78 13.52
N GLU A 445 -25.58 7.59 13.51
CA GLU A 445 -26.34 7.14 12.35
C GLU A 445 -27.59 8.00 12.17
N HIS A 446 -28.25 8.33 13.30
CA HIS A 446 -29.46 9.13 13.28
C HIS A 446 -29.10 10.54 12.84
N ILE A 447 -27.98 11.05 13.38
CA ILE A 447 -27.47 12.36 13.00
C ILE A 447 -27.19 12.36 11.50
N ALA A 448 -26.59 11.27 10.99
CA ALA A 448 -26.19 11.22 9.60
C ALA A 448 -27.41 11.18 8.67
N SER A 449 -28.42 10.39 9.04
CA SER A 449 -29.63 10.29 8.23
C SER A 449 -30.39 11.62 8.13
N ARG A 450 -30.40 12.40 9.20
CA ARG A 450 -31.03 13.72 9.13
C ARG A 450 -30.26 14.58 8.13
N ARG A 451 -28.93 14.59 8.22
CA ARG A 451 -28.11 15.37 7.31
C ARG A 451 -28.27 14.86 5.87
N ARG A 452 -28.24 13.54 5.69
CA ARG A 452 -28.44 12.92 4.39
C ARG A 452 -29.76 13.33 3.73
N ASN A 453 -30.83 13.44 4.52
CA ASN A 453 -32.14 13.81 3.97
C ASN A 453 -32.16 15.26 3.51
N PHE A 454 -31.49 16.16 4.25
CA PHE A 454 -31.30 17.51 3.76
C PHE A 454 -30.55 17.47 2.42
N PHE A 455 -29.57 16.56 2.30
CA PHE A 455 -28.68 16.51 1.14
C PHE A 455 -29.49 16.14 -0.10
N THR A 456 -30.16 14.99 -0.04
CA THR A 456 -31.06 14.55 -1.09
C THR A 456 -32.09 15.61 -1.47
N ALA A 457 -32.57 16.38 -0.48
CA ALA A 457 -33.62 17.35 -0.74
C ALA A 457 -33.08 18.56 -1.49
N GLU A 458 -31.75 18.69 -1.57
CA GLU A 458 -31.13 19.72 -2.38
C GLU A 458 -30.76 19.17 -3.75
N VAL A 459 -30.47 17.88 -3.81
CA VAL A 459 -29.74 17.29 -4.91
C VAL A 459 -30.65 16.45 -5.81
N SER A 460 -31.67 15.80 -5.23
CA SER A 460 -32.42 14.82 -6.01
C SER A 460 -33.21 15.54 -7.09
N GLN A 461 -33.57 16.80 -6.79
CA GLN A 461 -34.38 17.60 -7.69
C GLN A 461 -33.52 18.47 -8.61
N CYS A 462 -32.20 18.47 -8.39
CA CYS A 462 -31.28 19.26 -9.18
C CYS A 462 -31.19 18.70 -10.60
N ARG A 463 -31.20 19.59 -11.61
CA ARG A 463 -31.19 19.15 -13.00
C ARG A 463 -29.92 18.35 -13.31
N ALA A 464 -28.81 18.70 -12.67
CA ALA A 464 -27.61 17.89 -12.80
C ALA A 464 -27.94 16.41 -12.56
N SER A 465 -28.80 16.13 -11.57
CA SER A 465 -29.15 14.76 -11.24
C SER A 465 -29.96 14.09 -12.34
N GLU A 466 -30.73 14.86 -13.12
CA GLU A 466 -31.41 14.33 -14.29
C GLU A 466 -30.38 13.80 -15.30
N TYR A 467 -29.33 14.57 -15.53
CA TYR A 467 -28.30 14.17 -16.48
C TYR A 467 -27.61 12.88 -16.02
N ILE A 468 -27.32 12.80 -14.71
CA ILE A 468 -26.71 11.62 -14.14
C ILE A 468 -27.52 10.41 -14.57
N MET A 469 -28.85 10.49 -14.34
CA MET A 469 -29.71 9.35 -14.60
C MET A 469 -29.77 9.05 -16.09
N LYS A 470 -29.80 10.09 -16.91
CA LYS A 470 -29.71 9.92 -18.36
C LYS A 470 -28.41 9.19 -18.71
N ALA A 471 -27.29 9.64 -18.13
CA ALA A 471 -25.99 9.08 -18.50
C ALA A 471 -25.92 7.63 -18.04
N VAL A 472 -26.34 7.37 -16.81
CA VAL A 472 -26.19 6.03 -16.29
C VAL A 472 -27.02 5.06 -17.12
N TYR A 473 -28.27 5.44 -17.43
CA TYR A 473 -29.16 4.61 -18.24
C TYR A 473 -28.59 4.42 -19.66
N ILE A 474 -28.19 5.51 -20.33
CA ILE A 474 -27.75 5.38 -21.70
C ILE A 474 -26.52 4.47 -21.79
N ASN A 475 -25.54 4.71 -20.91
CA ASN A 475 -24.28 3.98 -20.99
C ASN A 475 -24.44 2.51 -20.60
N THR A 476 -25.27 2.24 -19.57
CA THR A 476 -25.57 0.86 -19.22
C THR A 476 -26.20 0.11 -20.41
N ALA A 477 -27.22 0.72 -21.04
CA ALA A 477 -27.93 0.04 -22.10
C ALA A 477 -27.02 -0.18 -23.31
N LEU A 478 -26.16 0.81 -23.58
CA LEU A 478 -25.29 0.77 -24.73
C LEU A 478 -24.11 -0.19 -24.53
N LEU A 479 -23.65 -0.40 -23.28
CA LEU A 479 -22.61 -1.38 -23.03
C LEU A 479 -23.18 -2.80 -23.12
N ASN A 480 -24.35 -3.02 -22.54
CA ASN A 480 -24.98 -4.34 -22.56
C ASN A 480 -25.30 -4.73 -24.00
N SER A 481 -25.85 -3.77 -24.75
CA SER A 481 -26.21 -4.01 -26.14
C SER A 481 -24.96 -4.20 -26.98
N SER A 482 -23.94 -3.38 -26.68
CA SER A 482 -22.68 -3.47 -27.40
C SER A 482 -22.10 -4.87 -27.30
N CYS A 483 -22.19 -5.46 -26.11
CA CYS A 483 -21.60 -6.76 -25.84
C CYS A 483 -22.41 -7.90 -26.47
N THR A 484 -23.76 -7.83 -26.41
CA THR A 484 -24.60 -8.98 -26.69
C THR A 484 -25.15 -8.97 -28.11
N ALA A 485 -25.15 -7.82 -28.78
CA ALA A 485 -25.74 -7.69 -30.10
C ALA A 485 -24.76 -7.01 -31.06
N MET A 486 -23.59 -7.62 -31.22
CA MET A 486 -22.50 -6.94 -31.92
C MET A 486 -22.79 -6.72 -33.41
N GLU A 487 -23.63 -7.56 -34.01
CA GLU A 487 -23.95 -7.43 -35.43
C GLU A 487 -25.24 -6.63 -35.67
N GLU A 488 -25.96 -6.24 -34.61
CA GLU A 488 -27.30 -5.67 -34.75
C GLU A 488 -27.31 -4.15 -34.57
N TYR A 489 -28.10 -3.49 -35.42
CA TYR A 489 -28.47 -2.10 -35.21
C TYR A 489 -29.62 -2.00 -34.21
N GLN A 490 -29.31 -2.17 -32.93
N GLN A 490 -29.31 -2.10 -32.92
CA GLN A 490 -30.31 -2.20 -31.88
CA GLN A 490 -30.32 -2.22 -31.89
C GLN A 490 -30.77 -0.81 -31.52
C GLN A 490 -30.75 -0.84 -31.41
N VAL A 491 -32.08 -0.66 -31.28
CA VAL A 491 -32.67 0.59 -30.86
C VAL A 491 -32.70 0.62 -29.34
N ILE A 492 -32.26 1.75 -28.78
CA ILE A 492 -32.26 1.98 -27.35
C ILE A 492 -33.07 3.24 -27.11
N PRO A 493 -34.23 3.14 -26.43
CA PRO A 493 -35.00 4.33 -26.09
C PRO A 493 -34.31 5.00 -24.91
N ILE A 494 -34.28 6.33 -24.94
CA ILE A 494 -33.67 7.10 -23.88
C ILE A 494 -34.74 7.39 -22.82
N ILE A 495 -34.65 6.68 -21.68
CA ILE A 495 -35.67 6.72 -20.64
C ILE A 495 -35.05 7.14 -19.32
N THR A 496 -35.76 7.99 -18.56
CA THR A 496 -35.56 8.13 -17.12
C THR A 496 -36.92 8.01 -16.44
N LYS A 497 -36.89 7.68 -15.15
CA LYS A 497 -38.10 7.70 -14.32
C LYS A 497 -37.87 8.65 -13.14
N CYS A 498 -38.85 9.50 -12.85
CA CYS A 498 -38.78 10.40 -11.72
C CYS A 498 -40.06 10.27 -10.89
N ARG A 499 -40.16 11.10 -9.84
CA ARG A 499 -41.35 11.29 -9.03
C ARG A 499 -41.63 12.78 -8.89
N ASP A 500 -42.89 13.20 -8.98
CA ASP A 500 -43.24 14.60 -8.69
C ASP A 500 -42.93 14.91 -7.22
N THR A 501 -42.94 16.20 -6.89
CA THR A 501 -43.01 16.63 -5.51
C THR A 501 -44.35 16.21 -4.91
N SER A 502 -45.39 16.09 -5.76
CA SER A 502 -46.63 15.46 -5.36
C SER A 502 -46.40 14.01 -4.93
N GLY A 503 -45.43 13.34 -5.55
CA GLY A 503 -45.03 11.98 -5.18
C GLY A 503 -45.29 10.95 -6.28
N GLN A 504 -45.89 11.36 -7.41
CA GLN A 504 -46.34 10.38 -8.40
C GLN A 504 -45.24 10.03 -9.39
N ARG A 505 -45.16 8.72 -9.71
CA ARG A 505 -44.19 8.16 -10.63
C ARG A 505 -44.47 8.66 -12.04
N ARG A 506 -43.39 8.83 -12.81
CA ARG A 506 -43.48 9.30 -14.18
C ARG A 506 -42.32 8.69 -14.97
N THR A 507 -42.65 8.10 -16.14
CA THR A 507 -41.68 7.64 -17.11
C THR A 507 -41.51 8.72 -18.18
N ASN A 508 -40.25 8.94 -18.61
CA ASN A 508 -39.93 10.00 -19.55
C ASN A 508 -39.16 9.41 -20.73
N LEU A 509 -39.59 9.75 -21.96
CA LEU A 509 -38.89 9.38 -23.18
C LEU A 509 -38.33 10.65 -23.79
N TYR A 510 -37.02 10.67 -24.05
CA TYR A 510 -36.33 11.83 -24.58
C TYR A 510 -36.06 11.67 -26.08
N GLY A 511 -36.17 10.44 -26.58
CA GLY A 511 -35.73 10.13 -27.92
C GLY A 511 -35.20 8.70 -27.97
N PHE A 512 -34.35 8.42 -28.95
CA PHE A 512 -33.84 7.07 -29.17
C PHE A 512 -32.36 7.12 -29.56
N ILE A 513 -31.70 5.99 -29.35
CA ILE A 513 -30.35 5.75 -29.84
C ILE A 513 -30.42 4.52 -30.73
N ILE A 514 -29.70 4.56 -31.85
CA ILE A 514 -29.51 3.38 -32.67
C ILE A 514 -28.04 2.98 -32.57
N LYS A 515 -27.78 1.80 -32.00
CA LYS A 515 -26.43 1.29 -31.89
C LYS A 515 -25.95 0.72 -33.23
N GLY A 516 -24.73 1.07 -33.61
CA GLY A 516 -24.05 0.47 -34.75
C GLY A 516 -23.50 -0.90 -34.38
N ARG A 517 -22.70 -1.51 -35.26
CA ARG A 517 -22.01 -2.72 -34.87
C ARG A 517 -21.03 -2.40 -33.73
N SER A 518 -20.65 -3.41 -32.95
CA SER A 518 -19.99 -3.17 -31.69
C SER A 518 -19.04 -4.32 -31.34
N HIS A 519 -18.14 -4.67 -32.28
CA HIS A 519 -17.05 -5.60 -32.00
C HIS A 519 -15.92 -4.88 -31.26
N LEU A 520 -16.18 -4.50 -30.01
CA LEU A 520 -15.27 -3.68 -29.22
C LEU A 520 -14.29 -4.58 -28.50
N ARG A 521 -13.00 -4.36 -28.82
CA ARG A 521 -11.91 -5.17 -28.32
C ARG A 521 -11.09 -4.31 -27.36
N ASN A 522 -10.25 -3.42 -27.88
CA ASN A 522 -9.56 -2.45 -27.05
C ASN A 522 -10.59 -1.57 -26.35
N ASP A 523 -10.22 -1.07 -25.18
CA ASP A 523 -11.12 -0.30 -24.34
C ASP A 523 -11.42 1.07 -24.95
N THR A 524 -10.61 1.53 -25.93
CA THR A 524 -10.86 2.77 -26.67
C THR A 524 -11.62 2.54 -27.99
N ASP A 525 -11.80 1.28 -28.42
CA ASP A 525 -12.51 1.01 -29.66
C ASP A 525 -13.91 1.64 -29.64
N VAL A 526 -14.32 2.16 -30.80
CA VAL A 526 -15.52 2.97 -30.92
C VAL A 526 -16.71 2.12 -31.39
N VAL A 527 -17.87 2.39 -30.75
CA VAL A 527 -19.19 2.08 -31.29
C VAL A 527 -19.77 3.38 -31.83
N ASN A 528 -20.15 3.37 -33.10
CA ASN A 528 -20.94 4.46 -33.64
C ASN A 528 -22.39 4.28 -33.22
N PHE A 529 -23.10 5.40 -33.01
CA PHE A 529 -24.53 5.32 -32.82
C PHE A 529 -25.18 6.58 -33.39
N ILE A 530 -26.49 6.48 -33.61
CA ILE A 530 -27.27 7.66 -33.92
C ILE A 530 -28.14 7.99 -32.71
N SER A 531 -28.21 9.27 -32.41
CA SER A 531 -29.10 9.76 -31.37
C SER A 531 -30.14 10.62 -32.05
N LEU A 532 -31.38 10.44 -31.61
CA LEU A 532 -32.50 11.21 -32.13
C LEU A 532 -33.29 11.67 -30.93
N GLU A 533 -33.25 12.98 -30.69
CA GLU A 533 -33.73 13.54 -29.43
C GLU A 533 -34.69 14.70 -29.67
N PHE A 534 -35.75 14.74 -28.87
CA PHE A 534 -36.80 15.74 -29.02
C PHE A 534 -36.28 17.04 -28.42
N SER A 535 -36.71 18.16 -29.00
CA SER A 535 -36.45 19.46 -28.43
C SER A 535 -37.48 20.45 -28.95
N LEU A 536 -37.79 21.47 -28.13
CA LEU A 536 -38.50 22.64 -28.57
C LEU A 536 -37.54 23.77 -28.94
N THR A 537 -36.22 23.55 -28.77
CA THR A 537 -35.26 24.60 -29.08
C THR A 537 -35.03 24.66 -30.60
N ASP A 538 -35.07 25.89 -31.13
CA ASP A 538 -34.82 26.15 -32.53
C ASP A 538 -33.32 26.34 -32.66
N PRO A 539 -32.60 25.43 -33.33
CA PRO A 539 -31.14 25.51 -33.44
C PRO A 539 -30.64 26.68 -34.27
N ARG A 540 -31.48 27.14 -35.22
CA ARG A 540 -31.11 28.18 -36.15
C ARG A 540 -30.77 29.49 -35.44
N ASN A 541 -31.11 29.61 -34.16
CA ASN A 541 -30.77 30.79 -33.36
C ASN A 541 -29.34 30.73 -32.80
N GLU A 542 -28.70 29.56 -32.86
CA GLU A 542 -27.41 29.40 -32.22
C GLU A 542 -26.68 28.24 -32.87
N ILE A 543 -26.43 28.34 -34.19
CA ILE A 543 -26.07 27.18 -34.99
C ILE A 543 -24.71 26.63 -34.59
N HIS A 544 -23.82 27.48 -34.06
CA HIS A 544 -22.47 27.06 -33.69
C HIS A 544 -22.52 26.00 -32.59
N LYS A 545 -23.60 26.00 -31.80
CA LYS A 545 -23.81 25.01 -30.75
C LYS A 545 -24.06 23.61 -31.33
N TRP A 546 -24.49 23.53 -32.59
CA TRP A 546 -25.09 22.32 -33.12
C TRP A 546 -24.45 21.86 -34.43
N GLU A 547 -23.18 22.18 -34.61
CA GLU A 547 -22.44 21.85 -35.81
C GLU A 547 -22.62 20.40 -36.24
N LYS A 548 -22.59 19.42 -35.31
CA LYS A 548 -22.58 18.02 -35.70
C LYS A 548 -23.98 17.44 -35.93
N TYR A 549 -25.02 18.21 -35.62
CA TYR A 549 -26.39 17.70 -35.65
C TYR A 549 -27.04 18.03 -36.99
N CYS A 550 -27.94 17.15 -37.44
CA CYS A 550 -28.98 17.51 -38.38
C CYS A 550 -30.28 17.61 -37.59
N VAL A 551 -30.92 18.79 -37.61
CA VAL A 551 -32.17 18.95 -36.88
C VAL A 551 -33.36 18.92 -37.85
N LEU A 552 -34.36 18.09 -37.51
CA LEU A 552 -35.59 17.94 -38.26
C LEU A 552 -36.74 18.63 -37.51
N GLU A 553 -37.76 19.08 -38.26
CA GLU A 553 -39.06 19.45 -37.69
C GLU A 553 -40.02 18.29 -37.92
N ILE A 554 -40.63 17.80 -36.83
CA ILE A 554 -41.31 16.51 -36.84
C ILE A 554 -42.75 16.62 -36.37
N GLY A 555 -43.15 17.77 -35.82
CA GLY A 555 -44.51 17.89 -35.32
C GLY A 555 -44.78 19.25 -34.70
N ASP A 556 -45.94 19.36 -34.05
CA ASP A 556 -46.30 20.56 -33.32
C ASP A 556 -46.91 20.18 -31.97
N MET A 557 -46.74 21.11 -31.03
CA MET A 557 -47.08 20.92 -29.63
C MET A 557 -48.11 22.00 -29.28
N GLU A 558 -49.29 21.59 -28.85
CA GLU A 558 -50.35 22.54 -28.54
C GLU A 558 -50.05 23.15 -27.16
N ILE A 559 -49.96 24.49 -27.12
CA ILE A 559 -49.94 25.25 -25.89
C ILE A 559 -51.23 26.06 -25.83
N ARG A 560 -51.84 26.11 -24.64
CA ARG A 560 -53.24 26.51 -24.52
C ARG A 560 -53.52 27.11 -23.15
N THR A 561 -53.47 28.45 -23.06
CA THR A 561 -53.80 29.16 -21.85
C THR A 561 -55.30 29.37 -21.75
N SER A 562 -56.04 28.88 -22.77
CA SER A 562 -57.49 28.96 -22.82
C SER A 562 -57.96 30.41 -22.71
N ILE A 563 -57.13 31.34 -23.18
CA ILE A 563 -57.57 32.55 -23.84
C ILE A 563 -56.95 32.56 -25.24
N SER A 564 -55.81 31.86 -25.35
CA SER A 564 -55.21 31.54 -26.64
C SER A 564 -54.83 30.06 -26.65
N THR A 565 -54.49 29.57 -27.85
CA THR A 565 -53.81 28.29 -28.03
C THR A 565 -52.85 28.45 -29.20
N ILE A 566 -51.60 27.99 -29.03
CA ILE A 566 -50.53 28.31 -29.96
C ILE A 566 -49.76 27.03 -30.29
N MET A 567 -49.26 26.94 -31.52
CA MET A 567 -48.58 25.74 -32.02
C MET A 567 -47.07 25.94 -31.94
N LYS A 568 -46.43 25.12 -31.11
CA LYS A 568 -44.99 25.15 -30.91
C LYS A 568 -44.34 24.05 -31.76
N PRO A 569 -43.45 24.36 -32.72
CA PRO A 569 -42.75 23.32 -33.48
C PRO A 569 -42.06 22.34 -32.54
N VAL A 570 -42.12 21.05 -32.87
CA VAL A 570 -41.32 20.04 -32.19
C VAL A 570 -40.18 19.63 -33.11
N TYR A 571 -38.92 19.81 -32.67
CA TYR A 571 -37.76 19.43 -33.46
C TYR A 571 -37.20 18.08 -32.99
N LEU A 572 -36.38 17.46 -33.86
CA LEU A 572 -35.68 16.23 -33.55
C LEU A 572 -34.21 16.48 -33.86
N TYR A 573 -33.36 16.43 -32.83
CA TYR A 573 -31.92 16.65 -32.99
C TYR A 573 -31.30 15.30 -33.30
N VAL A 574 -30.70 15.17 -34.50
CA VAL A 574 -30.20 13.90 -34.98
C VAL A 574 -28.70 14.03 -35.25
N ARG A 575 -27.95 12.99 -34.86
CA ARG A 575 -26.51 13.06 -34.76
C ARG A 575 -25.94 11.66 -34.88
N THR A 576 -24.87 11.52 -35.67
CA THR A 576 -23.93 10.43 -35.47
C THR A 576 -23.03 10.76 -34.28
N ASN A 577 -22.75 9.75 -33.46
CA ASN A 577 -21.85 9.92 -32.35
C ASN A 577 -21.14 8.59 -32.16
N GLY A 578 -20.21 8.58 -31.20
CA GLY A 578 -19.43 7.42 -30.84
C GLY A 578 -19.07 7.41 -29.36
N THR A 579 -18.83 6.22 -28.83
CA THR A 579 -18.28 6.05 -27.50
C THR A 579 -17.50 4.74 -27.48
N SER A 580 -16.95 4.41 -26.30
CA SER A 580 -16.05 3.27 -26.11
C SER A 580 -16.42 2.55 -24.82
N LYS A 581 -15.81 1.38 -24.61
CA LYS A 581 -16.01 0.66 -23.36
C LYS A 581 -15.53 1.51 -22.19
N ILE A 582 -14.43 2.23 -22.36
CA ILE A 582 -13.91 3.01 -21.24
C ILE A 582 -14.86 4.16 -20.93
N LYS A 583 -15.35 4.85 -21.96
CA LYS A 583 -16.27 5.94 -21.72
C LYS A 583 -17.60 5.42 -21.17
N MET A 584 -18.06 4.25 -21.63
CA MET A 584 -19.36 3.76 -21.19
C MET A 584 -19.29 3.38 -19.72
N LYS A 585 -18.20 2.71 -19.33
CA LYS A 585 -17.99 2.28 -17.96
C LYS A 585 -18.08 3.47 -17.01
N TRP A 586 -17.33 4.53 -17.31
CA TRP A 586 -17.34 5.71 -16.45
C TRP A 586 -18.72 6.36 -16.41
N GLY A 587 -19.41 6.42 -17.55
CA GLY A 587 -20.75 6.98 -17.58
C GLY A 587 -21.71 6.18 -16.70
N MET A 588 -21.49 4.86 -16.64
CA MET A 588 -22.30 3.99 -15.82
C MET A 588 -22.11 4.34 -14.34
N GLU A 589 -20.97 4.97 -14.00
CA GLU A 589 -20.62 5.26 -12.61
C GLU A 589 -20.86 6.71 -12.23
N MET A 590 -21.64 7.46 -13.02
CA MET A 590 -21.74 8.90 -12.79
C MET A 590 -22.44 9.25 -11.48
N ARG A 591 -23.05 8.29 -10.78
CA ARG A 591 -23.59 8.58 -9.47
C ARG A 591 -22.49 9.01 -8.50
N ARG A 592 -21.23 8.62 -8.74
CA ARG A 592 -20.17 9.04 -7.84
C ARG A 592 -20.08 10.56 -7.72
N CYS A 593 -20.59 11.32 -8.71
CA CYS A 593 -20.58 12.78 -8.65
C CYS A 593 -21.34 13.32 -7.44
N LEU A 594 -22.38 12.61 -7.01
CA LEU A 594 -23.12 12.94 -5.79
C LEU A 594 -22.18 12.96 -4.59
N LEU A 595 -21.23 12.02 -4.55
CA LEU A 595 -20.30 11.86 -3.43
C LEU A 595 -19.29 13.00 -3.39
N GLN A 596 -18.78 13.43 -4.56
CA GLN A 596 -17.77 14.49 -4.59
C GLN A 596 -18.33 15.80 -4.02
N SER A 597 -19.58 16.12 -4.39
CA SER A 597 -20.27 17.34 -3.97
C SER A 597 -20.59 17.28 -2.47
N LEU A 598 -21.25 16.19 -2.05
CA LEU A 598 -21.75 16.07 -0.70
C LEU A 598 -20.61 15.88 0.30
N GLN A 599 -19.51 15.22 -0.09
CA GLN A 599 -18.39 15.14 0.83
C GLN A 599 -17.85 16.52 1.18
N GLN A 600 -17.71 17.38 0.16
CA GLN A 600 -17.24 18.74 0.34
C GLN A 600 -18.19 19.56 1.22
N VAL A 601 -19.48 19.52 0.90
CA VAL A 601 -20.52 20.22 1.66
C VAL A 601 -20.50 19.74 3.11
N GLU A 602 -20.44 18.43 3.29
CA GLU A 602 -20.45 17.85 4.61
C GLU A 602 -19.21 18.29 5.39
N SER A 603 -18.06 18.44 4.71
CA SER A 603 -16.84 18.82 5.41
C SER A 603 -16.96 20.26 5.89
N MET A 604 -17.71 21.07 5.14
CA MET A 604 -17.92 22.46 5.52
C MET A 604 -18.85 22.53 6.74
N ILE A 605 -19.93 21.71 6.76
CA ILE A 605 -20.82 21.63 7.91
C ILE A 605 -20.02 21.17 9.12
N GLU A 606 -19.20 20.13 8.94
CA GLU A 606 -18.44 19.55 10.04
C GLU A 606 -17.41 20.53 10.60
N ALA A 607 -16.73 21.31 9.75
CA ALA A 607 -15.69 22.21 10.25
C ALA A 607 -16.32 23.22 11.21
N GLU A 608 -17.48 23.77 10.81
CA GLU A 608 -18.19 24.76 11.62
C GLU A 608 -18.70 24.10 12.89
N SER A 609 -19.15 22.83 12.78
CA SER A 609 -19.68 22.09 13.91
C SER A 609 -18.62 21.93 15.00
N ALA A 610 -17.39 21.72 14.56
CA ALA A 610 -16.31 21.49 15.49
C ALA A 610 -16.15 22.71 16.40
N VAL A 611 -16.21 23.91 15.81
CA VAL A 611 -15.90 25.12 16.55
C VAL A 611 -17.11 25.53 17.40
N LYS A 612 -18.32 25.27 16.89
CA LYS A 612 -19.57 25.59 17.56
C LYS A 612 -19.94 24.50 18.54
N GLU A 613 -19.22 23.38 18.48
CA GLU A 613 -19.42 22.28 19.40
C GLU A 613 -20.86 21.81 19.32
N LYS A 614 -21.42 21.78 18.12
CA LYS A 614 -22.73 21.20 17.90
C LYS A 614 -22.97 21.05 16.40
N ASP A 615 -23.95 20.22 16.08
CA ASP A 615 -24.29 19.91 14.70
C ASP A 615 -24.90 21.14 14.04
N MET A 616 -24.21 21.69 13.03
CA MET A 616 -24.66 22.89 12.35
C MET A 616 -25.46 22.58 11.08
N THR A 617 -25.88 21.31 10.89
CA THR A 617 -26.66 20.93 9.71
C THR A 617 -27.93 21.76 9.55
N GLU A 618 -28.81 21.74 10.57
CA GLU A 618 -30.12 22.37 10.48
C GLU A 618 -29.92 23.86 10.29
N PRO A 619 -29.09 24.53 11.10
CA PRO A 619 -28.80 25.94 10.88
C PRO A 619 -28.35 26.24 9.45
N PHE A 620 -27.41 25.45 8.91
CA PHE A 620 -26.90 25.69 7.56
C PHE A 620 -28.03 25.58 6.53
N PHE A 621 -28.83 24.52 6.61
CA PHE A 621 -29.86 24.30 5.61
C PHE A 621 -31.11 25.16 5.82
N ARG A 622 -31.31 25.73 7.01
CA ARG A 622 -32.56 26.39 7.34
C ARG A 622 -32.43 27.90 7.40
N ASN A 623 -31.38 28.39 8.06
N ASN A 623 -31.40 28.41 8.08
CA ASN A 623 -31.17 29.81 8.20
CA ASN A 623 -31.24 29.86 8.20
C ASN A 623 -30.48 30.32 6.94
C ASN A 623 -30.50 30.33 6.96
N ARG A 624 -31.23 30.33 5.83
CA ARG A 624 -30.67 30.64 4.53
C ARG A 624 -30.19 32.10 4.48
N GLU A 625 -29.01 32.30 5.06
CA GLU A 625 -28.18 33.45 4.73
C GLU A 625 -27.48 33.11 3.42
N ASN A 626 -27.16 34.13 2.63
CA ASN A 626 -26.27 33.98 1.50
C ASN A 626 -24.83 34.04 2.00
N ASP A 627 -24.26 32.88 2.33
N ASP A 627 -24.23 32.89 2.26
CA ASP A 627 -22.95 32.82 2.97
CA ASP A 627 -22.94 32.85 2.93
C ASP A 627 -21.88 32.18 2.09
C ASP A 627 -21.82 32.46 1.97
N TRP A 628 -22.14 31.89 0.81
CA TRP A 628 -21.06 31.41 -0.05
C TRP A 628 -21.06 32.02 -1.44
N PRO A 629 -19.94 32.67 -1.85
CA PRO A 629 -19.80 33.21 -3.20
C PRO A 629 -19.80 32.05 -4.19
N ILE A 630 -20.77 32.04 -5.12
CA ILE A 630 -20.91 30.95 -6.07
C ILE A 630 -21.23 31.48 -7.47
N GLY A 631 -21.23 32.81 -7.68
CA GLY A 631 -21.64 33.34 -8.97
C GLY A 631 -21.35 34.83 -9.09
N GLU A 632 -21.62 35.36 -10.29
CA GLU A 632 -21.37 36.76 -10.59
C GLU A 632 -22.45 37.27 -11.54
N SER A 633 -22.96 38.45 -11.21
CA SER A 633 -23.93 39.17 -12.03
C SER A 633 -23.23 40.42 -12.54
N PRO A 634 -23.88 41.26 -13.36
CA PRO A 634 -23.30 42.55 -13.74
C PRO A 634 -23.02 43.49 -12.56
N GLN A 635 -23.77 43.38 -11.46
CA GLN A 635 -23.48 44.13 -10.25
C GLN A 635 -22.18 43.65 -9.61
N GLY A 636 -22.05 42.34 -9.36
CA GLY A 636 -20.83 41.77 -8.81
C GLY A 636 -21.01 40.34 -8.32
N ILE A 637 -20.14 39.95 -7.37
CA ILE A 637 -20.14 38.63 -6.78
C ILE A 637 -21.50 38.41 -6.09
N GLU A 638 -22.16 37.28 -6.38
CA GLU A 638 -23.38 36.89 -5.70
C GLU A 638 -23.09 35.70 -4.78
N LYS A 639 -23.79 35.66 -3.65
CA LYS A 639 -23.63 34.60 -2.67
C LYS A 639 -24.86 33.71 -2.69
N GLY A 640 -24.68 32.44 -2.30
CA GLY A 640 -25.79 31.51 -2.20
C GLY A 640 -25.74 30.74 -0.88
N THR A 641 -26.79 29.93 -0.66
CA THR A 641 -26.90 29.09 0.53
C THR A 641 -26.07 27.82 0.35
N ILE A 642 -25.99 27.02 1.41
CA ILE A 642 -25.28 25.75 1.32
C ILE A 642 -26.00 24.84 0.33
N GLY A 643 -27.33 25.00 0.22
CA GLY A 643 -28.12 24.29 -0.75
C GLY A 643 -27.63 24.60 -2.16
N LYS A 644 -27.46 25.89 -2.47
CA LYS A 644 -26.98 26.26 -3.78
C LYS A 644 -25.60 25.65 -4.01
N VAL A 645 -24.71 25.74 -3.00
CA VAL A 645 -23.36 25.21 -3.10
C VAL A 645 -23.37 23.72 -3.47
N CYS A 646 -24.24 22.96 -2.82
N CYS A 646 -24.24 22.96 -2.78
CA CYS A 646 -24.37 21.54 -3.09
CA CYS A 646 -24.44 21.54 -3.07
C CYS A 646 -24.68 21.29 -4.57
C CYS A 646 -24.65 21.32 -4.57
N ARG A 647 -25.55 22.10 -5.15
CA ARG A 647 -26.00 21.91 -6.52
C ARG A 647 -24.95 22.36 -7.55
N VAL A 648 -24.23 23.44 -7.24
CA VAL A 648 -23.16 23.95 -8.09
C VAL A 648 -21.98 22.98 -8.08
N LEU A 649 -21.63 22.43 -6.91
CA LEU A 649 -20.54 21.47 -6.83
C LEU A 649 -20.94 20.17 -7.50
N LEU A 650 -22.22 19.76 -7.39
CA LEU A 650 -22.69 18.58 -8.08
C LEU A 650 -22.60 18.76 -9.60
N ALA A 651 -22.99 19.95 -10.07
CA ALA A 651 -23.04 20.24 -11.49
C ALA A 651 -21.62 20.27 -12.04
N LYS A 652 -20.70 20.81 -11.26
CA LYS A 652 -19.30 20.84 -11.65
C LYS A 652 -18.79 19.41 -11.83
N SER A 653 -19.08 18.56 -10.84
CA SER A 653 -18.65 17.18 -10.87
C SER A 653 -19.24 16.43 -12.06
N VAL A 654 -20.54 16.65 -12.32
CA VAL A 654 -21.25 16.00 -13.42
C VAL A 654 -20.69 16.49 -14.76
N PHE A 655 -20.39 17.78 -14.87
CA PHE A 655 -19.83 18.29 -16.12
C PHE A 655 -18.42 17.74 -16.35
N ASN A 656 -17.66 17.54 -15.26
CA ASN A 656 -16.34 16.92 -15.35
C ASN A 656 -16.44 15.52 -15.95
N SER A 657 -17.55 14.85 -15.68
CA SER A 657 -17.74 13.50 -16.18
C SER A 657 -18.20 13.53 -17.64
N ILE A 658 -19.12 14.44 -17.98
CA ILE A 658 -19.68 14.53 -19.31
C ILE A 658 -18.59 14.99 -20.27
N TYR A 659 -17.77 15.93 -19.82
CA TYR A 659 -16.75 16.53 -20.66
C TYR A 659 -15.35 16.15 -20.18
N ALA A 660 -15.17 14.92 -19.70
CA ALA A 660 -13.84 14.40 -19.38
C ALA A 660 -12.90 14.55 -20.58
N SER A 661 -11.70 15.12 -20.35
CA SER A 661 -10.72 15.23 -21.43
C SER A 661 -9.32 15.37 -20.86
N ALA A 662 -8.32 15.13 -21.71
CA ALA A 662 -6.94 15.37 -21.35
C ALA A 662 -6.68 16.89 -21.17
N GLN A 663 -7.40 17.70 -21.94
CA GLN A 663 -7.36 19.14 -21.76
C GLN A 663 -7.76 19.48 -20.33
N LEU A 664 -8.85 18.89 -19.83
CA LEU A 664 -9.32 19.14 -18.47
C LEU A 664 -8.31 18.63 -17.47
N GLU A 665 -7.71 17.46 -17.73
CA GLU A 665 -6.77 16.88 -16.78
C GLU A 665 -5.60 17.82 -16.56
N GLY A 666 -4.99 18.26 -17.67
CA GLY A 666 -3.80 19.09 -17.58
C GLY A 666 -4.15 20.50 -17.09
N PHE A 667 -5.27 21.03 -17.59
CA PHE A 667 -5.72 22.33 -17.10
C PHE A 667 -5.90 22.30 -15.59
N SER A 668 -6.60 21.27 -15.08
CA SER A 668 -6.90 21.19 -13.67
C SER A 668 -5.62 21.13 -12.81
N ALA A 669 -4.65 20.29 -13.21
CA ALA A 669 -3.46 20.06 -12.40
C ALA A 669 -2.58 21.30 -12.39
N GLU A 670 -2.40 21.93 -13.56
CA GLU A 670 -1.48 23.06 -13.66
C GLU A 670 -2.08 24.31 -13.03
N SER A 671 -3.37 24.58 -13.29
CA SER A 671 -4.01 25.76 -12.72
C SER A 671 -4.06 25.62 -11.19
N ARG A 672 -4.05 24.38 -10.69
CA ARG A 672 -4.13 24.15 -9.26
C ARG A 672 -2.92 24.80 -8.58
N LYS A 673 -1.76 24.77 -9.24
CA LYS A 673 -0.57 25.36 -8.65
C LYS A 673 -0.77 26.86 -8.52
N LEU A 674 -1.39 27.46 -9.55
CA LEU A 674 -1.60 28.90 -9.54
C LEU A 674 -2.62 29.26 -8.47
N LEU A 675 -3.67 28.46 -8.30
CA LEU A 675 -4.58 28.64 -7.17
C LEU A 675 -3.85 28.64 -5.84
N LEU A 676 -3.00 27.62 -5.61
CA LEU A 676 -2.25 27.49 -4.38
C LEU A 676 -1.29 28.66 -4.16
N LEU A 677 -0.73 29.23 -5.23
CA LEU A 677 0.17 30.37 -5.08
C LEU A 677 -0.62 31.59 -4.59
N ILE A 678 -1.85 31.76 -5.10
CA ILE A 678 -2.72 32.86 -4.70
C ILE A 678 -3.05 32.67 -3.22
N GLN A 679 -3.38 31.43 -2.84
CA GLN A 679 -3.70 31.12 -1.46
C GLN A 679 -2.54 31.48 -0.54
N ALA A 680 -1.33 31.17 -0.97
CA ALA A 680 -0.12 31.45 -0.19
C ALA A 680 0.08 32.96 -0.01
N PHE A 681 -0.26 33.74 -1.02
CA PHE A 681 -0.19 35.18 -0.89
C PHE A 681 -1.19 35.66 0.14
N ARG A 682 -2.44 35.18 0.07
CA ARG A 682 -3.49 35.62 0.97
C ARG A 682 -3.24 35.17 2.42
N ASP A 683 -2.50 34.08 2.59
CA ASP A 683 -2.07 33.61 3.90
C ASP A 683 -0.82 34.35 4.37
N ASN A 684 -0.33 35.32 3.59
N ASN A 684 -0.34 35.33 3.58
CA ASN A 684 0.82 36.12 4.00
CA ASN A 684 0.81 36.14 3.93
C ASN A 684 2.09 35.28 4.07
C ASN A 684 2.07 35.27 4.06
N LEU A 685 2.22 34.28 3.18
CA LEU A 685 3.37 33.38 3.23
C LEU A 685 4.42 33.70 2.14
N ASP A 686 4.39 34.92 1.60
CA ASP A 686 5.46 35.49 0.79
C ASP A 686 5.89 34.52 -0.31
N PRO A 687 4.95 34.09 -1.16
CA PRO A 687 5.23 33.10 -2.21
C PRO A 687 6.14 33.60 -3.32
N GLY A 688 6.90 32.66 -3.90
CA GLY A 688 7.78 32.94 -5.01
C GLY A 688 7.69 31.85 -6.08
N THR A 689 8.06 32.22 -7.31
CA THR A 689 8.10 31.26 -8.41
C THR A 689 9.50 31.18 -8.99
N PHE A 690 9.73 30.09 -9.74
CA PHE A 690 10.99 29.85 -10.40
C PHE A 690 10.84 30.05 -11.91
N ASP A 691 9.66 29.77 -12.47
CA ASP A 691 9.39 30.02 -13.88
C ASP A 691 7.89 30.20 -14.09
N LEU A 692 7.36 31.35 -13.66
CA LEU A 692 5.94 31.62 -13.76
C LEU A 692 5.50 31.56 -15.22
N LYS A 693 6.33 32.12 -16.09
CA LYS A 693 6.03 32.12 -17.51
C LYS A 693 5.77 30.69 -17.98
N GLY A 694 6.68 29.79 -17.63
CA GLY A 694 6.55 28.38 -17.95
C GLY A 694 5.26 27.77 -17.39
N LEU A 695 4.87 28.18 -16.16
CA LEU A 695 3.66 27.67 -15.55
C LEU A 695 2.45 28.11 -16.37
N TYR A 696 2.40 29.40 -16.74
CA TYR A 696 1.31 29.91 -17.58
C TYR A 696 1.19 29.11 -18.88
N GLU A 697 2.31 28.88 -19.57
CA GLU A 697 2.30 28.12 -20.82
C GLU A 697 1.82 26.70 -20.59
N ALA A 698 2.20 26.11 -19.43
CA ALA A 698 1.79 24.76 -19.09
C ALA A 698 0.27 24.67 -18.88
N ILE A 699 -0.33 25.72 -18.30
CA ILE A 699 -1.78 25.79 -18.16
C ILE A 699 -2.41 26.00 -19.55
N GLU A 700 -1.93 27.02 -20.27
CA GLU A 700 -2.59 27.54 -21.46
C GLU A 700 -2.58 26.54 -22.61
N GLU A 701 -1.57 25.67 -22.72
CA GLU A 701 -1.52 24.73 -23.83
C GLU A 701 -2.61 23.67 -23.69
N CYS A 702 -3.20 23.57 -22.48
CA CYS A 702 -4.25 22.61 -22.20
C CYS A 702 -5.62 23.12 -22.61
N ILE A 703 -5.73 24.43 -22.89
CA ILE A 703 -6.98 25.00 -23.33
C ILE A 703 -6.97 25.02 -24.86
N ILE A 704 -7.64 24.06 -25.51
CA ILE A 704 -7.47 23.90 -26.94
C ILE A 704 -8.80 24.15 -27.64
N ASN A 705 -9.80 23.29 -27.36
CA ASN A 705 -11.09 23.43 -28.01
C ASN A 705 -12.28 22.91 -27.20
N ASP A 706 -12.07 22.44 -25.98
CA ASP A 706 -13.13 21.77 -25.26
C ASP A 706 -13.97 22.81 -24.54
N PRO A 707 -15.31 22.79 -24.72
CA PRO A 707 -16.16 23.86 -24.19
C PRO A 707 -16.08 24.00 -22.67
N TRP A 708 -15.98 22.86 -21.98
CA TRP A 708 -15.94 22.84 -20.53
C TRP A 708 -14.62 23.40 -20.02
N VAL A 709 -13.52 23.09 -20.73
CA VAL A 709 -12.20 23.57 -20.33
C VAL A 709 -12.13 25.07 -20.60
N LEU A 710 -12.64 25.52 -21.77
CA LEU A 710 -12.72 26.93 -22.04
C LEU A 710 -13.50 27.63 -20.93
N LEU A 711 -14.64 27.07 -20.47
CA LEU A 711 -15.39 27.72 -19.40
C LEU A 711 -14.60 27.74 -18.08
N ASN A 712 -13.94 26.62 -17.75
CA ASN A 712 -13.17 26.54 -16.52
C ASN A 712 -12.01 27.54 -16.53
N ALA A 713 -11.40 27.76 -17.71
CA ALA A 713 -10.35 28.77 -17.82
C ALA A 713 -10.91 30.18 -17.60
N SER A 714 -12.06 30.45 -18.21
CA SER A 714 -12.80 31.69 -17.99
C SER A 714 -13.07 31.94 -16.50
N TRP A 715 -13.63 30.91 -15.83
CA TRP A 715 -13.87 30.92 -14.38
C TRP A 715 -12.61 31.23 -13.57
N PHE A 716 -11.45 30.73 -13.99
CA PHE A 716 -10.23 30.99 -13.23
C PHE A 716 -9.94 32.49 -13.29
N ASN A 717 -10.07 33.07 -14.49
CA ASN A 717 -9.83 34.49 -14.71
C ASN A 717 -10.75 35.38 -13.89
N SER A 718 -12.03 35.03 -13.83
CA SER A 718 -13.00 35.76 -13.03
C SER A 718 -12.66 35.71 -11.55
N PHE A 719 -12.24 34.53 -11.07
CA PHE A 719 -11.74 34.38 -9.70
C PHE A 719 -10.54 35.30 -9.49
N LEU A 720 -9.58 35.27 -10.42
CA LEU A 720 -8.38 36.10 -10.28
C LEU A 720 -8.77 37.57 -10.19
N LYS A 721 -9.70 38.02 -11.05
CA LYS A 721 -10.12 39.42 -11.04
C LYS A 721 -10.81 39.75 -9.72
N ALA A 722 -11.69 38.87 -9.24
CA ALA A 722 -12.42 39.09 -8.00
C ALA A 722 -11.46 39.23 -6.81
N VAL A 723 -10.49 38.32 -6.72
CA VAL A 723 -9.44 38.37 -5.72
C VAL A 723 -8.64 39.68 -5.83
N GLN A 724 -8.28 40.06 -7.05
CA GLN A 724 -7.56 41.31 -7.28
C GLN A 724 -8.38 42.48 -6.77
N LEU A 725 -9.67 42.53 -7.12
CA LEU A 725 -10.53 43.62 -6.68
C LEU A 725 -10.60 43.66 -5.16
N SER A 726 -10.56 42.50 -4.50
CA SER A 726 -10.71 42.48 -3.06
C SER A 726 -9.40 42.82 -2.34
N MET A 727 -8.36 43.25 -3.06
CA MET A 727 -7.04 43.37 -2.45
C MET A 727 -6.50 44.79 -2.60
N GLY A 728 -6.33 45.26 -3.83
CA GLY A 728 -5.66 46.51 -4.11
C GLY A 728 -6.48 47.72 -3.71
N GLY B 9 -29.22 38.43 -14.16
CA GLY B 9 -28.28 37.70 -15.04
C GLY B 9 -27.05 37.21 -14.27
N MET B 10 -27.26 36.25 -13.37
CA MET B 10 -26.17 35.72 -12.55
C MET B 10 -25.56 34.48 -13.21
N ASP B 11 -24.24 34.52 -13.43
CA ASP B 11 -23.53 33.35 -13.92
C ASP B 11 -22.80 32.63 -12.78
N VAL B 12 -23.14 31.35 -12.61
CA VAL B 12 -22.55 30.51 -11.58
C VAL B 12 -21.08 30.20 -11.91
N ASN B 13 -20.22 30.36 -10.91
CA ASN B 13 -18.80 30.08 -11.03
C ASN B 13 -18.33 29.37 -9.74
N PRO B 14 -18.15 28.04 -9.75
CA PRO B 14 -17.73 27.30 -8.55
C PRO B 14 -16.37 27.69 -7.97
N MET B 15 -15.53 28.33 -8.79
CA MET B 15 -14.24 28.79 -8.33
C MET B 15 -14.35 29.93 -7.33
N LEU B 16 -15.46 30.67 -7.33
CA LEU B 16 -15.61 31.79 -6.41
C LEU B 16 -15.69 31.35 -4.94
N ILE B 17 -15.97 30.08 -4.69
N ILE B 17 -16.01 30.08 -4.69
CA ILE B 17 -15.96 29.54 -3.35
CA ILE B 17 -15.95 29.51 -3.35
C ILE B 17 -14.61 29.81 -2.67
C ILE B 17 -14.62 29.85 -2.68
N PHE B 18 -13.53 29.90 -3.47
CA PHE B 18 -12.18 30.14 -2.96
C PHE B 18 -11.96 31.57 -2.50
N LEU B 19 -12.87 32.49 -2.82
CA LEU B 19 -12.86 33.80 -2.18
C LEU B 19 -12.96 33.64 -0.67
N LYS B 20 -13.74 32.67 -0.19
CA LYS B 20 -13.98 32.47 1.24
C LYS B 20 -13.24 31.25 1.83
N VAL B 21 -13.27 30.12 1.11
CA VAL B 21 -12.71 28.87 1.60
C VAL B 21 -11.25 28.78 1.15
N PRO B 22 -10.28 28.60 2.09
CA PRO B 22 -8.90 28.38 1.69
C PRO B 22 -8.83 27.25 0.67
N VAL B 23 -7.94 27.39 -0.31
CA VAL B 23 -7.86 26.47 -1.44
C VAL B 23 -7.70 25.02 -0.94
N GLN B 24 -6.82 24.79 0.03
CA GLN B 24 -6.60 23.42 0.51
C GLN B 24 -7.88 22.83 1.09
N ASN B 25 -8.74 23.67 1.70
CA ASN B 25 -9.91 23.16 2.39
C ASN B 25 -11.01 22.84 1.38
N ALA B 26 -10.90 23.33 0.13
CA ALA B 26 -11.83 22.88 -0.90
C ALA B 26 -11.07 22.30 -2.11
N ILE B 27 -9.91 21.68 -1.83
CA ILE B 27 -9.00 21.22 -2.87
C ILE B 27 -9.65 20.09 -3.66
N SER B 28 -10.61 19.41 -3.03
CA SER B 28 -11.29 18.27 -3.62
C SER B 28 -11.95 18.68 -4.94
N THR B 29 -12.44 19.92 -5.02
CA THR B 29 -13.15 20.38 -6.19
C THR B 29 -12.21 20.57 -7.39
N THR B 30 -10.89 20.52 -7.20
CA THR B 30 -9.94 20.76 -8.29
C THR B 30 -9.49 19.44 -8.93
N PHE B 31 -10.09 18.33 -8.51
CA PHE B 31 -9.69 17.00 -8.95
C PHE B 31 -10.85 16.39 -9.70
N PRO B 32 -10.82 16.36 -11.06
CA PRO B 32 -11.95 15.89 -11.85
C PRO B 32 -12.08 14.38 -12.05
N TYR B 33 -11.96 13.63 -10.97
CA TYR B 33 -11.80 12.19 -11.08
C TYR B 33 -13.13 11.46 -11.10
N THR B 34 -14.22 12.11 -11.55
CA THR B 34 -15.47 11.42 -11.84
C THR B 34 -15.57 11.09 -13.32
N GLY B 35 -14.64 11.60 -14.14
CA GLY B 35 -14.63 11.28 -15.55
C GLY B 35 -13.54 10.29 -15.93
N ASP B 36 -13.71 9.66 -17.08
CA ASP B 36 -12.73 8.74 -17.62
C ASP B 36 -11.42 9.46 -17.88
N PRO B 37 -10.28 8.85 -17.48
CA PRO B 37 -8.97 9.46 -17.67
C PRO B 37 -8.52 9.30 -19.11
N PRO B 38 -7.46 9.98 -19.55
CA PRO B 38 -6.95 9.85 -20.92
C PRO B 38 -6.29 8.50 -21.21
N TYR B 39 -6.51 8.05 -22.45
CA TYR B 39 -5.95 6.81 -22.97
C TYR B 39 -5.22 7.13 -24.26
N SER B 40 -4.14 6.38 -24.49
CA SER B 40 -3.47 6.33 -25.77
C SER B 40 -4.28 5.40 -26.68
N HIS B 41 -4.21 5.71 -27.99
CA HIS B 41 -4.72 4.83 -29.02
C HIS B 41 -3.57 4.55 -29.98
N GLY B 42 -3.37 3.30 -30.33
CA GLY B 42 -2.36 2.93 -31.33
C GLY B 42 -0.98 2.90 -30.69
N THR B 43 0.04 3.22 -31.48
CA THR B 43 1.40 2.89 -31.13
C THR B 43 1.95 3.84 -30.05
N GLY B 44 2.95 3.34 -29.32
CA GLY B 44 3.77 4.17 -28.45
C GLY B 44 5.12 4.48 -29.08
N THR B 45 5.32 4.10 -30.35
CA THR B 45 6.63 4.17 -30.97
C THR B 45 7.10 5.62 -31.02
N GLY B 46 6.14 6.54 -31.24
CA GLY B 46 6.44 7.96 -31.32
C GLY B 46 6.98 8.50 -30.00
N TYR B 47 6.34 8.14 -28.88
CA TYR B 47 6.76 8.56 -27.55
C TYR B 47 8.12 7.96 -27.18
N THR B 48 8.30 6.67 -27.47
CA THR B 48 9.58 6.03 -27.24
C THR B 48 10.69 6.80 -27.96
N MET B 49 10.47 7.12 -29.24
CA MET B 49 11.52 7.78 -30.01
C MET B 49 11.82 9.14 -29.36
N ASP B 50 10.75 9.88 -29.03
N ASP B 50 10.80 9.86 -28.93
CA ASP B 50 10.81 11.14 -28.30
CA ASP B 50 10.99 11.17 -28.39
C ASP B 50 11.77 11.04 -27.11
C ASP B 50 11.72 11.11 -27.04
N THR B 51 11.50 10.07 -26.23
CA THR B 51 12.26 9.87 -25.00
C THR B 51 13.72 9.58 -25.31
N VAL B 52 13.96 8.67 -26.25
CA VAL B 52 15.32 8.31 -26.63
C VAL B 52 16.05 9.58 -27.07
N ILE B 53 15.37 10.42 -27.84
CA ILE B 53 16.00 11.61 -28.39
C ILE B 53 16.30 12.61 -27.26
N ARG B 54 15.28 12.92 -26.45
CA ARG B 54 15.45 13.83 -25.31
C ARG B 54 16.59 13.37 -24.39
N THR B 55 16.64 12.07 -24.08
CA THR B 55 17.64 11.57 -23.15
C THR B 55 19.05 11.84 -23.71
N HIS B 56 19.21 11.66 -25.02
CA HIS B 56 20.50 11.96 -25.65
C HIS B 56 20.78 13.45 -25.71
N ASP B 57 19.77 14.27 -25.99
CA ASP B 57 19.94 15.73 -26.07
C ASP B 57 20.46 16.30 -24.75
N TYR B 58 19.87 15.86 -23.62
CA TYR B 58 20.24 16.34 -22.30
C TYR B 58 21.66 15.94 -21.89
N SER B 59 22.25 14.96 -22.60
CA SER B 59 23.59 14.46 -22.34
C SER B 59 24.53 14.70 -23.53
N SER B 60 24.08 15.50 -24.53
CA SER B 60 24.69 15.52 -25.85
C SER B 60 26.15 15.95 -25.84
N ARG B 61 26.59 16.66 -24.78
CA ARG B 61 27.93 17.20 -24.72
C ARG B 61 28.92 16.19 -24.12
N GLY B 62 28.47 14.96 -23.88
CA GLY B 62 29.39 13.92 -23.46
C GLY B 62 30.11 13.23 -24.63
N ILE B 63 30.63 12.04 -24.32
N ILE B 63 30.77 12.12 -24.35
CA ILE B 63 31.55 11.29 -25.15
CA ILE B 63 31.57 11.45 -25.35
C ILE B 63 30.81 10.11 -25.76
C ILE B 63 30.87 10.16 -25.77
N TRP B 64 31.02 9.85 -27.06
CA TRP B 64 30.46 8.69 -27.71
C TRP B 64 31.48 7.56 -27.82
N LYS B 65 31.03 6.33 -27.56
CA LYS B 65 31.83 5.14 -27.80
C LYS B 65 30.98 4.10 -28.53
N THR B 66 31.65 3.16 -29.20
CA THR B 66 30.97 2.00 -29.77
C THR B 66 31.22 0.83 -28.83
N ASN B 67 30.15 0.17 -28.40
CA ASN B 67 30.26 -0.95 -27.50
C ASN B 67 30.86 -2.15 -28.23
N SER B 68 31.88 -2.78 -27.63
CA SER B 68 32.60 -3.87 -28.28
C SER B 68 31.70 -5.08 -28.54
N GLU B 69 30.75 -5.33 -27.66
CA GLU B 69 29.93 -6.53 -27.71
C GLU B 69 28.67 -6.33 -28.54
N THR B 70 27.98 -5.19 -28.40
CA THR B 70 26.70 -4.96 -29.08
C THR B 70 26.86 -4.06 -30.31
N GLY B 71 27.95 -3.28 -30.41
CA GLY B 71 28.09 -2.33 -31.50
C GLY B 71 27.28 -1.04 -31.28
N ALA B 72 26.65 -0.92 -30.10
CA ALA B 72 25.77 0.20 -29.82
C ALA B 72 26.57 1.48 -29.64
N GLN B 73 26.02 2.58 -30.18
CA GLN B 73 26.55 3.91 -29.92
C GLN B 73 26.11 4.33 -28.51
N GLN B 74 27.09 4.69 -27.65
CA GLN B 74 26.86 4.86 -26.24
C GLN B 74 27.39 6.22 -25.83
N LEU B 75 26.50 7.06 -25.31
CA LEU B 75 26.85 8.41 -24.90
C LEU B 75 27.06 8.43 -23.39
N ASN B 76 28.17 9.07 -23.00
CA ASN B 76 28.63 9.16 -21.63
C ASN B 76 28.77 10.64 -21.25
N PRO B 77 27.80 11.21 -20.50
CA PRO B 77 27.90 12.59 -20.05
C PRO B 77 28.57 12.76 -18.69
N ILE B 78 29.00 11.66 -18.07
CA ILE B 78 29.45 11.74 -16.70
C ILE B 78 30.83 12.41 -16.70
N ASP B 79 31.08 13.22 -15.67
CA ASP B 79 32.30 14.00 -15.59
C ASP B 79 32.47 14.80 -16.89
N GLY B 80 31.35 15.04 -17.58
CA GLY B 80 31.37 15.83 -18.79
C GLY B 80 31.52 17.31 -18.43
N PRO B 81 31.33 18.24 -19.37
CA PRO B 81 31.40 19.65 -19.05
C PRO B 81 30.22 20.00 -18.14
N LEU B 82 30.39 21.04 -17.34
CA LEU B 82 29.41 21.38 -16.33
C LEU B 82 28.20 22.00 -17.00
N PRO B 83 26.99 21.86 -16.42
CA PRO B 83 25.82 22.58 -16.92
C PRO B 83 26.12 24.06 -17.17
N GLU B 84 25.57 24.60 -18.25
CA GLU B 84 25.73 26.01 -18.59
C GLU B 84 24.42 26.80 -18.60
N ASP B 85 23.28 26.15 -18.29
CA ASP B 85 21.99 26.81 -18.30
C ASP B 85 21.05 25.99 -17.43
N ASN B 86 19.74 26.33 -17.44
CA ASN B 86 18.80 25.69 -16.54
C ASN B 86 18.06 24.53 -17.22
N GLU B 87 18.42 24.19 -18.47
CA GLU B 87 17.77 23.08 -19.15
C GLU B 87 18.12 21.78 -18.44
N PRO B 88 17.30 20.72 -18.57
CA PRO B 88 17.62 19.45 -17.94
C PRO B 88 18.97 18.98 -18.46
N SER B 89 19.81 18.42 -17.56
CA SER B 89 21.17 18.05 -17.92
C SER B 89 21.51 16.71 -17.27
N GLY B 90 22.35 15.93 -17.96
CA GLY B 90 22.82 14.65 -17.45
C GLY B 90 24.30 14.66 -17.04
N TYR B 91 24.90 15.84 -16.86
CA TYR B 91 26.33 15.96 -16.62
C TYR B 91 26.63 15.82 -15.14
N ALA B 92 26.21 14.69 -14.57
CA ALA B 92 26.50 14.36 -13.20
C ALA B 92 28.01 14.10 -13.03
N GLN B 93 28.53 14.44 -11.86
CA GLN B 93 29.96 14.38 -11.56
C GLN B 93 30.23 13.30 -10.51
N THR B 94 31.05 12.31 -10.85
CA THR B 94 31.33 11.18 -9.98
C THR B 94 31.77 11.66 -8.59
N ASP B 95 32.73 12.60 -8.55
CA ASP B 95 33.35 13.03 -7.31
C ASP B 95 32.32 13.71 -6.42
N CYS B 96 31.35 14.43 -7.02
CA CYS B 96 30.31 15.09 -6.26
C CYS B 96 29.33 14.07 -5.70
N VAL B 97 28.98 13.06 -6.51
CA VAL B 97 28.13 12.00 -6.02
C VAL B 97 28.82 11.31 -4.83
N LEU B 98 30.10 10.98 -4.99
CA LEU B 98 30.80 10.23 -3.94
C LEU B 98 30.90 11.06 -2.66
N GLU B 99 31.00 12.38 -2.78
CA GLU B 99 31.09 13.23 -1.62
C GLU B 99 29.79 13.13 -0.83
N LEU B 100 28.65 13.14 -1.55
CA LEU B 100 27.34 13.12 -0.93
C LEU B 100 27.12 11.78 -0.23
N ILE B 101 27.53 10.70 -0.87
CA ILE B 101 27.31 9.37 -0.33
C ILE B 101 28.20 9.17 0.90
N GLU B 102 29.44 9.68 0.84
CA GLU B 102 30.32 9.68 1.99
C GLU B 102 29.73 10.51 3.14
N GLY B 103 29.24 11.71 2.83
CA GLY B 103 28.52 12.53 3.81
C GLY B 103 27.38 11.77 4.47
N LEU B 104 26.66 10.97 3.68
CA LEU B 104 25.55 10.20 4.21
C LEU B 104 26.05 9.06 5.12
N ASP B 105 27.16 8.42 4.72
CA ASP B 105 27.80 7.38 5.52
C ASP B 105 28.22 7.93 6.89
N ARG B 106 28.89 9.09 6.87
CA ARG B 106 29.27 9.81 8.07
C ARG B 106 28.05 10.09 8.95
N SER B 107 26.93 10.52 8.35
CA SER B 107 25.76 10.92 9.12
C SER B 107 25.03 9.71 9.68
N HIS B 108 25.31 8.52 9.15
CA HIS B 108 24.62 7.30 9.56
C HIS B 108 25.64 6.19 9.80
N PRO B 109 26.46 6.30 10.86
CA PRO B 109 27.49 5.29 11.15
C PRO B 109 26.93 3.88 11.24
N GLY B 110 27.46 2.97 10.43
CA GLY B 110 27.07 1.57 10.48
C GLY B 110 25.86 1.24 9.62
N LEU B 111 25.16 2.24 9.09
CA LEU B 111 23.97 1.99 8.28
C LEU B 111 24.31 1.21 7.00
N PHE B 112 25.32 1.63 6.23
CA PHE B 112 25.65 0.92 5.00
C PHE B 112 26.04 -0.53 5.31
N GLU B 113 26.92 -0.72 6.30
CA GLU B 113 27.36 -2.04 6.71
C GLU B 113 26.16 -2.94 7.04
N THR B 114 25.19 -2.44 7.83
CA THR B 114 24.06 -3.26 8.23
C THR B 114 23.19 -3.62 7.03
N ALA B 115 22.81 -2.59 6.26
CA ALA B 115 22.00 -2.79 5.08
C ALA B 115 22.70 -3.80 4.17
N CYS B 116 24.02 -3.71 4.05
CA CYS B 116 24.75 -4.67 3.23
C CYS B 116 24.62 -6.08 3.81
N GLN B 117 24.75 -6.23 5.14
CA GLN B 117 24.72 -7.56 5.75
C GLN B 117 23.33 -8.17 5.59
N GLU B 118 22.27 -7.35 5.69
CA GLU B 118 20.93 -7.85 5.44
C GLU B 118 20.75 -8.32 4.00
N THR B 119 21.44 -7.65 3.06
CA THR B 119 21.29 -8.00 1.66
C THR B 119 22.02 -9.32 1.41
N ILE B 120 23.23 -9.47 1.96
CA ILE B 120 23.96 -10.72 1.86
C ILE B 120 23.11 -11.88 2.37
N ASP B 121 22.47 -11.70 3.54
CA ASP B 121 21.63 -12.75 4.10
C ASP B 121 20.51 -13.07 3.11
N ALA B 122 19.92 -12.05 2.50
CA ALA B 122 18.82 -12.24 1.56
C ALA B 122 19.32 -12.99 0.31
N ILE B 123 20.47 -12.58 -0.22
CA ILE B 123 21.06 -13.25 -1.37
C ILE B 123 21.17 -14.75 -1.12
N GLN B 124 21.68 -15.12 0.05
CA GLN B 124 21.81 -16.51 0.41
C GLN B 124 20.44 -17.20 0.49
N GLN B 125 19.43 -16.54 1.05
CA GLN B 125 18.15 -17.20 1.32
C GLN B 125 17.19 -17.18 0.12
N THR B 126 17.40 -16.30 -0.86
CA THR B 126 16.33 -16.06 -1.82
C THR B 126 16.26 -17.18 -2.85
N ARG B 127 15.02 -17.60 -3.12
CA ARG B 127 14.70 -18.69 -4.03
C ARG B 127 14.49 -18.15 -5.44
N VAL B 128 14.68 -19.01 -6.43
CA VAL B 128 14.48 -18.61 -7.82
C VAL B 128 13.08 -18.02 -8.00
N ASP B 129 12.07 -18.65 -7.37
CA ASP B 129 10.66 -18.32 -7.58
C ASP B 129 10.30 -16.90 -7.13
N LYS B 130 11.17 -16.21 -6.38
CA LYS B 130 10.94 -14.81 -6.08
C LYS B 130 10.63 -14.00 -7.35
N LEU B 131 11.28 -14.37 -8.45
CA LEU B 131 11.08 -13.71 -9.73
C LEU B 131 9.72 -14.01 -10.35
N THR B 132 8.93 -14.95 -9.79
CA THR B 132 7.56 -15.18 -10.26
C THR B 132 6.66 -13.98 -9.92
N GLN B 133 7.11 -13.12 -9.00
CA GLN B 133 6.38 -11.91 -8.65
C GLN B 133 6.78 -10.83 -9.65
N GLY B 134 5.79 -10.06 -10.13
CA GLY B 134 6.04 -9.05 -11.14
C GLY B 134 4.88 -9.03 -12.13
N ARG B 135 4.86 -8.03 -13.01
CA ARG B 135 3.83 -7.91 -14.03
C ARG B 135 4.45 -8.22 -15.39
N GLN B 136 3.96 -7.56 -16.45
CA GLN B 136 4.43 -7.87 -17.79
C GLN B 136 5.94 -7.63 -17.87
N THR B 137 6.63 -8.61 -18.47
CA THR B 137 8.07 -8.72 -18.49
C THR B 137 8.48 -8.99 -19.93
N TYR B 138 9.53 -8.32 -20.41
CA TYR B 138 9.99 -8.63 -21.75
C TYR B 138 10.59 -10.04 -21.68
N ASP B 139 10.18 -10.86 -22.63
CA ASP B 139 10.61 -12.24 -22.73
C ASP B 139 11.46 -12.36 -23.99
N TRP B 140 12.79 -12.37 -23.78
CA TRP B 140 13.73 -12.47 -24.88
C TRP B 140 13.56 -13.76 -25.69
N THR B 141 12.98 -14.83 -25.12
CA THR B 141 12.84 -16.08 -25.84
C THR B 141 11.75 -15.93 -26.90
N LEU B 142 10.81 -15.03 -26.67
CA LEU B 142 9.71 -14.82 -27.60
C LEU B 142 9.83 -13.47 -28.29
N ASN B 143 10.70 -12.59 -27.78
CA ASN B 143 10.76 -11.21 -28.25
C ASN B 143 9.37 -10.59 -28.13
N ARG B 144 8.75 -10.77 -26.96
CA ARG B 144 7.38 -10.36 -26.66
C ARG B 144 7.27 -10.20 -25.15
N ASN B 145 6.27 -9.43 -24.68
CA ASN B 145 6.00 -9.36 -23.26
C ASN B 145 5.26 -10.61 -22.81
N GLN B 146 5.52 -11.04 -21.56
CA GLN B 146 4.82 -12.15 -20.92
C GLN B 146 4.69 -11.87 -19.44
N PRO B 147 3.74 -12.52 -18.72
CA PRO B 147 3.74 -12.51 -17.25
C PRO B 147 5.07 -12.99 -16.70
N ALA B 148 5.45 -12.45 -15.54
CA ALA B 148 6.76 -12.65 -14.98
C ALA B 148 7.09 -14.13 -14.87
N ALA B 149 6.17 -14.92 -14.30
CA ALA B 149 6.43 -16.32 -14.04
C ALA B 149 6.67 -17.09 -15.34
N THR B 150 5.85 -16.80 -16.35
CA THR B 150 5.99 -17.43 -17.65
C THR B 150 7.34 -17.06 -18.26
N ALA B 151 7.72 -15.77 -18.12
CA ALA B 151 9.00 -15.31 -18.64
C ALA B 151 10.13 -16.01 -17.92
N LEU B 152 9.95 -16.23 -16.62
CA LEU B 152 10.99 -16.90 -15.85
C LEU B 152 11.11 -18.34 -16.32
N ALA B 153 9.97 -19.01 -16.45
CA ALA B 153 9.93 -20.39 -16.87
C ALA B 153 10.67 -20.53 -18.20
N ASN B 154 10.32 -19.67 -19.16
CA ASN B 154 10.89 -19.71 -20.48
C ASN B 154 12.41 -19.54 -20.44
N THR B 155 12.90 -18.60 -19.65
CA THR B 155 14.35 -18.37 -19.60
C THR B 155 15.04 -19.61 -19.02
N ILE B 156 14.50 -20.14 -17.91
CA ILE B 156 15.05 -21.33 -17.26
C ILE B 156 15.14 -22.47 -18.27
N GLU B 157 14.04 -22.74 -18.97
CA GLU B 157 13.97 -23.82 -19.92
C GLU B 157 15.01 -23.65 -21.02
N VAL B 158 15.05 -22.45 -21.64
CA VAL B 158 15.97 -22.24 -22.76
C VAL B 158 17.41 -22.32 -22.27
N PHE B 159 17.68 -21.79 -21.07
CA PHE B 159 18.97 -21.93 -20.44
C PHE B 159 19.38 -23.40 -20.38
N ARG B 160 18.53 -24.25 -19.79
CA ARG B 160 18.95 -25.62 -19.51
C ARG B 160 19.22 -26.36 -20.83
N LYS B 161 18.43 -26.05 -21.87
CA LYS B 161 18.62 -26.66 -23.17
C LYS B 161 19.96 -26.24 -23.78
N ASN B 162 20.46 -25.07 -23.38
CA ASN B 162 21.72 -24.56 -23.90
C ASN B 162 22.85 -24.81 -22.92
N GLY B 163 22.56 -25.53 -21.82
CA GLY B 163 23.57 -26.03 -20.89
C GLY B 163 23.80 -25.16 -19.65
N TYR B 164 22.86 -24.26 -19.30
CA TYR B 164 23.01 -23.48 -18.08
C TYR B 164 21.95 -23.94 -17.08
N LYS B 165 22.39 -24.55 -15.96
CA LYS B 165 21.44 -25.11 -15.02
C LYS B 165 21.95 -25.06 -13.59
N LEU B 166 22.88 -24.16 -13.28
CA LEU B 166 23.20 -23.92 -11.88
C LEU B 166 21.93 -23.62 -11.09
N ASN B 167 20.88 -23.13 -11.77
CA ASN B 167 19.65 -22.72 -11.10
C ASN B 167 18.85 -23.93 -10.60
N GLU B 168 19.22 -25.16 -11.00
CA GLU B 168 18.64 -26.36 -10.43
C GLU B 168 18.77 -26.40 -8.91
N SER B 169 19.72 -25.65 -8.33
CA SER B 169 19.84 -25.56 -6.88
C SER B 169 18.54 -25.03 -6.28
N GLY B 170 17.82 -24.21 -7.05
CA GLY B 170 16.65 -23.53 -6.53
C GLY B 170 16.99 -22.17 -5.92
N ARG B 171 18.27 -21.77 -5.86
CA ARG B 171 18.61 -20.47 -5.29
C ARG B 171 18.74 -19.41 -6.40
N LEU B 172 18.28 -18.19 -6.09
CA LEU B 172 18.24 -17.08 -7.03
C LEU B 172 19.66 -16.80 -7.51
N ILE B 173 20.63 -16.69 -6.57
CA ILE B 173 21.97 -16.32 -6.96
C ILE B 173 22.54 -17.31 -8.00
N ASP B 174 22.12 -18.58 -7.98
CA ASP B 174 22.64 -19.51 -8.96
C ASP B 174 22.06 -19.23 -10.35
N PHE B 175 20.81 -18.77 -10.40
CA PHE B 175 20.21 -18.30 -11.64
C PHE B 175 20.95 -17.07 -12.16
N LEU B 176 21.34 -16.16 -11.25
CA LEU B 176 22.10 -14.99 -11.64
C LEU B 176 23.44 -15.40 -12.26
N LYS B 177 24.02 -16.51 -11.74
CA LYS B 177 25.29 -17.00 -12.23
C LYS B 177 25.10 -17.51 -13.65
N ASP B 178 24.03 -18.30 -13.83
CA ASP B 178 23.63 -18.75 -15.14
C ASP B 178 23.51 -17.58 -16.13
N VAL B 179 22.89 -16.47 -15.70
CA VAL B 179 22.65 -15.34 -16.58
C VAL B 179 23.97 -14.84 -17.15
N LEU B 180 24.94 -14.57 -16.30
CA LEU B 180 26.21 -14.02 -16.73
C LEU B 180 26.98 -15.00 -17.63
N LEU B 181 26.92 -16.29 -17.25
CA LEU B 181 27.60 -17.34 -17.99
C LEU B 181 26.96 -17.55 -19.36
N SER B 182 25.64 -17.28 -19.48
CA SER B 182 24.90 -17.38 -20.74
C SER B 182 25.50 -16.49 -21.83
N PHE B 183 26.09 -15.35 -21.44
CA PHE B 183 26.65 -14.41 -22.39
C PHE B 183 27.90 -14.93 -23.07
N GLU B 184 28.46 -16.06 -22.63
CA GLU B 184 29.63 -16.62 -23.27
C GLU B 184 29.26 -17.53 -24.44
N ASN B 185 28.00 -18.00 -24.46
CA ASN B 185 27.55 -18.95 -25.47
C ASN B 185 27.80 -18.39 -26.87
N ASP B 186 28.32 -19.24 -27.78
CA ASP B 186 28.52 -18.83 -29.17
C ASP B 186 27.18 -18.58 -29.87
N SER B 187 26.14 -19.30 -29.45
CA SER B 187 24.96 -19.46 -30.28
C SER B 187 23.78 -19.99 -29.48
N MET B 188 23.07 -19.09 -28.79
CA MET B 188 21.92 -19.47 -27.98
C MET B 188 20.80 -19.94 -28.89
N GLU B 189 20.27 -21.14 -28.61
CA GLU B 189 19.21 -21.73 -29.40
C GLU B 189 17.84 -21.58 -28.72
N VAL B 190 16.88 -21.08 -29.50
CA VAL B 190 15.48 -20.91 -29.11
C VAL B 190 14.63 -21.55 -30.20
N THR B 191 13.29 -21.57 -30.01
CA THR B 191 12.37 -22.10 -31.01
C THR B 191 11.25 -21.09 -31.28
N THR B 192 11.07 -20.73 -32.55
CA THR B 192 9.91 -19.98 -33.03
C THR B 192 8.85 -20.94 -33.57
N HIS B 193 7.63 -20.42 -33.71
CA HIS B 193 6.55 -21.08 -34.41
C HIS B 193 6.32 -20.34 -35.72
N PHE B 194 6.74 -20.94 -36.85
CA PHE B 194 6.73 -20.28 -38.15
C PHE B 194 5.30 -19.97 -38.58
N GLN B 195 5.15 -18.88 -39.35
CA GLN B 195 3.86 -18.39 -39.83
C GLN B 195 3.94 -18.16 -41.33
N GLY B 215 3.15 -25.43 -35.94
CA GLY B 215 4.49 -25.23 -36.51
C GLY B 215 5.51 -24.82 -35.44
N LYS B 216 6.76 -25.27 -35.60
CA LYS B 216 7.83 -24.92 -34.67
C LYS B 216 9.19 -25.17 -35.34
N LYS B 217 10.19 -24.40 -34.92
CA LYS B 217 11.44 -24.29 -35.67
C LYS B 217 12.56 -23.80 -34.76
N ARG B 218 13.75 -24.39 -34.90
CA ARG B 218 14.91 -24.04 -34.10
C ARG B 218 15.62 -22.85 -34.72
N VAL B 219 15.87 -21.84 -33.88
CA VAL B 219 16.55 -20.62 -34.26
C VAL B 219 17.82 -20.51 -33.43
N LYS B 220 18.94 -20.20 -34.07
CA LYS B 220 20.18 -19.96 -33.36
C LYS B 220 20.47 -18.46 -33.39
N LEU B 221 20.55 -17.87 -32.20
CA LEU B 221 20.92 -16.48 -32.05
C LEU B 221 22.44 -16.37 -32.08
N THR B 222 22.96 -15.33 -32.75
CA THR B 222 24.36 -14.97 -32.62
C THR B 222 24.59 -14.53 -31.18
N LYS B 223 25.83 -14.61 -30.72
CA LYS B 223 26.15 -14.12 -29.39
C LYS B 223 25.63 -12.69 -29.24
N LYS B 224 25.84 -11.89 -30.29
CA LYS B 224 25.40 -10.50 -30.32
C LYS B 224 23.88 -10.37 -30.22
N ASN B 225 23.13 -11.10 -31.06
CA ASN B 225 21.67 -11.07 -31.02
C ASN B 225 21.23 -11.28 -29.57
N TYR B 226 21.72 -12.37 -28.96
CA TYR B 226 21.30 -12.78 -27.62
C TYR B 226 21.61 -11.68 -26.62
N LEU B 227 22.80 -11.10 -26.71
CA LEU B 227 23.19 -10.10 -25.74
C LEU B 227 22.31 -8.85 -25.86
N ILE B 228 21.96 -8.46 -27.11
CA ILE B 228 21.08 -7.34 -27.31
C ILE B 228 19.70 -7.61 -26.72
N ARG B 229 19.19 -8.84 -26.88
CA ARG B 229 17.91 -9.18 -26.30
C ARG B 229 17.99 -9.17 -24.76
N ALA B 230 19.09 -9.69 -24.21
CA ALA B 230 19.26 -9.72 -22.77
C ALA B 230 19.23 -8.32 -22.15
N LEU B 231 19.65 -7.32 -22.94
CA LEU B 231 19.84 -5.97 -22.47
C LEU B 231 18.66 -5.10 -22.90
N THR B 232 17.60 -5.73 -23.41
CA THR B 232 16.50 -5.00 -24.02
C THR B 232 15.49 -4.56 -22.96
N LEU B 233 15.01 -3.32 -23.06
CA LEU B 233 13.75 -2.90 -22.44
C LEU B 233 12.66 -2.90 -23.51
N ASN B 234 11.51 -3.52 -23.22
CA ASN B 234 10.35 -3.28 -24.06
C ASN B 234 9.73 -1.94 -23.66
N THR B 235 9.11 -1.25 -24.62
CA THR B 235 8.47 0.04 -24.35
C THR B 235 7.03 0.02 -24.82
N MET B 236 6.19 0.83 -24.14
CA MET B 236 4.78 0.95 -24.46
C MET B 236 4.33 2.31 -23.90
N THR B 237 3.10 2.75 -24.19
CA THR B 237 2.68 4.03 -23.64
C THR B 237 1.88 3.82 -22.35
N LYS B 238 1.97 4.80 -21.44
CA LYS B 238 1.25 4.74 -20.17
C LYS B 238 -0.15 5.28 -20.34
N ASP B 239 -1.15 4.42 -20.09
CA ASP B 239 -2.55 4.78 -20.14
C ASP B 239 -3.09 5.16 -18.76
N ALA B 240 -4.19 5.94 -18.78
CA ALA B 240 -5.05 6.20 -17.63
C ALA B 240 -4.34 7.03 -16.57
N GLU B 241 -3.31 7.76 -16.97
CA GLU B 241 -2.63 8.69 -16.08
C GLU B 241 -3.38 10.02 -16.04
N ARG B 242 -3.51 10.57 -14.84
CA ARG B 242 -4.27 11.78 -14.59
C ARG B 242 -3.34 12.97 -14.67
N GLY B 243 -3.93 14.14 -14.85
CA GLY B 243 -3.25 15.39 -14.58
C GLY B 243 -2.37 15.88 -15.72
N LYS B 244 -2.51 15.30 -16.92
CA LYS B 244 -1.57 15.59 -18.00
C LYS B 244 -2.27 15.60 -19.36
N LEU B 245 -1.93 16.60 -20.17
CA LEU B 245 -2.44 16.68 -21.54
C LEU B 245 -1.90 15.57 -22.42
N LYS B 246 -0.58 15.32 -22.34
CA LYS B 246 0.11 14.44 -23.29
C LYS B 246 0.49 13.12 -22.63
N ARG B 247 0.53 12.09 -23.49
CA ARG B 247 0.87 10.73 -23.12
C ARG B 247 2.39 10.61 -23.03
N ARG B 248 2.88 9.55 -22.36
CA ARG B 248 4.32 9.29 -22.26
C ARG B 248 4.58 7.79 -22.38
N ALA B 249 5.82 7.45 -22.72
CA ALA B 249 6.26 6.07 -22.89
C ALA B 249 6.77 5.55 -21.56
N ILE B 250 6.60 4.24 -21.32
CA ILE B 250 7.22 3.53 -20.21
C ILE B 250 7.92 2.29 -20.77
N ALA B 251 8.65 1.60 -19.89
CA ALA B 251 9.45 0.47 -20.29
C ALA B 251 9.34 -0.68 -19.30
N THR B 252 9.65 -1.88 -19.80
N THR B 252 9.63 -1.90 -19.78
CA THR B 252 9.62 -3.14 -19.07
CA THR B 252 9.62 -3.10 -18.96
C THR B 252 10.92 -3.87 -19.33
C THR B 252 10.87 -3.90 -19.30
N PRO B 253 11.72 -4.22 -18.31
CA PRO B 253 12.93 -5.01 -18.56
C PRO B 253 12.66 -6.52 -18.61
N GLY B 254 13.67 -7.26 -19.09
CA GLY B 254 13.57 -8.70 -19.19
C GLY B 254 14.12 -9.40 -17.96
N MET B 255 14.25 -10.72 -18.08
CA MET B 255 14.50 -11.63 -16.97
C MET B 255 15.97 -11.58 -16.57
N GLN B 256 16.87 -11.36 -17.53
CA GLN B 256 18.30 -11.32 -17.23
C GLN B 256 18.62 -10.24 -16.20
N ILE B 257 17.91 -9.11 -16.26
CA ILE B 257 18.26 -8.00 -15.40
C ILE B 257 17.49 -8.05 -14.08
N ARG B 258 16.31 -8.68 -14.08
CA ARG B 258 15.32 -8.45 -13.03
C ARG B 258 15.84 -8.89 -11.67
N GLY B 259 16.57 -10.01 -11.63
CA GLY B 259 17.02 -10.57 -10.39
C GLY B 259 18.11 -9.71 -9.75
N PHE B 260 18.90 -9.06 -10.61
CA PHE B 260 19.96 -8.15 -10.17
C PHE B 260 19.37 -6.83 -9.65
N VAL B 261 18.30 -6.35 -10.29
CA VAL B 261 17.62 -5.15 -9.84
C VAL B 261 17.04 -5.44 -8.46
N TYR B 262 16.45 -6.63 -8.32
CA TYR B 262 15.85 -7.05 -7.07
C TYR B 262 16.76 -6.73 -5.89
N PHE B 263 18.03 -7.14 -6.00
CA PHE B 263 18.95 -7.09 -4.86
C PHE B 263 19.48 -5.68 -4.65
N VAL B 264 19.71 -4.93 -5.73
CA VAL B 264 20.15 -3.56 -5.60
C VAL B 264 19.10 -2.77 -4.84
N GLU B 265 17.83 -2.96 -5.21
CA GLU B 265 16.74 -2.19 -4.63
C GLU B 265 16.49 -2.64 -3.20
N LEU B 266 16.77 -3.91 -2.89
CA LEU B 266 16.64 -4.39 -1.53
C LEU B 266 17.67 -3.69 -0.66
N LEU B 267 18.90 -3.61 -1.16
CA LEU B 267 19.93 -2.87 -0.44
C LEU B 267 19.46 -1.45 -0.20
N ALA B 268 19.01 -0.76 -1.26
CA ALA B 268 18.64 0.63 -1.17
C ALA B 268 17.43 0.80 -0.24
N ARG B 269 16.47 -0.11 -0.31
CA ARG B 269 15.32 -0.14 0.59
C ARG B 269 15.76 -0.21 2.05
N ASN B 270 16.65 -1.16 2.38
CA ASN B 270 17.16 -1.29 3.73
C ASN B 270 17.70 0.06 4.18
N ILE B 271 18.37 0.80 3.29
CA ILE B 271 18.93 2.07 3.69
C ILE B 271 17.80 3.10 3.86
N CYS B 272 16.88 3.18 2.90
CA CYS B 272 15.83 4.19 2.90
C CYS B 272 14.95 4.10 4.16
N GLU B 273 14.75 2.89 4.66
CA GLU B 273 13.96 2.65 5.86
C GLU B 273 14.56 3.32 7.09
N ARG B 274 15.88 3.51 7.12
CA ARG B 274 16.56 4.13 8.24
C ARG B 274 16.89 5.60 7.95
N LEU B 275 16.34 6.16 6.89
CA LEU B 275 16.59 7.55 6.57
C LEU B 275 15.29 8.31 6.89
N GLU B 276 15.35 9.31 7.76
CA GLU B 276 14.13 9.98 8.16
C GLU B 276 13.65 10.91 7.05
N GLN B 277 14.50 11.15 6.05
CA GLN B 277 14.14 12.02 4.94
C GLN B 277 13.62 11.24 3.76
N SER B 278 13.52 9.92 3.89
CA SER B 278 12.99 9.10 2.83
C SER B 278 11.47 8.99 2.94
N GLY B 279 10.78 9.31 1.85
CA GLY B 279 9.36 9.05 1.70
C GLY B 279 9.11 7.57 1.37
N LEU B 280 10.11 6.91 0.80
CA LEU B 280 9.98 5.50 0.51
C LEU B 280 10.61 4.67 1.63
N PRO B 281 10.15 3.42 1.88
CA PRO B 281 8.95 2.88 1.24
C PRO B 281 7.62 3.02 1.99
N VAL B 282 7.53 3.95 2.94
CA VAL B 282 6.34 4.06 3.78
C VAL B 282 5.16 4.59 2.95
N GLY B 283 3.95 4.18 3.34
CA GLY B 283 2.72 4.55 2.65
C GLY B 283 2.13 5.86 3.19
N GLY B 284 0.85 6.10 2.88
CA GLY B 284 0.20 7.40 3.03
C GLY B 284 0.28 7.95 4.46
N ASN B 285 -0.33 7.27 5.43
CA ASN B 285 -0.37 7.79 6.79
C ASN B 285 1.06 7.98 7.33
N GLU B 286 1.94 7.02 7.07
CA GLU B 286 3.29 7.05 7.63
C GLU B 286 4.13 8.13 6.94
N LYS B 287 3.99 8.27 5.62
CA LYS B 287 4.59 9.40 4.91
C LYS B 287 4.16 10.72 5.55
N LYS B 288 2.89 10.79 5.98
CA LYS B 288 2.35 12.03 6.53
C LYS B 288 2.98 12.29 7.90
N ALA B 289 2.99 11.26 8.74
CA ALA B 289 3.70 11.29 10.00
C ALA B 289 5.15 11.79 9.81
N LYS B 290 5.88 11.25 8.82
CA LYS B 290 7.28 11.58 8.65
C LYS B 290 7.46 13.02 8.19
N LEU B 291 6.57 13.51 7.33
CA LEU B 291 6.65 14.91 6.95
C LEU B 291 6.45 15.81 8.17
N ALA B 292 5.50 15.44 9.03
CA ALA B 292 5.14 16.28 10.18
C ALA B 292 6.34 16.35 11.13
N ASN B 293 6.87 15.16 11.46
CA ASN B 293 8.11 15.00 12.20
C ASN B 293 9.22 15.93 11.72
N VAL B 294 9.43 16.01 10.40
CA VAL B 294 10.59 16.71 9.85
C VAL B 294 10.37 18.21 9.99
N ILE B 295 9.14 18.67 9.78
CA ILE B 295 8.84 20.06 10.10
C ILE B 295 9.15 20.29 11.58
N LYS B 296 8.67 19.39 12.44
CA LYS B 296 8.79 19.58 13.88
C LYS B 296 10.26 19.62 14.26
N LYS B 297 11.01 18.60 13.84
CA LYS B 297 12.46 18.53 13.98
C LYS B 297 13.09 19.85 13.56
N MET B 298 12.79 20.27 12.32
CA MET B 298 13.39 21.45 11.74
C MET B 298 13.13 22.65 12.64
N MET B 299 11.85 22.83 12.96
CA MET B 299 11.42 24.02 13.68
C MET B 299 12.13 24.07 15.03
N ALA B 300 12.26 22.92 15.70
CA ALA B 300 12.91 22.89 16.99
C ALA B 300 14.37 23.30 16.86
N LYS B 301 15.03 22.86 15.77
CA LYS B 301 16.45 23.03 15.61
C LYS B 301 16.79 24.45 15.19
N SER B 302 15.80 25.22 14.72
CA SER B 302 16.06 26.58 14.29
C SER B 302 16.01 27.54 15.49
N THR B 303 16.47 28.77 15.26
CA THR B 303 16.36 29.82 16.25
C THR B 303 15.13 30.64 15.89
N ASP B 304 14.63 31.38 16.87
CA ASP B 304 13.43 32.17 16.68
C ASP B 304 13.67 33.27 15.64
N GLU B 305 14.92 33.69 15.44
CA GLU B 305 15.18 34.80 14.52
C GLU B 305 15.25 34.36 13.05
N GLU B 306 15.36 33.05 12.77
CA GLU B 306 15.43 32.55 11.40
C GLU B 306 14.07 32.59 10.70
N LEU B 307 14.10 32.98 9.42
CA LEU B 307 13.05 32.71 8.45
C LEU B 307 13.06 31.22 8.11
N SER B 308 11.89 30.69 7.71
CA SER B 308 11.77 29.34 7.19
C SER B 308 10.85 29.33 5.96
N TYR B 309 11.34 28.76 4.84
CA TYR B 309 10.57 28.61 3.62
C TYR B 309 10.55 27.15 3.20
N THR B 310 9.46 26.77 2.51
CA THR B 310 9.30 25.44 1.99
C THR B 310 9.15 25.53 0.46
N ILE B 311 9.98 24.75 -0.24
CA ILE B 311 9.80 24.49 -1.66
C ILE B 311 8.92 23.26 -1.83
N THR B 312 7.76 23.47 -2.45
CA THR B 312 6.98 22.37 -3.00
C THR B 312 7.66 21.99 -4.32
N GLY B 313 8.38 20.85 -4.32
CA GLY B 313 9.38 20.60 -5.33
C GLY B 313 9.06 19.41 -6.22
N ASP B 314 9.34 19.56 -7.52
CA ASP B 314 9.26 18.49 -8.49
C ASP B 314 10.55 18.49 -9.31
N ASN B 315 11.07 17.29 -9.59
CA ASN B 315 12.18 17.15 -10.52
C ASN B 315 11.65 16.89 -11.93
N THR B 316 12.20 17.63 -12.92
CA THR B 316 11.89 17.52 -14.34
C THR B 316 12.92 16.58 -14.99
N LYS B 317 12.42 15.62 -15.77
CA LYS B 317 13.27 14.69 -16.51
C LYS B 317 14.15 13.88 -15.56
N TRP B 318 13.55 13.38 -14.49
CA TRP B 318 14.18 12.46 -13.55
C TRP B 318 14.74 11.22 -14.24
N ASN B 319 13.84 10.43 -14.84
CA ASN B 319 14.20 9.20 -15.51
C ASN B 319 15.24 9.48 -16.60
N GLU B 320 15.06 10.56 -17.36
CA GLU B 320 15.90 10.82 -18.52
C GLU B 320 17.27 11.38 -18.18
N ASN B 321 17.52 11.79 -16.92
CA ASN B 321 18.79 12.42 -16.56
C ASN B 321 19.56 11.62 -15.50
N GLN B 322 18.96 10.63 -14.84
CA GLN B 322 19.78 9.80 -13.98
C GLN B 322 20.62 8.88 -14.89
N ASN B 323 21.79 8.45 -14.38
CA ASN B 323 22.76 7.74 -15.20
C ASN B 323 23.19 6.43 -14.54
N PRO B 324 23.15 5.30 -15.28
CA PRO B 324 23.67 4.02 -14.79
C PRO B 324 25.09 4.04 -14.22
N ARG B 325 25.96 4.86 -14.83
CA ARG B 325 27.35 4.92 -14.42
C ARG B 325 27.43 5.50 -13.00
N ILE B 326 26.59 6.49 -12.72
CA ILE B 326 26.49 7.12 -11.41
C ILE B 326 25.97 6.12 -10.38
N PHE B 327 25.02 5.26 -10.77
CA PHE B 327 24.48 4.30 -9.83
C PHE B 327 25.50 3.20 -9.55
N LEU B 328 26.33 2.91 -10.57
CA LEU B 328 27.45 2.00 -10.38
C LEU B 328 28.37 2.56 -9.29
N ALA B 329 28.72 3.86 -9.40
CA ALA B 329 29.53 4.51 -8.37
C ALA B 329 28.86 4.43 -6.98
N MET B 330 27.54 4.66 -6.92
CA MET B 330 26.81 4.64 -5.65
C MET B 330 26.88 3.27 -5.00
N VAL B 331 26.68 2.23 -5.80
CA VAL B 331 26.67 0.87 -5.31
C VAL B 331 28.06 0.46 -4.80
N LEU B 332 29.12 0.82 -5.55
CA LEU B 332 30.48 0.51 -5.13
C LEU B 332 30.82 1.22 -3.83
N ARG B 333 30.37 2.47 -3.70
CA ARG B 333 30.68 3.25 -2.52
C ARG B 333 29.89 2.71 -1.32
N ILE B 334 28.62 2.38 -1.53
CA ILE B 334 27.77 1.98 -0.43
C ILE B 334 28.31 0.68 0.14
N THR B 335 28.82 -0.19 -0.75
CA THR B 335 29.27 -1.52 -0.39
C THR B 335 30.76 -1.53 -0.08
N ALA B 336 31.39 -0.37 0.12
CA ALA B 336 32.80 -0.33 0.42
C ALA B 336 33.11 -1.25 1.62
N GLY B 337 34.22 -1.97 1.56
CA GLY B 337 34.66 -2.81 2.65
C GLY B 337 33.98 -4.17 2.66
N GLN B 338 33.06 -4.42 1.73
CA GLN B 338 32.26 -5.64 1.76
C GLN B 338 32.95 -6.70 0.92
N PRO B 339 32.52 -7.98 0.99
CA PRO B 339 33.12 -9.00 0.13
C PRO B 339 32.91 -8.65 -1.35
N GLU B 340 33.97 -8.88 -2.14
CA GLU B 340 34.03 -8.52 -3.55
C GLU B 340 32.96 -9.27 -4.35
N TRP B 341 32.63 -10.50 -3.96
CA TRP B 341 31.61 -11.22 -4.71
C TRP B 341 30.26 -10.49 -4.64
N PHE B 342 29.96 -9.91 -3.47
CA PHE B 342 28.69 -9.25 -3.25
C PHE B 342 28.66 -7.92 -4.01
N ARG B 343 29.78 -7.19 -3.97
CA ARG B 343 29.91 -5.91 -4.62
C ARG B 343 29.71 -6.06 -6.12
N ASP B 344 30.38 -7.07 -6.70
CA ASP B 344 30.30 -7.34 -8.12
C ASP B 344 28.88 -7.75 -8.49
N LEU B 345 28.24 -8.51 -7.59
N LEU B 345 28.21 -8.48 -7.59
CA LEU B 345 26.88 -8.96 -7.82
CA LEU B 345 26.87 -8.96 -7.88
C LEU B 345 25.92 -7.77 -7.93
C LEU B 345 25.88 -7.80 -7.91
N LEU B 346 26.04 -6.83 -7.01
CA LEU B 346 25.17 -5.65 -6.97
C LEU B 346 25.48 -4.73 -8.16
N ALA B 347 26.73 -4.71 -8.63
CA ALA B 347 27.16 -3.82 -9.71
C ALA B 347 26.57 -4.24 -11.06
N VAL B 348 26.13 -5.49 -11.16
CA VAL B 348 25.60 -6.02 -12.41
C VAL B 348 24.48 -5.13 -12.94
N ALA B 349 23.47 -4.83 -12.10
CA ALA B 349 22.27 -4.15 -12.61
C ALA B 349 22.67 -2.82 -13.26
N PRO B 350 23.44 -1.97 -12.56
CA PRO B 350 23.91 -0.71 -13.14
C PRO B 350 24.66 -0.90 -14.45
N ILE B 351 25.55 -1.89 -14.52
CA ILE B 351 26.30 -2.17 -15.73
C ILE B 351 25.32 -2.54 -16.84
N MET B 352 24.38 -3.44 -16.57
CA MET B 352 23.43 -3.79 -17.61
C MET B 352 22.65 -2.58 -18.09
N PHE B 353 22.26 -1.70 -17.17
CA PHE B 353 21.51 -0.52 -17.53
C PHE B 353 22.36 0.43 -18.40
N SER B 354 23.68 0.45 -18.17
CA SER B 354 24.55 1.33 -18.93
C SER B 354 24.59 0.88 -20.40
N ASN B 355 24.28 -0.40 -20.61
CA ASN B 355 24.44 -1.07 -21.89
C ASN B 355 23.08 -1.44 -22.47
N LYS B 356 21.99 -0.81 -21.98
CA LYS B 356 20.65 -1.19 -22.36
C LYS B 356 20.30 -0.69 -23.77
N VAL B 357 19.26 -1.31 -24.33
CA VAL B 357 18.65 -0.85 -25.57
C VAL B 357 17.13 -0.88 -25.38
N ALA B 358 16.42 -0.03 -26.12
CA ALA B 358 14.97 -0.03 -26.12
C ALA B 358 14.40 -0.63 -27.42
N ARG B 359 13.46 -1.56 -27.31
CA ARG B 359 12.54 -1.88 -28.39
C ARG B 359 11.72 -0.63 -28.69
N LEU B 360 11.46 -0.37 -29.96
CA LEU B 360 10.83 0.89 -30.35
C LEU B 360 9.30 0.77 -30.46
N GLY B 361 8.70 -0.35 -30.07
CA GLY B 361 7.25 -0.40 -29.92
C GLY B 361 6.58 -1.12 -31.11
N ARG B 362 5.33 -0.78 -31.38
CA ARG B 362 4.52 -1.53 -32.34
C ARG B 362 4.69 -1.00 -33.76
N GLY B 363 5.36 0.14 -33.92
CA GLY B 363 5.58 0.73 -35.23
C GLY B 363 4.51 1.78 -35.51
N TYR B 364 3.97 1.76 -36.74
CA TYR B 364 2.96 2.73 -37.14
C TYR B 364 1.97 2.10 -38.11
N MET B 365 0.77 2.67 -38.15
CA MET B 365 -0.20 2.32 -39.16
C MET B 365 -0.15 3.42 -40.22
N PHE B 366 -0.30 2.99 -41.48
CA PHE B 366 -0.42 3.87 -42.64
C PHE B 366 -1.77 3.63 -43.33
N GLU B 367 -2.19 4.62 -44.12
CA GLU B 367 -3.48 4.61 -44.77
C GLU B 367 -3.40 5.25 -46.15
N SER B 368 -4.24 4.77 -47.08
CA SER B 368 -4.41 5.37 -48.40
C SER B 368 -5.86 5.77 -48.60
N LYS B 369 -6.12 7.07 -48.76
CA LYS B 369 -7.45 7.56 -49.01
C LYS B 369 -7.92 7.07 -50.38
N SER B 370 -7.12 7.32 -51.41
CA SER B 370 -7.50 7.00 -52.77
C SER B 370 -7.92 5.54 -52.86
N MET B 371 -7.23 4.65 -52.12
CA MET B 371 -7.42 3.21 -52.25
C MET B 371 -8.15 2.59 -51.05
N HIS B 372 -8.65 3.40 -50.13
CA HIS B 372 -9.31 2.92 -48.92
C HIS B 372 -8.62 1.68 -48.33
N LEU B 373 -7.34 1.79 -48.01
CA LEU B 373 -6.67 0.69 -47.31
C LEU B 373 -5.76 1.21 -46.19
N ARG B 374 -5.32 0.28 -45.34
CA ARG B 374 -4.51 0.60 -44.17
C ARG B 374 -3.58 -0.57 -43.91
N THR B 375 -2.39 -0.27 -43.38
CA THR B 375 -1.36 -1.29 -43.19
C THR B 375 -0.52 -0.99 -41.95
N GLN B 376 0.02 -2.06 -41.35
CA GLN B 376 0.91 -1.97 -40.19
C GLN B 376 2.36 -2.11 -40.64
N ILE B 377 3.22 -1.16 -40.27
CA ILE B 377 4.64 -1.38 -40.33
C ILE B 377 5.21 -1.57 -38.91
N SER B 378 6.34 -2.28 -38.85
N SER B 378 6.32 -2.32 -38.82
CA SER B 378 7.01 -2.60 -37.59
CA SER B 378 6.94 -2.62 -37.54
C SER B 378 7.95 -1.47 -37.19
C SER B 378 7.98 -1.56 -37.20
N ALA B 379 8.35 -1.48 -35.92
CA ALA B 379 9.35 -0.56 -35.44
C ALA B 379 10.69 -0.91 -36.05
N GLU B 380 10.93 -2.21 -36.23
CA GLU B 380 12.14 -2.69 -36.89
C GLU B 380 12.23 -2.18 -38.33
N ASN B 381 11.08 -2.09 -39.04
CA ASN B 381 11.05 -1.54 -40.40
C ASN B 381 11.71 -0.16 -40.45
N LEU B 382 11.72 0.59 -39.33
CA LEU B 382 12.14 1.97 -39.34
C LEU B 382 13.62 2.14 -39.68
N SER B 383 14.43 1.08 -39.56
CA SER B 383 15.84 1.14 -39.91
C SER B 383 16.04 1.48 -41.38
N ASP B 384 15.18 1.01 -42.28
CA ASP B 384 15.45 1.17 -43.71
C ASP B 384 14.22 1.54 -44.52
N ILE B 385 13.04 1.69 -43.89
CA ILE B 385 11.85 2.08 -44.63
C ILE B 385 12.06 3.43 -45.31
N ASN B 386 11.46 3.60 -46.48
CA ASN B 386 11.44 4.86 -47.20
C ASN B 386 10.74 5.87 -46.29
N LEU B 387 11.22 7.11 -46.24
CA LEU B 387 10.73 8.09 -45.28
C LEU B 387 9.57 8.90 -45.84
N ARG B 388 9.10 8.55 -47.06
CA ARG B 388 8.07 9.35 -47.74
C ARG B 388 6.72 9.24 -47.01
N TYR B 389 6.53 8.14 -46.26
CA TYR B 389 5.25 7.84 -45.66
C TYR B 389 4.93 8.72 -44.46
N PHE B 390 5.90 9.48 -43.94
CA PHE B 390 5.80 10.02 -42.58
C PHE B 390 5.59 11.51 -42.57
N ASN B 391 4.86 12.00 -41.58
CA ASN B 391 4.83 13.42 -41.28
C ASN B 391 6.22 13.94 -40.90
N GLU B 392 6.39 15.26 -41.01
CA GLU B 392 7.70 15.87 -40.88
C GLU B 392 8.32 15.53 -39.52
N ASP B 393 7.51 15.64 -38.46
CA ASP B 393 7.96 15.39 -37.10
C ASP B 393 8.50 13.97 -36.97
N THR B 394 7.73 13.00 -37.46
CA THR B 394 8.07 11.60 -37.28
C THR B 394 9.33 11.28 -38.09
N LYS B 395 9.42 11.88 -39.28
CA LYS B 395 10.54 11.62 -40.15
C LYS B 395 11.83 12.12 -39.51
N LYS B 396 11.78 13.27 -38.84
CA LYS B 396 12.95 13.81 -38.15
C LYS B 396 13.35 12.92 -36.98
N LYS B 397 12.36 12.35 -36.29
CA LYS B 397 12.62 11.41 -35.22
C LYS B 397 13.38 10.20 -35.74
N ILE B 398 12.88 9.64 -36.84
CA ILE B 398 13.47 8.42 -37.36
C ILE B 398 14.91 8.72 -37.78
N GLU B 399 15.15 9.91 -38.35
CA GLU B 399 16.48 10.25 -38.83
C GLU B 399 17.47 10.32 -37.66
N LYS B 400 17.04 10.92 -36.55
CA LYS B 400 17.88 11.01 -35.36
C LYS B 400 18.10 9.63 -34.73
N ILE B 401 17.09 8.76 -34.81
CA ILE B 401 17.12 7.47 -34.13
C ILE B 401 18.04 6.52 -34.90
N ARG B 402 18.12 6.66 -36.23
CA ARG B 402 18.82 5.71 -37.07
C ARG B 402 20.25 5.45 -36.59
N HIS B 403 20.98 6.49 -36.18
N HIS B 403 20.92 6.52 -36.16
CA HIS B 403 22.37 6.29 -35.78
CA HIS B 403 22.30 6.46 -35.72
C HIS B 403 22.45 5.43 -34.52
C HIS B 403 22.46 5.62 -34.46
N LEU B 404 21.34 5.33 -33.78
CA LEU B 404 21.33 4.56 -32.54
C LEU B 404 20.86 3.13 -32.74
N MET B 405 20.34 2.78 -33.92
CA MET B 405 19.61 1.52 -34.05
C MET B 405 20.58 0.35 -34.21
N VAL B 406 20.29 -0.74 -33.50
CA VAL B 406 21.09 -1.93 -33.58
C VAL B 406 20.17 -3.13 -33.41
N GLU B 407 20.09 -3.92 -34.49
CA GLU B 407 19.28 -5.11 -34.58
C GLU B 407 17.85 -4.81 -34.13
N GLY B 408 17.28 -3.73 -34.66
CA GLY B 408 15.88 -3.40 -34.42
C GLY B 408 15.65 -2.62 -33.12
N THR B 409 16.71 -2.31 -32.35
CA THR B 409 16.53 -1.58 -31.09
C THR B 409 17.27 -0.26 -31.20
N ALA B 410 16.98 0.64 -30.26
CA ALA B 410 17.71 1.89 -30.15
C ALA B 410 18.60 1.85 -28.91
N SER B 411 19.88 2.16 -29.12
CA SER B 411 20.83 2.24 -28.03
C SER B 411 20.43 3.35 -27.06
N LEU B 412 20.53 3.10 -25.76
CA LEU B 412 20.11 4.07 -24.75
C LEU B 412 21.00 3.92 -23.53
N SER B 413 22.28 4.28 -23.66
CA SER B 413 23.23 4.21 -22.56
C SER B 413 22.86 5.20 -21.45
N PRO B 414 22.65 6.49 -21.75
CA PRO B 414 22.27 7.46 -20.72
C PRO B 414 20.82 7.25 -20.28
N GLY B 415 20.48 7.85 -19.13
CA GLY B 415 19.12 7.85 -18.65
C GLY B 415 18.76 6.57 -17.91
N MET B 416 17.55 6.60 -17.33
CA MET B 416 16.96 5.44 -16.67
C MET B 416 15.49 5.38 -17.04
N MET B 417 15.24 5.09 -18.31
CA MET B 417 13.89 5.16 -18.86
C MET B 417 12.93 4.28 -18.06
N MET B 418 13.36 3.04 -17.76
CA MET B 418 12.52 2.03 -17.11
C MET B 418 12.28 2.35 -15.63
N GLY B 419 13.07 3.29 -15.06
CA GLY B 419 13.01 3.65 -13.64
C GLY B 419 13.69 2.60 -12.77
N MET B 420 12.91 2.02 -11.85
CA MET B 420 13.29 0.78 -11.18
C MET B 420 14.26 1.02 -10.02
N PHE B 421 15.19 1.96 -10.15
CA PHE B 421 16.03 2.33 -9.02
C PHE B 421 15.34 3.44 -8.20
N ASN B 422 14.06 3.22 -7.86
CA ASN B 422 13.29 4.17 -7.06
C ASN B 422 14.02 4.42 -5.75
N MET B 423 14.36 3.33 -5.10
CA MET B 423 14.96 3.40 -3.79
C MET B 423 16.36 4.04 -3.91
N LEU B 424 17.14 3.58 -4.90
CA LEU B 424 18.52 4.03 -5.03
C LEU B 424 18.56 5.49 -5.46
N SER B 425 17.66 5.94 -6.35
CA SER B 425 17.65 7.37 -6.68
C SER B 425 17.18 8.21 -5.49
N THR B 426 16.33 7.64 -4.64
CA THR B 426 15.90 8.33 -3.44
C THR B 426 17.11 8.53 -2.53
N VAL B 427 17.99 7.53 -2.43
CA VAL B 427 19.18 7.68 -1.62
C VAL B 427 19.99 8.88 -2.11
N LEU B 428 20.07 9.07 -3.43
CA LEU B 428 20.84 10.18 -3.95
C LEU B 428 20.21 11.49 -3.51
N GLY B 429 18.91 11.66 -3.74
CA GLY B 429 18.21 12.87 -3.34
C GLY B 429 18.39 13.15 -1.85
N VAL B 430 18.26 12.12 -1.01
CA VAL B 430 18.41 12.30 0.41
C VAL B 430 19.82 12.78 0.70
N SER B 431 20.80 12.25 -0.04
CA SER B 431 22.19 12.62 0.20
C SER B 431 22.37 14.13 0.04
N VAL B 432 21.63 14.74 -0.88
CA VAL B 432 21.68 16.19 -1.06
C VAL B 432 20.98 16.89 0.10
N LEU B 433 19.85 16.37 0.57
CA LEU B 433 19.18 16.93 1.73
C LEU B 433 20.13 16.93 2.92
N ASN B 434 20.82 15.79 3.12
CA ASN B 434 21.72 15.57 4.24
C ASN B 434 22.86 16.59 4.23
N LEU B 435 23.28 17.07 3.05
CA LEU B 435 24.32 18.09 2.94
C LEU B 435 23.93 19.39 3.67
N GLY B 436 22.63 19.63 3.86
CA GLY B 436 22.17 20.94 4.33
C GLY B 436 22.28 21.17 5.83
N GLN B 437 22.88 20.25 6.58
CA GLN B 437 23.08 20.45 8.01
C GLN B 437 24.00 21.63 8.26
N ARG B 438 23.74 22.40 9.33
CA ARG B 438 24.44 23.66 9.57
C ARG B 438 25.94 23.46 9.80
N GLU B 439 26.31 22.32 10.41
CA GLU B 439 27.69 22.03 10.78
C GLU B 439 28.50 21.65 9.55
N ILE B 440 27.83 21.14 8.50
CA ILE B 440 28.48 20.87 7.22
C ILE B 440 28.62 22.18 6.43
N LEU B 441 27.53 22.94 6.33
CA LEU B 441 27.50 24.09 5.45
C LEU B 441 28.27 25.24 6.07
N LYS B 442 27.97 25.54 7.34
CA LYS B 442 28.53 26.70 8.02
C LYS B 442 28.33 27.93 7.14
N ARG B 443 27.07 28.15 6.71
CA ARG B 443 26.70 29.30 5.93
C ARG B 443 25.67 30.07 6.73
N THR B 444 25.13 31.15 6.14
CA THR B 444 24.06 31.89 6.77
C THR B 444 22.70 31.24 6.49
N TYR B 445 22.71 29.98 6.03
CA TYR B 445 21.50 29.24 5.73
C TYR B 445 21.76 27.76 5.97
N TRP B 446 20.69 26.97 6.01
CA TRP B 446 20.75 25.52 6.04
C TRP B 446 19.42 24.91 5.62
N TRP B 447 19.39 23.59 5.40
CA TRP B 447 18.16 22.95 4.91
C TRP B 447 18.05 21.50 5.35
N ASP B 448 16.84 20.99 5.15
CA ASP B 448 16.44 19.62 5.38
C ASP B 448 15.15 19.42 4.58
N GLY B 449 14.55 18.22 4.63
CA GLY B 449 13.32 17.98 3.93
C GLY B 449 13.05 16.49 3.77
N LEU B 450 12.22 16.17 2.76
CA LEU B 450 11.85 14.82 2.44
C LEU B 450 11.93 14.60 0.95
N GLN B 451 12.35 13.39 0.57
CA GLN B 451 12.57 13.02 -0.82
C GLN B 451 11.86 11.70 -1.09
N SER B 452 11.14 11.64 -2.21
CA SER B 452 10.48 10.42 -2.67
C SER B 452 10.56 10.33 -4.20
N SER B 453 11.61 9.68 -4.73
CA SER B 453 11.88 9.69 -6.16
C SER B 453 11.94 11.13 -6.65
N ASP B 454 10.96 11.53 -7.46
CA ASP B 454 11.03 12.80 -8.16
C ASP B 454 10.08 13.84 -7.56
N ASP B 455 9.61 13.57 -6.34
CA ASP B 455 8.98 14.58 -5.51
C ASP B 455 9.87 14.88 -4.31
N PHE B 456 9.85 16.14 -3.89
CA PHE B 456 10.56 16.51 -2.68
C PHE B 456 9.87 17.73 -2.09
N ALA B 457 10.04 17.85 -0.77
CA ALA B 457 9.80 19.08 -0.05
C ALA B 457 11.12 19.52 0.59
N LEU B 458 11.55 20.75 0.28
CA LEU B 458 12.75 21.31 0.88
C LEU B 458 12.37 22.42 1.84
N ILE B 459 12.95 22.36 3.04
CA ILE B 459 12.79 23.40 4.03
C ILE B 459 14.14 24.08 4.21
N ILE B 460 14.18 25.36 3.84
CA ILE B 460 15.38 26.17 3.91
C ILE B 460 15.16 27.23 4.98
N ASN B 461 16.18 27.43 5.81
CA ASN B 461 16.12 28.42 6.87
C ASN B 461 17.30 29.37 6.75
N GLY B 462 17.14 30.60 7.24
CA GLY B 462 18.23 31.55 7.36
C GLY B 462 17.71 32.85 7.96
N HIS B 463 18.61 33.82 8.14
N HIS B 463 18.59 33.80 8.29
CA HIS B 463 18.35 35.02 8.91
CA HIS B 463 18.15 35.03 8.95
C HIS B 463 17.59 36.04 8.06
C HIS B 463 17.39 35.95 8.00
N PHE B 464 17.84 36.06 6.75
CA PHE B 464 17.19 36.98 5.83
C PHE B 464 16.82 36.29 4.51
N LYS B 465 15.95 36.97 3.75
CA LYS B 465 15.49 36.44 2.47
C LYS B 465 16.65 36.17 1.51
N GLU B 466 17.73 36.95 1.63
CA GLU B 466 18.84 36.77 0.73
C GLU B 466 19.61 35.51 1.13
N ASP B 467 19.58 35.12 2.41
CA ASP B 467 20.13 33.83 2.78
C ASP B 467 19.29 32.69 2.19
N ILE B 468 17.97 32.86 2.14
CA ILE B 468 17.10 31.83 1.61
C ILE B 468 17.44 31.59 0.14
N GLN B 469 17.57 32.67 -0.63
CA GLN B 469 17.82 32.59 -2.06
C GLN B 469 19.13 31.87 -2.33
N GLN B 470 20.16 32.24 -1.55
CA GLN B 470 21.48 31.66 -1.66
C GLN B 470 21.44 30.17 -1.35
N GLY B 471 20.73 29.80 -0.28
CA GLY B 471 20.59 28.41 0.09
C GLY B 471 19.84 27.60 -0.97
N VAL B 472 18.79 28.20 -1.55
CA VAL B 472 18.03 27.55 -2.62
C VAL B 472 18.93 27.38 -3.84
N ASN B 473 19.78 28.38 -4.14
CA ASN B 473 20.72 28.27 -5.26
C ASN B 473 21.77 27.19 -4.98
N HIS B 474 22.25 27.11 -3.73
CA HIS B 474 23.25 26.13 -3.36
C HIS B 474 22.69 24.73 -3.59
N PHE B 475 21.48 24.50 -3.06
CA PHE B 475 20.77 23.23 -3.17
C PHE B 475 20.56 22.85 -4.63
N TYR B 476 20.05 23.82 -5.40
CA TYR B 476 19.71 23.61 -6.79
C TYR B 476 20.94 23.30 -7.64
N ARG B 477 22.03 24.05 -7.46
CA ARG B 477 23.27 23.84 -8.20
C ARG B 477 23.89 22.49 -7.82
N THR B 478 23.86 22.15 -6.52
CA THR B 478 24.42 20.87 -6.09
C THR B 478 23.65 19.75 -6.81
N CYS B 479 22.33 19.85 -6.81
CA CYS B 479 21.49 18.88 -7.49
C CYS B 479 21.93 18.70 -8.95
N LYS B 480 22.12 19.82 -9.67
CA LYS B 480 22.58 19.78 -11.05
C LYS B 480 23.90 19.03 -11.19
N LEU B 481 24.84 19.26 -10.27
CA LEU B 481 26.13 18.57 -10.30
C LEU B 481 25.98 17.05 -10.17
N VAL B 482 24.81 16.54 -9.73
CA VAL B 482 24.64 15.09 -9.64
C VAL B 482 23.45 14.64 -10.50
N GLY B 483 23.09 15.44 -11.51
CA GLY B 483 22.10 15.05 -12.51
C GLY B 483 20.66 15.12 -12.02
N ILE B 484 20.39 15.84 -10.93
CA ILE B 484 19.03 16.13 -10.50
C ILE B 484 18.65 17.54 -10.95
N ASN B 485 17.49 17.61 -11.60
CA ASN B 485 17.03 18.80 -12.29
C ASN B 485 15.68 19.22 -11.72
N MET B 486 15.66 20.22 -10.83
CA MET B 486 14.40 20.73 -10.28
C MET B 486 13.61 21.38 -11.40
N SER B 487 12.35 20.96 -11.58
CA SER B 487 11.44 21.63 -12.49
C SER B 487 11.13 23.03 -12.00
N GLN B 488 11.56 24.05 -12.75
N GLN B 488 11.66 24.04 -12.70
CA GLN B 488 11.34 25.43 -12.35
CA GLN B 488 11.31 25.42 -12.43
C GLN B 488 9.89 25.86 -12.64
C GLN B 488 9.80 25.56 -12.41
N LYS B 489 9.18 25.13 -13.52
CA LYS B 489 7.79 25.43 -13.83
C LYS B 489 6.80 24.79 -12.85
N LYS B 490 7.19 23.65 -12.26
CA LYS B 490 6.30 22.87 -11.41
C LYS B 490 6.56 23.13 -9.92
N SER B 491 7.67 23.82 -9.60
CA SER B 491 8.06 24.04 -8.22
C SER B 491 7.73 25.47 -7.81
N TYR B 492 7.54 25.70 -6.49
CA TYR B 492 7.36 27.05 -5.99
C TYR B 492 7.80 27.10 -4.54
N ILE B 493 7.78 28.30 -3.95
CA ILE B 493 8.33 28.49 -2.63
C ILE B 493 7.44 29.43 -1.84
N ASN B 494 7.30 29.13 -0.54
CA ASN B 494 6.55 30.00 0.35
C ASN B 494 7.09 29.81 1.76
N LYS B 495 6.71 30.73 2.66
CA LYS B 495 7.06 30.57 4.07
C LYS B 495 6.47 29.27 4.58
N THR B 496 7.25 28.57 5.41
CA THR B 496 6.82 27.31 5.97
C THR B 496 5.51 27.45 6.73
N GLY B 497 4.63 26.45 6.55
CA GLY B 497 3.27 26.48 7.06
C GLY B 497 2.33 25.72 6.11
N THR B 498 2.48 25.97 4.80
CA THR B 498 1.74 25.21 3.81
C THR B 498 2.68 24.67 2.73
N PHE B 499 2.28 23.55 2.13
CA PHE B 499 3.04 22.92 1.06
C PHE B 499 2.22 21.76 0.51
N GLU B 500 2.70 21.19 -0.59
N GLU B 500 2.69 21.21 -0.61
CA GLU B 500 2.12 20.00 -1.19
CA GLU B 500 2.12 20.01 -1.22
C GLU B 500 3.23 18.97 -1.38
C GLU B 500 3.23 18.98 -1.41
N PHE B 501 2.87 17.69 -1.31
CA PHE B 501 3.79 16.61 -1.53
C PHE B 501 2.94 15.42 -1.96
N THR B 502 3.10 15.02 -3.25
CA THR B 502 2.41 13.90 -3.87
C THR B 502 0.93 13.94 -3.59
N SER B 503 0.30 15.07 -3.91
CA SER B 503 -1.13 15.28 -3.75
C SER B 503 -1.60 15.09 -2.32
N PHE B 504 -0.65 15.16 -1.37
CA PHE B 504 -1.00 15.49 0.01
C PHE B 504 -0.86 17.00 0.16
N PHE B 505 -1.89 17.62 0.77
CA PHE B 505 -1.90 19.06 0.97
C PHE B 505 -1.82 19.37 2.47
N TYR B 506 -0.83 20.20 2.85
CA TYR B 506 -0.58 20.55 4.23
C TYR B 506 -0.91 22.03 4.43
N ARG B 507 -1.83 22.28 5.36
CA ARG B 507 -2.13 23.63 5.80
C ARG B 507 -2.06 23.60 7.33
N TYR B 508 -0.85 23.85 7.86
CA TYR B 508 -0.59 23.70 9.28
C TYR B 508 -1.02 22.32 9.77
N GLY B 509 -0.78 21.28 8.95
CA GLY B 509 -1.23 19.93 9.21
C GLY B 509 -1.93 19.41 7.97
N PHE B 510 -1.80 18.12 7.68
CA PHE B 510 -2.38 17.56 6.47
C PHE B 510 -3.89 17.73 6.50
N VAL B 511 -4.45 18.11 5.33
CA VAL B 511 -5.88 18.12 5.14
C VAL B 511 -6.25 16.94 4.27
N ALA B 512 -7.55 16.67 4.16
CA ALA B 512 -8.04 15.55 3.39
C ALA B 512 -8.13 15.93 1.91
N ASN B 513 -7.96 14.91 1.06
CA ASN B 513 -8.23 15.00 -0.36
C ASN B 513 -9.07 13.82 -0.78
N PHE B 514 -10.38 13.92 -0.50
CA PHE B 514 -11.32 12.85 -0.78
C PHE B 514 -11.35 12.49 -2.28
N SER B 515 -11.31 13.49 -3.18
CA SER B 515 -11.47 13.26 -4.61
C SER B 515 -10.38 12.36 -5.20
N MET B 516 -9.18 12.34 -4.63
CA MET B 516 -8.13 11.44 -5.09
C MET B 516 -8.65 10.00 -5.14
N GLU B 517 -9.53 9.66 -4.19
CA GLU B 517 -9.99 8.31 -3.93
C GLU B 517 -11.29 7.98 -4.66
N LEU B 518 -11.92 8.96 -5.30
CA LEU B 518 -13.25 8.74 -5.86
C LEU B 518 -13.30 7.53 -6.79
N PRO B 519 -12.30 7.30 -7.67
CA PRO B 519 -12.37 6.13 -8.56
C PRO B 519 -12.48 4.76 -7.90
N SER B 520 -12.12 4.67 -6.61
CA SER B 520 -12.14 3.42 -5.88
C SER B 520 -13.55 3.14 -5.36
N PHE B 521 -14.47 4.12 -5.49
CA PHE B 521 -15.87 3.95 -5.13
C PHE B 521 -16.63 3.38 -6.33
N GLY B 522 -16.89 2.08 -6.26
CA GLY B 522 -17.53 1.38 -7.35
C GLY B 522 -17.41 -0.12 -7.16
N VAL B 523 -17.89 -0.87 -8.16
CA VAL B 523 -17.79 -2.31 -8.10
C VAL B 523 -16.42 -2.70 -8.66
N ALA B 524 -15.63 -3.41 -7.85
CA ALA B 524 -14.21 -3.64 -8.12
C ALA B 524 -14.00 -4.58 -9.30
N GLY B 525 -14.93 -5.54 -9.47
CA GLY B 525 -14.90 -6.45 -10.60
C GLY B 525 -14.02 -7.67 -10.35
N ASN B 526 -13.99 -8.15 -9.10
CA ASN B 526 -13.30 -9.40 -8.78
C ASN B 526 -14.31 -10.55 -8.79
N ASN B 527 -15.31 -10.48 -7.91
CA ASN B 527 -16.43 -11.40 -7.93
C ASN B 527 -17.47 -10.85 -6.95
N GLU B 528 -18.59 -11.54 -6.79
CA GLU B 528 -19.67 -11.06 -5.93
C GLU B 528 -19.22 -10.94 -4.47
N SER B 529 -18.47 -11.92 -3.98
CA SER B 529 -18.09 -11.98 -2.58
C SER B 529 -17.03 -10.92 -2.27
N ALA B 530 -15.94 -10.94 -3.03
CA ALA B 530 -14.85 -9.99 -2.83
C ALA B 530 -15.35 -8.55 -2.99
N ASP B 531 -16.22 -8.31 -3.98
CA ASP B 531 -16.60 -6.95 -4.30
C ASP B 531 -17.42 -6.31 -3.17
N MET B 532 -18.26 -7.08 -2.49
CA MET B 532 -19.06 -6.59 -1.38
C MET B 532 -18.14 -6.10 -0.26
N SER B 533 -17.19 -6.94 0.16
CA SER B 533 -16.24 -6.62 1.20
C SER B 533 -15.36 -5.41 0.82
N ILE B 534 -14.91 -5.36 -0.45
CA ILE B 534 -14.07 -4.26 -0.92
C ILE B 534 -14.86 -2.96 -0.86
N GLY B 535 -16.11 -2.98 -1.33
CA GLY B 535 -16.96 -1.80 -1.36
C GLY B 535 -17.23 -1.21 0.03
N THR B 536 -17.54 -2.03 1.03
CA THR B 536 -17.82 -1.53 2.37
C THR B 536 -16.50 -1.05 3.02
N THR B 537 -15.41 -1.78 2.80
CA THR B 537 -14.13 -1.42 3.34
C THR B 537 -13.65 -0.07 2.78
N VAL B 538 -13.88 0.18 1.49
CA VAL B 538 -13.47 1.46 0.90
C VAL B 538 -14.16 2.61 1.63
N ILE B 539 -15.47 2.51 1.85
CA ILE B 539 -16.21 3.54 2.58
C ILE B 539 -15.61 3.75 3.96
N LYS B 540 -15.42 2.63 4.68
CA LYS B 540 -14.86 2.66 6.03
C LYS B 540 -13.48 3.32 6.05
N THR B 541 -12.55 2.92 5.16
N THR B 541 -12.59 2.90 5.13
CA THR B 541 -11.20 3.49 5.24
CA THR B 541 -11.24 3.43 5.10
C THR B 541 -11.23 4.98 4.89
C THR B 541 -11.26 4.95 4.90
N ASN B 542 -12.16 5.41 4.03
CA ASN B 542 -12.28 6.81 3.68
C ASN B 542 -12.88 7.62 4.83
N MET B 543 -13.82 7.04 5.60
CA MET B 543 -14.27 7.68 6.82
C MET B 543 -13.09 7.92 7.78
N ILE B 544 -12.20 6.94 7.93
CA ILE B 544 -11.10 7.06 8.87
C ILE B 544 -10.04 8.04 8.34
N ASN B 545 -9.69 7.96 7.05
CA ASN B 545 -8.47 8.57 6.53
C ASN B 545 -8.70 9.84 5.72
N ASN B 546 -9.84 9.99 5.04
CA ASN B 546 -9.95 11.05 4.06
C ASN B 546 -11.18 11.89 4.37
N ASP B 547 -11.55 11.94 5.66
CA ASP B 547 -12.65 12.76 6.12
C ASP B 547 -13.94 12.57 5.31
N LEU B 548 -14.23 11.32 4.92
CA LEU B 548 -15.54 11.02 4.41
C LEU B 548 -16.54 11.12 5.56
N GLY B 549 -17.35 12.17 5.54
CA GLY B 549 -18.41 12.40 6.50
C GLY B 549 -19.45 11.27 6.55
N PRO B 550 -20.18 11.15 7.69
CA PRO B 550 -21.13 10.05 7.88
C PRO B 550 -22.37 10.04 7.00
N ALA B 551 -22.94 11.22 6.74
CA ALA B 551 -24.04 11.32 5.79
C ALA B 551 -23.59 10.87 4.39
N THR B 552 -22.49 11.42 3.88
CA THR B 552 -22.00 10.99 2.56
C THR B 552 -21.67 9.49 2.58
N ALA B 553 -21.12 9.00 3.70
CA ALA B 553 -20.76 7.59 3.79
C ALA B 553 -22.00 6.70 3.66
N GLN B 554 -23.10 7.09 4.32
CA GLN B 554 -24.36 6.39 4.16
C GLN B 554 -24.77 6.37 2.68
N MET B 555 -24.67 7.53 2.02
N MET B 555 -24.65 7.53 2.02
CA MET B 555 -25.08 7.59 0.63
CA MET B 555 -25.07 7.64 0.63
C MET B 555 -24.19 6.70 -0.22
C MET B 555 -24.17 6.78 -0.27
N ALA B 556 -22.88 6.66 0.11
CA ALA B 556 -21.94 5.79 -0.60
C ALA B 556 -22.32 4.31 -0.48
N ILE B 557 -22.90 3.90 0.66
CA ILE B 557 -23.39 2.54 0.80
C ILE B 557 -24.51 2.31 -0.21
N GLN B 558 -25.48 3.21 -0.23
CA GLN B 558 -26.66 3.06 -1.07
C GLN B 558 -26.28 3.00 -2.55
N LEU B 559 -25.40 3.92 -2.98
CA LEU B 559 -24.90 3.98 -4.35
C LEU B 559 -24.08 2.75 -4.73
N PHE B 560 -23.24 2.26 -3.81
CA PHE B 560 -22.51 1.03 -4.06
C PHE B 560 -23.47 -0.15 -4.27
N ILE B 561 -24.45 -0.31 -3.38
CA ILE B 561 -25.38 -1.43 -3.43
C ILE B 561 -26.11 -1.43 -4.77
N LYS B 562 -26.52 -0.25 -5.22
CA LYS B 562 -27.23 -0.13 -6.47
C LYS B 562 -26.35 -0.56 -7.65
N ASP B 563 -25.07 -0.14 -7.63
CA ASP B 563 -24.14 -0.43 -8.71
C ASP B 563 -23.85 -1.93 -8.73
N TYR B 564 -23.67 -2.51 -7.54
CA TYR B 564 -23.44 -3.94 -7.42
C TYR B 564 -24.62 -4.73 -7.98
N ARG B 565 -25.86 -4.31 -7.65
CA ARG B 565 -27.05 -5.02 -8.08
C ARG B 565 -27.18 -5.01 -9.60
N TYR B 566 -26.90 -3.85 -10.22
CA TYR B 566 -26.97 -3.72 -11.67
C TYR B 566 -25.87 -4.51 -12.37
N THR B 567 -24.63 -4.40 -11.89
CA THR B 567 -23.49 -5.11 -12.45
C THR B 567 -23.70 -6.63 -12.38
N TYR B 568 -24.06 -7.13 -11.19
CA TYR B 568 -24.15 -8.57 -10.99
C TYR B 568 -25.56 -9.11 -11.25
N ARG B 569 -26.49 -8.23 -11.65
N ARG B 569 -26.49 -8.23 -11.65
CA ARG B 569 -27.87 -8.56 -11.96
CA ARG B 569 -27.86 -8.59 -11.97
C ARG B 569 -28.53 -9.27 -10.77
C ARG B 569 -28.52 -9.28 -10.77
N CYS B 570 -28.31 -8.74 -9.56
CA CYS B 570 -28.75 -9.41 -8.35
C CYS B 570 -29.70 -8.50 -7.58
N HIS B 571 -30.54 -7.81 -8.35
CA HIS B 571 -31.65 -7.04 -7.81
C HIS B 571 -32.44 -7.85 -6.76
N ARG B 572 -33.00 -7.12 -5.80
CA ARG B 572 -33.73 -7.75 -4.72
C ARG B 572 -34.85 -8.62 -5.30
N GLY B 573 -35.08 -9.78 -4.65
CA GLY B 573 -35.97 -10.82 -5.15
C GLY B 573 -37.43 -10.38 -5.33
N ASP B 574 -37.81 -9.24 -4.72
CA ASP B 574 -39.15 -8.67 -4.82
C ASP B 574 -39.25 -7.55 -5.85
N THR B 575 -38.37 -7.53 -6.88
CA THR B 575 -38.35 -6.43 -7.85
C THR B 575 -38.69 -6.99 -9.23
N ASN B 576 -39.25 -6.13 -10.09
CA ASN B 576 -39.71 -6.53 -11.41
C ASN B 576 -38.82 -5.91 -12.49
N LEU B 577 -37.51 -6.11 -12.35
CA LEU B 577 -36.57 -5.82 -13.41
C LEU B 577 -36.29 -7.14 -14.14
N GLU B 578 -36.12 -7.09 -15.45
CA GLU B 578 -35.92 -8.29 -16.23
C GLU B 578 -34.46 -8.41 -16.66
N THR B 579 -33.79 -9.49 -16.22
CA THR B 579 -32.44 -9.79 -16.59
C THR B 579 -32.34 -11.30 -16.77
N ARG B 580 -31.16 -11.78 -17.16
CA ARG B 580 -30.92 -13.19 -17.34
C ARG B 580 -31.01 -13.95 -16.02
N ARG B 581 -30.99 -13.21 -14.90
CA ARG B 581 -30.91 -13.82 -13.59
C ARG B 581 -32.23 -13.78 -12.83
N THR B 582 -33.20 -12.95 -13.25
CA THR B 582 -34.29 -12.55 -12.36
C THR B 582 -35.18 -13.73 -11.97
N LYS B 583 -35.45 -14.63 -12.90
CA LYS B 583 -36.36 -15.74 -12.64
C LYS B 583 -35.78 -16.68 -11.58
N SER B 584 -34.49 -16.99 -11.67
CA SER B 584 -33.85 -17.88 -10.71
C SER B 584 -33.79 -17.23 -9.33
N ILE B 585 -33.51 -15.93 -9.28
CA ILE B 585 -33.39 -15.24 -8.00
C ILE B 585 -34.77 -15.12 -7.33
N LYS B 586 -35.84 -14.99 -8.13
CA LYS B 586 -37.18 -14.89 -7.59
C LYS B 586 -37.62 -16.21 -6.94
N ARG B 587 -37.30 -17.33 -7.58
CA ARG B 587 -37.55 -18.63 -6.98
C ARG B 587 -36.87 -18.70 -5.63
N LEU B 588 -35.58 -18.34 -5.59
CA LEU B 588 -34.83 -18.40 -4.35
C LEU B 588 -35.54 -17.54 -3.31
N TRP B 589 -36.07 -16.40 -3.77
CA TRP B 589 -36.79 -15.48 -2.90
C TRP B 589 -38.09 -16.07 -2.36
N THR B 590 -38.89 -16.67 -3.24
CA THR B 590 -40.22 -17.12 -2.86
C THR B 590 -40.05 -18.34 -1.95
N GLU B 591 -38.99 -19.12 -2.17
CA GLU B 591 -38.73 -20.33 -1.40
C GLU B 591 -38.00 -20.06 -0.09
N THR B 592 -37.56 -18.82 0.18
CA THR B 592 -36.81 -18.56 1.40
C THR B 592 -37.79 -18.14 2.49
N ILE B 593 -37.60 -18.63 3.71
CA ILE B 593 -38.39 -18.16 4.83
C ILE B 593 -37.80 -16.84 5.30
N SER B 594 -36.56 -16.87 5.77
CA SER B 594 -35.90 -15.68 6.32
C SER B 594 -35.19 -14.92 5.20
N LYS B 595 -35.89 -13.93 4.63
CA LYS B 595 -35.40 -13.20 3.48
C LYS B 595 -34.26 -12.26 3.86
N ALA B 596 -34.25 -11.84 5.13
CA ALA B 596 -33.19 -10.99 5.65
C ALA B 596 -31.84 -11.70 5.70
N GLY B 597 -31.86 -13.03 5.56
CA GLY B 597 -30.64 -13.82 5.60
C GLY B 597 -29.98 -13.94 4.24
N LEU B 598 -30.70 -13.60 3.16
CA LEU B 598 -30.19 -13.72 1.81
C LEU B 598 -29.09 -12.68 1.56
N LEU B 599 -27.97 -13.13 1.00
CA LEU B 599 -26.93 -12.21 0.55
C LEU B 599 -27.52 -11.33 -0.54
N VAL B 600 -27.00 -10.11 -0.65
CA VAL B 600 -27.43 -9.19 -1.70
C VAL B 600 -27.29 -9.88 -3.07
N ALA B 601 -26.21 -10.65 -3.26
CA ALA B 601 -25.96 -11.32 -4.53
C ALA B 601 -26.97 -12.42 -4.79
N ASP B 602 -27.75 -12.78 -3.76
CA ASP B 602 -28.79 -13.77 -3.88
C ASP B 602 -30.17 -13.10 -3.80
N GLY B 603 -30.22 -11.79 -4.08
CA GLY B 603 -31.48 -11.06 -4.12
C GLY B 603 -31.90 -10.54 -2.74
N GLY B 604 -30.96 -10.52 -1.80
CA GLY B 604 -31.27 -10.15 -0.43
C GLY B 604 -31.22 -8.64 -0.21
N PRO B 605 -31.67 -8.16 0.98
CA PRO B 605 -31.64 -6.74 1.30
C PRO B 605 -30.24 -6.32 1.73
N ASN B 606 -29.96 -5.01 1.64
CA ASN B 606 -28.70 -4.48 2.14
C ASN B 606 -28.75 -4.34 3.65
N PRO B 607 -27.87 -5.03 4.41
CA PRO B 607 -27.84 -4.87 5.86
C PRO B 607 -26.99 -3.71 6.37
N TYR B 608 -26.25 -3.03 5.47
CA TYR B 608 -25.15 -2.18 5.92
C TYR B 608 -25.63 -0.79 6.29
N ASN B 609 -25.00 -0.27 7.35
CA ASN B 609 -25.00 1.13 7.74
C ASN B 609 -23.60 1.44 8.24
N LEU B 610 -23.40 2.59 8.89
CA LEU B 610 -22.06 3.01 9.30
C LEU B 610 -21.44 2.02 10.28
N ARG B 611 -22.24 1.51 11.23
CA ARG B 611 -21.68 0.84 12.40
C ARG B 611 -21.17 -0.56 12.04
N ASN B 612 -21.61 -1.15 10.93
CA ASN B 612 -21.27 -2.54 10.63
C ASN B 612 -20.49 -2.70 9.32
N LEU B 613 -19.89 -1.63 8.80
CA LEU B 613 -19.10 -1.68 7.56
C LEU B 613 -17.92 -2.66 7.64
N HIS B 614 -17.40 -2.97 8.82
CA HIS B 614 -16.24 -3.85 9.01
C HIS B 614 -16.66 -5.30 9.27
N ILE B 615 -17.94 -5.63 9.08
CA ILE B 615 -18.42 -6.98 9.30
C ILE B 615 -18.68 -7.66 7.97
N PRO B 616 -18.01 -8.79 7.65
CA PRO B 616 -18.30 -9.54 6.43
C PRO B 616 -19.78 -9.87 6.29
N GLU B 617 -20.33 -9.72 5.08
CA GLU B 617 -21.75 -9.86 4.88
C GLU B 617 -22.26 -11.19 5.44
N VAL B 618 -21.49 -12.25 5.17
CA VAL B 618 -21.92 -13.59 5.51
C VAL B 618 -22.04 -13.71 7.03
N CYS B 619 -21.11 -13.09 7.77
CA CYS B 619 -21.17 -13.09 9.23
C CYS B 619 -22.39 -12.31 9.70
N LEU B 620 -22.67 -11.20 9.01
CA LEU B 620 -23.70 -10.27 9.44
C LEU B 620 -25.07 -10.91 9.34
N LYS B 621 -25.23 -11.83 8.38
CA LYS B 621 -26.53 -12.42 8.08
C LYS B 621 -26.61 -13.87 8.58
N TRP B 622 -25.53 -14.38 9.16
CA TRP B 622 -25.40 -15.79 9.52
C TRP B 622 -26.63 -16.27 10.30
N SER B 623 -26.98 -15.54 11.36
CA SER B 623 -28.06 -15.96 12.24
C SER B 623 -29.43 -15.76 11.59
N LEU B 624 -29.50 -15.04 10.48
CA LEU B 624 -30.78 -14.80 9.82
C LEU B 624 -31.01 -15.72 8.62
N MET B 625 -30.08 -16.64 8.34
CA MET B 625 -30.14 -17.45 7.13
C MET B 625 -30.92 -18.74 7.38
N ASP B 626 -31.80 -19.10 6.44
CA ASP B 626 -32.36 -20.44 6.40
C ASP B 626 -31.19 -21.42 6.41
N PRO B 627 -31.18 -22.41 7.34
CA PRO B 627 -30.04 -23.33 7.46
C PRO B 627 -29.62 -24.03 6.18
N ASP B 628 -30.58 -24.30 5.29
CA ASP B 628 -30.30 -25.01 4.06
C ASP B 628 -29.59 -24.09 3.06
N TYR B 629 -30.11 -22.86 2.93
CA TYR B 629 -29.47 -21.84 2.12
C TYR B 629 -28.02 -21.68 2.59
N ARG B 630 -27.83 -21.43 3.88
CA ARG B 630 -26.50 -21.28 4.44
C ARG B 630 -25.63 -22.49 4.07
N GLY B 631 -26.22 -23.69 4.21
CA GLY B 631 -25.51 -24.93 3.98
C GLY B 631 -25.10 -25.12 2.52
N ARG B 632 -25.90 -24.62 1.58
CA ARG B 632 -25.55 -24.63 0.18
C ARG B 632 -24.51 -23.56 -0.12
N LEU B 633 -24.82 -22.33 0.33
CA LEU B 633 -23.98 -21.16 0.16
C LEU B 633 -22.54 -21.44 0.58
N CYS B 634 -22.38 -22.15 1.70
CA CYS B 634 -21.08 -22.34 2.32
C CYS B 634 -20.57 -23.77 2.15
N ASN B 635 -21.21 -24.55 1.26
CA ASN B 635 -20.77 -25.90 0.96
C ASN B 635 -19.33 -25.90 0.46
N PRO B 636 -18.36 -26.46 1.22
CA PRO B 636 -16.95 -26.46 0.81
C PRO B 636 -16.70 -27.27 -0.47
N ASN B 637 -17.71 -28.04 -0.89
CA ASN B 637 -17.54 -28.94 -1.99
C ASN B 637 -17.93 -28.24 -3.30
N ASN B 638 -18.42 -26.99 -3.23
CA ASN B 638 -19.01 -26.36 -4.39
C ASN B 638 -17.96 -26.22 -5.50
N PRO B 639 -18.35 -26.21 -6.80
CA PRO B 639 -17.38 -26.12 -7.90
C PRO B 639 -17.01 -24.73 -8.41
N PHE B 640 -17.38 -23.68 -7.66
CA PHE B 640 -17.24 -22.31 -8.13
C PHE B 640 -15.97 -21.68 -7.55
N VAL B 641 -15.76 -21.80 -6.24
CA VAL B 641 -14.63 -21.17 -5.57
C VAL B 641 -13.35 -21.67 -6.21
N HIS B 642 -12.35 -20.79 -6.41
CA HIS B 642 -11.06 -21.19 -6.95
C HIS B 642 -9.97 -20.80 -5.96
N HIS B 643 -9.64 -21.69 -5.01
CA HIS B 643 -8.56 -21.46 -4.07
C HIS B 643 -7.24 -21.82 -4.75
N MET B 644 -6.22 -20.99 -4.57
CA MET B 644 -4.92 -21.34 -5.12
C MET B 644 -3.91 -21.51 -3.99
N GLU B 645 -3.63 -20.41 -3.27
CA GLU B 645 -2.57 -20.36 -2.28
C GLU B 645 -2.99 -19.46 -1.12
N VAL B 646 -2.55 -19.82 0.08
CA VAL B 646 -2.87 -19.03 1.25
C VAL B 646 -2.39 -17.60 1.02
N GLU B 647 -1.20 -17.46 0.42
CA GLU B 647 -0.52 -16.18 0.37
C GLU B 647 -1.19 -15.25 -0.65
N SER B 648 -2.02 -15.79 -1.54
CA SER B 648 -2.78 -14.93 -2.43
C SER B 648 -4.29 -15.02 -2.14
N THR B 649 -4.68 -15.47 -0.94
CA THR B 649 -6.10 -15.58 -0.62
C THR B 649 -6.61 -14.21 -0.17
N ASN B 650 -7.86 -13.89 -0.53
CA ASN B 650 -8.55 -12.69 -0.10
C ASN B 650 -7.70 -11.46 -0.45
N LEU B 651 -7.13 -11.49 -1.66
CA LEU B 651 -6.27 -10.44 -2.18
C LEU B 651 -6.84 -9.96 -3.49
N ALA B 652 -7.06 -8.65 -3.62
CA ALA B 652 -7.36 -8.09 -4.93
C ALA B 652 -6.24 -7.14 -5.32
N VAL B 653 -6.10 -6.93 -6.62
CA VAL B 653 -5.29 -5.85 -7.15
C VAL B 653 -6.23 -4.71 -7.54
N VAL B 654 -5.92 -3.50 -7.05
CA VAL B 654 -6.63 -2.28 -7.41
C VAL B 654 -5.64 -1.29 -8.02
N MET B 655 -6.12 -0.49 -8.97
CA MET B 655 -5.33 0.59 -9.55
C MET B 655 -5.82 1.91 -8.98
N PRO B 656 -5.05 2.54 -8.07
CA PRO B 656 -5.40 3.89 -7.61
C PRO B 656 -5.44 4.89 -8.76
N ALA B 657 -5.99 6.09 -8.50
CA ALA B 657 -6.01 7.16 -9.49
C ALA B 657 -4.57 7.52 -9.86
N HIS B 658 -3.70 7.56 -8.85
CA HIS B 658 -2.29 7.90 -8.99
C HIS B 658 -1.43 6.75 -8.47
N GLY B 659 -0.31 6.47 -9.14
CA GLY B 659 0.68 5.54 -8.62
C GLY B 659 0.46 4.10 -9.09
N PRO B 660 1.27 3.12 -8.64
CA PRO B 660 1.21 1.76 -9.16
C PRO B 660 0.06 0.96 -8.55
N ALA B 661 -0.26 -0.17 -9.21
CA ALA B 661 -1.29 -1.09 -8.78
C ALA B 661 -0.94 -1.69 -7.42
N LYS B 662 -1.95 -1.98 -6.60
CA LYS B 662 -1.73 -2.37 -5.21
C LYS B 662 -2.56 -3.59 -4.85
N SER B 663 -1.93 -4.50 -4.09
CA SER B 663 -2.61 -5.60 -3.45
C SER B 663 -3.58 -5.03 -2.41
N LEU B 664 -4.82 -5.52 -2.41
CA LEU B 664 -5.76 -5.12 -1.37
C LEU B 664 -6.24 -6.37 -0.63
N GLU B 665 -6.06 -6.37 0.68
CA GLU B 665 -6.61 -7.40 1.54
C GLU B 665 -8.09 -7.11 1.68
N TYR B 666 -8.92 -8.15 1.64
CA TYR B 666 -10.32 -8.04 2.01
C TYR B 666 -10.69 -9.19 2.94
N ASP B 667 -11.73 -8.95 3.72
CA ASP B 667 -12.30 -9.93 4.62
C ASP B 667 -13.60 -10.47 4.05
N ALA B 668 -13.63 -11.77 3.87
CA ALA B 668 -14.78 -12.44 3.27
C ALA B 668 -14.69 -13.93 3.57
N VAL B 669 -15.87 -14.52 3.77
CA VAL B 669 -16.03 -15.97 3.85
C VAL B 669 -16.10 -16.48 2.42
N ALA B 670 -15.28 -17.49 2.11
CA ALA B 670 -15.33 -18.15 0.82
C ALA B 670 -16.64 -18.94 0.66
N THR B 671 -17.41 -18.57 -0.37
CA THR B 671 -18.69 -19.18 -0.68
C THR B 671 -18.77 -19.39 -2.20
N THR B 672 -19.97 -19.76 -2.66
CA THR B 672 -20.24 -19.96 -4.08
C THR B 672 -20.21 -18.64 -4.85
N HIS B 673 -20.13 -17.51 -4.12
CA HIS B 673 -20.04 -16.19 -4.73
C HIS B 673 -18.58 -15.78 -4.95
N SER B 674 -17.66 -16.62 -4.46
CA SER B 674 -16.23 -16.39 -4.59
C SER B 674 -15.71 -17.04 -5.86
N TRP B 675 -16.42 -16.79 -6.97
CA TRP B 675 -16.12 -17.45 -8.23
C TRP B 675 -15.05 -16.69 -9.01
N THR B 676 -14.73 -17.17 -10.21
N THR B 676 -14.64 -17.21 -10.18
CA THR B 676 -13.69 -16.58 -11.03
CA THR B 676 -13.65 -16.54 -11.00
C THR B 676 -14.20 -16.34 -12.44
C THR B 676 -14.21 -16.33 -12.41
N PRO B 677 -14.10 -15.10 -12.98
CA PRO B 677 -14.57 -14.82 -14.33
C PRO B 677 -13.70 -15.55 -15.34
N LYS B 678 -14.20 -15.74 -16.56
CA LYS B 678 -13.47 -16.48 -17.57
C LYS B 678 -12.24 -15.72 -18.10
N ARG B 679 -11.29 -16.51 -18.59
CA ARG B 679 -10.11 -16.01 -19.25
C ARG B 679 -10.41 -15.55 -20.68
N ASN B 680 -9.61 -14.57 -21.11
CA ASN B 680 -9.45 -14.12 -22.47
C ASN B 680 -9.11 -15.30 -23.40
N ARG B 681 -9.64 -15.28 -24.63
CA ARG B 681 -9.48 -16.42 -25.51
C ARG B 681 -8.83 -16.02 -26.84
N SER B 682 -8.33 -14.78 -26.95
CA SER B 682 -7.77 -14.30 -28.20
C SER B 682 -6.57 -15.14 -28.64
N ILE B 683 -5.84 -15.72 -27.68
CA ILE B 683 -4.65 -16.52 -27.98
C ILE B 683 -5.01 -17.75 -28.83
N LEU B 684 -6.28 -18.14 -28.85
CA LEU B 684 -6.70 -19.31 -29.63
C LEU B 684 -6.43 -19.10 -31.12
N ASN B 685 -6.44 -17.84 -31.58
CA ASN B 685 -6.26 -17.52 -32.99
C ASN B 685 -4.80 -17.25 -33.32
N THR B 686 -3.83 -17.65 -32.48
CA THR B 686 -2.45 -17.22 -32.68
C THR B 686 -1.52 -18.44 -32.70
N ASN B 687 -0.24 -18.16 -33.00
CA ASN B 687 0.83 -19.15 -32.95
C ASN B 687 1.09 -19.61 -31.52
N GLN B 688 0.72 -18.77 -30.56
CA GLN B 688 1.04 -18.98 -29.15
C GLN B 688 -0.04 -19.83 -28.47
N ARG B 689 -0.92 -20.47 -29.26
CA ARG B 689 -2.04 -21.17 -28.67
C ARG B 689 -1.58 -22.47 -28.01
N GLY B 690 -0.41 -22.99 -28.39
CA GLY B 690 0.13 -24.19 -27.77
C GLY B 690 0.30 -24.03 -26.27
N ILE B 691 0.61 -22.79 -25.84
CA ILE B 691 0.84 -22.43 -24.45
C ILE B 691 -0.33 -22.83 -23.55
N LEU B 692 -1.56 -22.78 -24.09
CA LEU B 692 -2.75 -23.06 -23.29
C LEU B 692 -2.73 -24.51 -22.83
N GLU B 693 -2.22 -25.39 -23.69
CA GLU B 693 -2.18 -26.81 -23.41
C GLU B 693 -1.09 -27.06 -22.36
N ASP B 694 0.07 -26.41 -22.52
CA ASP B 694 1.16 -26.57 -21.55
C ASP B 694 0.70 -26.15 -20.16
N GLU B 695 -0.04 -25.03 -20.12
CA GLU B 695 -0.60 -24.51 -18.88
C GLU B 695 -1.50 -25.57 -18.23
N ARG B 696 -2.42 -26.13 -19.03
CA ARG B 696 -3.37 -27.13 -18.55
C ARG B 696 -2.65 -28.32 -17.94
N ILE B 697 -1.57 -28.77 -18.59
CA ILE B 697 -0.80 -29.91 -18.10
C ILE B 697 -0.17 -29.58 -16.74
N TYR B 698 0.46 -28.40 -16.64
CA TYR B 698 1.21 -28.06 -15.44
C TYR B 698 0.27 -28.00 -14.25
N GLN B 699 -0.88 -27.37 -14.46
CA GLN B 699 -1.88 -27.27 -13.41
C GLN B 699 -2.32 -28.66 -12.96
N LYS B 700 -2.57 -29.53 -13.95
CA LYS B 700 -2.91 -30.91 -13.68
C LYS B 700 -1.85 -31.52 -12.77
N CYS B 701 -0.57 -31.43 -13.18
CA CYS B 701 0.53 -31.95 -12.38
C CYS B 701 0.58 -31.32 -10.97
N CYS B 702 0.32 -30.00 -10.87
CA CYS B 702 0.45 -29.32 -9.59
C CYS B 702 -0.72 -29.68 -8.66
N GLN B 703 -1.91 -29.86 -9.24
CA GLN B 703 -3.07 -30.20 -8.46
C GLN B 703 -2.91 -31.58 -7.83
N VAL B 704 -2.50 -32.57 -8.62
CA VAL B 704 -2.36 -33.91 -8.09
C VAL B 704 -1.27 -33.87 -7.01
N PHE B 705 -0.18 -33.11 -7.24
CA PHE B 705 0.87 -32.98 -6.25
C PHE B 705 0.29 -32.52 -4.92
N GLU B 706 -0.67 -31.59 -4.98
CA GLU B 706 -1.24 -30.99 -3.78
C GLU B 706 -2.14 -31.97 -3.05
N LYS B 707 -2.62 -33.02 -3.74
CA LYS B 707 -3.38 -34.06 -3.08
C LYS B 707 -2.47 -34.90 -2.18
N PHE B 708 -1.18 -34.98 -2.52
CA PHE B 708 -0.22 -35.66 -1.68
C PHE B 708 0.34 -34.70 -0.63
N PHE B 709 0.56 -33.42 -1.00
CA PHE B 709 1.16 -32.49 -0.07
C PHE B 709 0.27 -31.26 0.10
N PRO B 710 -0.84 -31.38 0.85
CA PRO B 710 -1.73 -30.23 1.08
C PRO B 710 -1.00 -28.97 1.53
N SER B 711 0.02 -29.13 2.37
CA SER B 711 0.73 -28.01 2.99
C SER B 711 1.34 -27.08 1.95
N SER B 712 1.51 -27.56 0.71
CA SER B 712 2.17 -26.79 -0.33
C SER B 712 1.29 -25.64 -0.86
N THR B 713 0.03 -25.55 -0.42
CA THR B 713 -0.80 -24.37 -0.71
C THR B 713 -0.52 -23.28 0.32
N TYR B 714 0.18 -23.63 1.40
CA TYR B 714 0.46 -22.68 2.46
C TYR B 714 1.90 -22.20 2.32
N ARG B 715 2.83 -23.15 2.48
CA ARG B 715 4.25 -22.86 2.38
C ARG B 715 4.80 -23.67 1.19
N ARG B 716 5.51 -23.01 0.28
CA ARG B 716 6.09 -23.68 -0.88
C ARG B 716 6.99 -24.81 -0.40
N PRO B 717 6.81 -26.04 -0.94
CA PRO B 717 7.71 -27.13 -0.60
C PRO B 717 9.09 -26.91 -1.19
N ILE B 718 10.08 -27.51 -0.53
CA ILE B 718 11.48 -27.48 -0.89
C ILE B 718 11.89 -28.90 -1.24
N GLY B 719 12.78 -29.05 -2.22
CA GLY B 719 13.33 -30.35 -2.54
C GLY B 719 13.92 -30.42 -3.93
N MET B 720 14.95 -31.26 -4.06
CA MET B 720 15.53 -31.62 -5.34
C MET B 720 14.81 -32.83 -5.93
N ALA B 721 14.06 -33.57 -5.11
CA ALA B 721 13.34 -34.73 -5.61
C ALA B 721 12.39 -34.30 -6.71
N SER B 722 12.20 -35.16 -7.71
CA SER B 722 11.18 -34.97 -8.72
C SER B 722 9.80 -34.92 -8.06
N MET B 723 8.83 -34.34 -8.77
CA MET B 723 7.47 -34.32 -8.26
C MET B 723 6.94 -35.74 -8.10
N LEU B 724 7.35 -36.65 -8.98
CA LEU B 724 6.83 -38.00 -8.99
C LEU B 724 7.39 -38.80 -7.83
N ASP B 725 8.71 -38.80 -7.65
CA ASP B 725 9.34 -39.49 -6.52
C ASP B 725 8.78 -39.00 -5.20
N ALA B 726 8.55 -37.69 -5.08
CA ALA B 726 7.97 -37.15 -3.86
C ALA B 726 6.58 -37.75 -3.63
N MET B 727 5.76 -37.82 -4.67
CA MET B 727 4.38 -38.27 -4.52
C MET B 727 4.32 -39.77 -4.21
N LEU B 728 5.22 -40.56 -4.82
CA LEU B 728 5.27 -42.01 -4.62
C LEU B 728 5.58 -42.32 -3.15
N SER B 729 6.61 -41.66 -2.62
CA SER B 729 7.03 -41.86 -1.24
C SER B 729 5.94 -41.43 -0.26
N ARG B 730 5.16 -40.42 -0.64
CA ARG B 730 4.10 -39.96 0.24
C ARG B 730 2.99 -41.02 0.28
N ALA B 731 2.60 -41.50 -0.91
CA ALA B 731 1.53 -42.47 -1.03
C ALA B 731 1.86 -43.73 -0.21
N ARG B 732 3.10 -44.22 -0.30
CA ARG B 732 3.52 -45.44 0.38
C ARG B 732 3.36 -45.27 1.89
N ILE B 733 3.92 -44.18 2.43
CA ILE B 733 3.94 -44.00 3.86
C ILE B 733 2.53 -43.72 4.39
N ASP B 734 1.75 -42.95 3.63
CA ASP B 734 0.37 -42.65 3.96
C ASP B 734 -0.49 -43.90 4.03
N ALA B 735 -0.27 -44.85 3.09
CA ALA B 735 -1.07 -46.06 3.03
C ALA B 735 -0.75 -46.96 4.23
N ARG B 736 0.51 -46.91 4.69
CA ARG B 736 0.98 -47.72 5.81
C ARG B 736 0.36 -47.22 7.11
N ILE B 737 0.40 -45.91 7.36
CA ILE B 737 -0.16 -45.32 8.56
C ILE B 737 -1.68 -45.47 8.53
N ASP B 738 -2.27 -45.32 7.35
CA ASP B 738 -3.69 -45.54 7.16
C ASP B 738 -4.09 -46.92 7.68
N LEU B 739 -3.26 -47.92 7.31
CA LEU B 739 -3.50 -49.32 7.64
C LEU B 739 -3.38 -49.52 9.15
N GLU B 740 -2.21 -49.17 9.68
CA GLU B 740 -1.92 -49.36 11.09
C GLU B 740 -2.49 -48.21 11.92
N SER B 741 -3.55 -47.56 11.42
CA SER B 741 -4.41 -46.70 12.23
C SER B 741 -5.85 -47.21 12.19
N GLY B 742 -6.18 -48.04 11.18
CA GLY B 742 -7.50 -48.62 11.04
C GLY B 742 -8.28 -47.97 9.91
N ARG B 743 -7.79 -46.83 9.42
CA ARG B 743 -8.51 -46.04 8.42
C ARG B 743 -8.71 -46.84 7.14
N ILE B 744 -7.78 -47.74 6.83
CA ILE B 744 -7.76 -48.42 5.54
C ILE B 744 -7.65 -49.93 5.76
N SER B 745 -8.25 -50.70 4.84
CA SER B 745 -8.16 -52.15 4.83
C SER B 745 -6.89 -52.60 4.12
N SER B 746 -6.58 -53.90 4.22
CA SER B 746 -5.45 -54.49 3.53
C SER B 746 -5.68 -54.49 2.02
N GLN B 747 -6.93 -54.69 1.59
CA GLN B 747 -7.25 -54.80 0.18
C GLN B 747 -7.35 -53.43 -0.46
N ASP B 748 -7.12 -52.37 0.33
CA ASP B 748 -6.76 -51.08 -0.22
C ASP B 748 -5.25 -50.94 -0.25
N PHE B 749 -4.61 -51.18 0.90
CA PHE B 749 -3.18 -50.99 1.09
C PHE B 749 -2.38 -51.78 0.06
N SER B 750 -2.93 -52.92 -0.35
CA SER B 750 -2.39 -53.67 -1.48
C SER B 750 -2.48 -52.83 -2.74
N GLU B 751 -3.71 -52.36 -3.03
CA GLU B 751 -4.02 -51.73 -4.30
C GLU B 751 -3.12 -50.51 -4.51
N ILE B 752 -2.88 -49.75 -3.44
CA ILE B 752 -2.05 -48.55 -3.49
C ILE B 752 -0.60 -48.94 -3.75
N THR B 753 0.00 -49.70 -2.82
CA THR B 753 1.41 -50.08 -2.93
C THR B 753 1.68 -50.75 -4.28
N ASN B 754 0.66 -51.43 -4.84
CA ASN B 754 0.76 -52.06 -6.15
C ASN B 754 0.77 -51.00 -7.24
N THR B 755 -0.25 -50.14 -7.21
CA THR B 755 -0.35 -49.03 -8.14
C THR B 755 0.97 -48.25 -8.15
N CYS B 756 1.55 -48.04 -6.96
CA CYS B 756 2.82 -47.33 -6.82
C CYS B 756 3.92 -48.02 -7.62
N LYS B 757 3.95 -49.36 -7.58
CA LYS B 757 5.01 -50.13 -8.23
C LYS B 757 4.82 -50.14 -9.75
N ALA B 758 3.57 -50.06 -10.20
CA ALA B 758 3.27 -49.93 -11.62
C ALA B 758 3.76 -48.57 -12.15
N ILE B 759 3.39 -47.49 -11.46
CA ILE B 759 3.90 -46.16 -11.74
C ILE B 759 5.43 -46.23 -11.75
N GLU B 760 5.98 -46.92 -10.75
CA GLU B 760 7.41 -47.08 -10.59
C GLU B 760 8.05 -47.67 -11.86
N ALA B 761 7.39 -48.68 -12.44
CA ALA B 761 7.91 -49.40 -13.59
C ALA B 761 7.63 -48.63 -14.88
N LEU B 762 6.40 -48.11 -14.98
CA LEU B 762 5.99 -47.30 -16.12
C LEU B 762 6.92 -46.10 -16.29
N LYS B 763 7.50 -45.67 -15.16
CA LYS B 763 8.52 -44.64 -15.12
C LYS B 763 9.84 -45.13 -15.71
N ARG B 764 9.86 -46.37 -16.23
CA ARG B 764 11.11 -47.03 -16.54
C ARG B 764 11.07 -47.56 -17.98
N SER C 8 -7.87 -42.55 3.21
CA SER C 8 -7.99 -43.52 2.09
C SER C 8 -6.75 -43.41 1.20
N GLY C 9 -6.70 -42.39 0.34
CA GLY C 9 -5.59 -42.20 -0.60
C GLY C 9 -5.76 -43.08 -1.84
N MET C 10 -6.99 -43.53 -2.09
CA MET C 10 -7.30 -44.51 -3.11
C MET C 10 -7.32 -43.88 -4.51
N GLU C 11 -8.13 -42.82 -4.65
CA GLU C 11 -8.42 -42.24 -5.96
C GLU C 11 -7.29 -41.34 -6.46
N ARG C 12 -6.52 -40.76 -5.52
CA ARG C 12 -5.44 -39.85 -5.89
C ARG C 12 -4.33 -40.63 -6.58
N ILE C 13 -4.04 -41.84 -6.09
CA ILE C 13 -2.98 -42.66 -6.65
C ILE C 13 -3.42 -43.23 -7.98
N LYS C 14 -4.73 -43.42 -8.17
CA LYS C 14 -5.27 -43.91 -9.42
C LYS C 14 -5.12 -42.83 -10.48
N GLU C 15 -5.51 -41.61 -10.11
CA GLU C 15 -5.27 -40.44 -10.94
C GLU C 15 -3.79 -40.41 -11.33
N LEU C 16 -2.89 -40.46 -10.34
CA LEU C 16 -1.47 -40.35 -10.63
C LEU C 16 -1.06 -41.39 -11.66
N MET C 17 -1.37 -42.66 -11.38
CA MET C 17 -1.20 -43.76 -12.33
C MET C 17 -1.62 -43.32 -13.73
N GLU C 18 -2.86 -42.85 -13.83
CA GLU C 18 -3.46 -42.39 -15.06
C GLU C 18 -2.54 -41.38 -15.75
N MET C 19 -2.18 -40.31 -15.03
CA MET C 19 -1.37 -39.24 -15.57
C MET C 19 -0.03 -39.76 -16.09
N VAL C 20 0.59 -40.67 -15.33
CA VAL C 20 1.93 -41.14 -15.64
C VAL C 20 1.91 -42.01 -16.90
N LYS C 21 0.73 -42.55 -17.27
CA LYS C 21 0.58 -43.23 -18.55
C LYS C 21 0.92 -42.26 -19.69
N ASN C 22 0.53 -40.98 -19.56
CA ASN C 22 0.81 -39.98 -20.58
C ASN C 22 2.28 -39.56 -20.53
N SER C 23 2.89 -39.39 -21.71
CA SER C 23 4.32 -39.24 -21.82
C SER C 23 4.75 -37.84 -21.39
N ARG C 24 3.99 -36.82 -21.82
CA ARG C 24 4.32 -35.45 -21.49
C ARG C 24 4.33 -35.31 -19.97
N MET C 25 3.22 -35.74 -19.37
CA MET C 25 3.00 -35.56 -17.96
C MET C 25 4.06 -36.29 -17.16
N ARG C 26 4.48 -37.47 -17.65
CA ARG C 26 5.50 -38.26 -17.00
C ARG C 26 6.84 -37.52 -17.08
N GLU C 27 7.15 -36.95 -18.24
CA GLU C 27 8.34 -36.14 -18.40
C GLU C 27 8.35 -34.98 -17.40
N ILE C 28 7.25 -34.25 -17.34
CA ILE C 28 7.13 -33.12 -16.44
C ILE C 28 7.33 -33.59 -15.00
N LEU C 29 6.61 -34.65 -14.62
CA LEU C 29 6.61 -35.13 -13.25
C LEU C 29 7.97 -35.70 -12.86
N THR C 30 8.73 -36.23 -13.83
CA THR C 30 10.03 -36.83 -13.56
C THR C 30 11.15 -35.79 -13.64
N THR C 31 10.99 -34.71 -14.43
CA THR C 31 12.08 -33.75 -14.61
C THR C 31 11.79 -32.39 -13.96
N THR C 32 10.71 -32.26 -13.19
CA THR C 32 10.43 -31.05 -12.42
C THR C 32 10.67 -31.37 -10.94
N SER C 33 11.71 -30.75 -10.37
CA SER C 33 11.96 -30.86 -8.94
C SER C 33 10.80 -30.22 -8.18
N VAL C 34 10.69 -30.55 -6.90
CA VAL C 34 9.77 -29.89 -6.02
C VAL C 34 10.01 -28.37 -6.04
N ASP C 35 11.29 -27.92 -6.04
CA ASP C 35 11.59 -26.50 -6.05
C ASP C 35 11.02 -25.85 -7.30
N HIS C 36 11.30 -26.47 -8.46
CA HIS C 36 10.95 -25.92 -9.75
C HIS C 36 9.43 -25.92 -9.94
N MET C 37 8.71 -26.76 -9.20
CA MET C 37 7.25 -26.74 -9.24
C MET C 37 6.70 -25.36 -8.94
N ALA C 38 7.36 -24.62 -8.05
CA ALA C 38 6.98 -23.26 -7.72
C ALA C 38 6.91 -22.39 -8.98
N VAL C 39 7.84 -22.59 -9.92
CA VAL C 39 7.82 -21.81 -11.16
C VAL C 39 6.66 -22.27 -12.03
N ILE C 40 6.54 -23.57 -12.28
CA ILE C 40 5.62 -24.03 -13.31
C ILE C 40 4.16 -23.89 -12.87
N LYS C 41 3.94 -23.86 -11.55
CA LYS C 41 2.64 -23.61 -10.95
C LYS C 41 2.05 -22.26 -11.36
N LYS C 42 2.91 -21.28 -11.70
CA LYS C 42 2.45 -19.94 -12.05
C LYS C 42 2.57 -19.71 -13.55
N TYR C 43 3.00 -20.74 -14.28
CA TYR C 43 3.13 -20.60 -15.72
C TYR C 43 1.75 -20.33 -16.28
N THR C 44 1.60 -19.24 -17.06
CA THR C 44 0.29 -18.81 -17.51
C THR C 44 0.40 -17.94 -18.75
N SER C 45 -0.64 -17.98 -19.57
CA SER C 45 -0.87 -17.07 -20.67
C SER C 45 -1.81 -15.96 -20.24
N GLY C 46 -2.52 -16.17 -19.12
CA GLY C 46 -3.44 -15.19 -18.61
C GLY C 46 -2.70 -14.12 -17.83
N ARG C 47 -3.12 -12.86 -18.00
CA ARG C 47 -2.49 -11.72 -17.35
C ARG C 47 -3.42 -11.11 -16.33
N GLN C 48 -2.84 -10.51 -15.29
CA GLN C 48 -3.57 -9.76 -14.29
C GLN C 48 -4.38 -8.66 -14.98
N GLU C 49 -5.70 -8.73 -14.83
CA GLU C 49 -6.60 -7.73 -15.40
C GLU C 49 -6.19 -6.35 -14.93
N LYS C 50 -6.06 -5.41 -15.88
CA LYS C 50 -5.58 -4.07 -15.57
C LYS C 50 -6.77 -3.16 -15.26
N ASN C 51 -7.97 -3.55 -15.69
CA ASN C 51 -9.17 -2.77 -15.40
C ASN C 51 -10.31 -3.72 -15.10
N PRO C 52 -10.31 -4.30 -13.89
CA PRO C 52 -11.28 -5.34 -13.58
C PRO C 52 -12.69 -4.78 -13.51
N ALA C 53 -12.84 -3.51 -13.12
CA ALA C 53 -14.18 -2.95 -13.00
C ALA C 53 -14.87 -2.95 -14.36
N LEU C 54 -14.17 -2.46 -15.39
CA LEU C 54 -14.70 -2.44 -16.74
C LEU C 54 -14.95 -3.85 -17.24
N ARG C 55 -13.94 -4.72 -17.14
CA ARG C 55 -14.06 -6.08 -17.64
C ARG C 55 -15.28 -6.81 -17.07
N MET C 56 -15.53 -6.69 -15.76
CA MET C 56 -16.65 -7.37 -15.14
C MET C 56 -17.96 -6.81 -15.66
N LYS C 57 -18.07 -5.47 -15.79
CA LYS C 57 -19.26 -4.85 -16.37
C LYS C 57 -19.51 -5.40 -17.77
N TRP C 58 -18.44 -5.64 -18.53
CA TRP C 58 -18.57 -6.14 -19.88
C TRP C 58 -19.01 -7.61 -19.88
N MET C 59 -18.39 -8.41 -19.02
CA MET C 59 -18.58 -9.84 -19.01
C MET C 59 -19.93 -10.24 -18.41
N MET C 60 -20.40 -9.48 -17.40
CA MET C 60 -21.65 -9.81 -16.76
C MET C 60 -22.82 -9.61 -17.71
N ALA C 61 -22.58 -8.99 -18.87
CA ALA C 61 -23.57 -8.92 -19.94
C ALA C 61 -23.62 -10.21 -20.75
N MET C 62 -22.61 -11.09 -20.58
CA MET C 62 -22.45 -12.25 -21.42
C MET C 62 -23.20 -13.42 -20.81
N LYS C 63 -23.52 -14.42 -21.64
CA LYS C 63 -24.26 -15.60 -21.21
C LYS C 63 -23.47 -16.42 -20.20
N TYR C 64 -22.20 -16.71 -20.50
CA TYR C 64 -21.39 -17.60 -19.68
C TYR C 64 -20.07 -16.94 -19.30
N PRO C 65 -20.05 -15.99 -18.34
CA PRO C 65 -18.80 -15.33 -17.93
C PRO C 65 -18.02 -16.01 -16.81
N ILE C 66 -18.63 -17.01 -16.17
CA ILE C 66 -18.04 -17.63 -15.01
C ILE C 66 -17.40 -18.95 -15.42
N SER C 67 -16.25 -19.21 -14.81
CA SER C 67 -15.48 -20.42 -15.02
C SER C 67 -15.60 -21.30 -13.78
N ALA C 68 -16.02 -22.56 -13.95
CA ALA C 68 -16.25 -23.50 -12.84
C ALA C 68 -15.62 -24.84 -13.15
N SER C 69 -15.30 -25.64 -12.12
CA SER C 69 -14.80 -27.00 -12.28
C SER C 69 -15.72 -27.82 -13.17
N SER C 70 -15.13 -28.70 -14.00
CA SER C 70 -15.90 -29.49 -14.97
C SER C 70 -16.91 -30.40 -14.26
N ARG C 71 -16.57 -30.86 -13.05
CA ARG C 71 -17.47 -31.65 -12.24
C ARG C 71 -18.82 -30.94 -11.97
N ILE C 72 -18.90 -29.63 -12.17
CA ILE C 72 -20.20 -28.96 -12.09
C ILE C 72 -21.22 -29.72 -12.94
N ARG C 73 -20.75 -30.38 -14.00
CA ARG C 73 -21.65 -30.89 -15.02
C ARG C 73 -22.41 -32.10 -14.49
N GLU C 74 -21.82 -32.81 -13.54
CA GLU C 74 -22.45 -33.96 -12.92
C GLU C 74 -23.18 -33.55 -11.65
N MET C 75 -22.98 -32.30 -11.20
CA MET C 75 -23.44 -31.87 -9.89
C MET C 75 -24.74 -31.09 -10.01
N ILE C 76 -25.00 -30.44 -11.15
CA ILE C 76 -26.20 -29.65 -11.32
C ILE C 76 -26.77 -29.91 -12.71
N PRO C 77 -28.07 -29.61 -12.94
CA PRO C 77 -28.67 -29.79 -14.27
C PRO C 77 -28.15 -28.79 -15.29
N GLU C 78 -28.15 -29.21 -16.56
CA GLU C 78 -27.65 -28.40 -17.66
C GLU C 78 -28.55 -27.20 -17.84
N LYS C 79 -29.85 -27.41 -17.65
CA LYS C 79 -30.85 -26.35 -17.68
C LYS C 79 -31.67 -26.39 -16.39
N ASP C 80 -32.23 -25.24 -16.03
CA ASP C 80 -33.07 -25.13 -14.86
C ASP C 80 -34.53 -25.12 -15.31
N GLU C 81 -35.42 -25.07 -14.31
CA GLU C 81 -36.85 -25.16 -14.51
C GLU C 81 -37.34 -24.14 -15.54
N ASP C 82 -36.62 -23.01 -15.67
CA ASP C 82 -37.08 -21.89 -16.48
C ASP C 82 -36.49 -21.92 -17.89
N GLY C 83 -35.70 -22.96 -18.22
CA GLY C 83 -35.10 -23.06 -19.53
C GLY C 83 -33.68 -22.48 -19.61
N ASN C 84 -33.14 -21.93 -18.52
CA ASN C 84 -31.81 -21.34 -18.54
C ASN C 84 -30.76 -22.45 -18.66
N THR C 85 -29.81 -22.32 -19.58
CA THR C 85 -28.64 -23.18 -19.53
C THR C 85 -27.76 -22.70 -18.38
N LEU C 86 -27.28 -23.65 -17.55
CA LEU C 86 -26.55 -23.34 -16.33
C LEU C 86 -25.05 -23.59 -16.55
N TRP C 87 -24.73 -24.58 -17.40
CA TRP C 87 -23.35 -24.83 -17.78
C TRP C 87 -23.23 -25.21 -19.26
N THR C 88 -21.99 -25.16 -19.74
CA THR C 88 -21.64 -25.53 -21.11
C THR C 88 -20.40 -26.42 -21.02
N ASN C 89 -19.97 -26.95 -22.18
CA ASN C 89 -18.78 -27.79 -22.23
C ASN C 89 -17.57 -27.00 -22.73
N THR C 90 -17.71 -25.68 -22.95
CA THR C 90 -16.58 -24.91 -23.44
C THR C 90 -15.54 -24.86 -22.33
N LYS C 91 -14.32 -25.29 -22.66
CA LYS C 91 -13.23 -25.17 -21.73
C LYS C 91 -12.78 -23.71 -21.66
N ASP C 92 -12.58 -23.23 -20.42
CA ASP C 92 -11.90 -21.97 -20.17
C ASP C 92 -10.48 -22.10 -20.69
N ALA C 93 -9.95 -21.00 -21.26
CA ALA C 93 -8.61 -20.96 -21.79
C ALA C 93 -7.60 -21.34 -20.70
N GLY C 94 -6.83 -22.37 -20.97
CA GLY C 94 -5.71 -22.74 -20.12
C GLY C 94 -6.05 -23.73 -19.00
N SER C 95 -7.31 -24.20 -18.90
CA SER C 95 -7.68 -25.17 -17.87
C SER C 95 -8.74 -26.16 -18.37
N ASN C 96 -9.21 -27.03 -17.46
CA ASN C 96 -10.34 -27.92 -17.73
C ASN C 96 -11.61 -27.42 -17.07
N ARG C 97 -11.57 -26.24 -16.44
CA ARG C 97 -12.78 -25.58 -15.94
C ARG C 97 -13.69 -25.30 -17.13
N VAL C 98 -14.99 -25.15 -16.90
CA VAL C 98 -15.90 -24.91 -18.01
C VAL C 98 -16.66 -23.60 -17.78
N LEU C 99 -17.28 -23.12 -18.86
CA LEU C 99 -17.95 -21.83 -18.88
C LEU C 99 -19.42 -22.02 -18.52
N VAL C 100 -19.86 -21.28 -17.48
CA VAL C 100 -21.15 -21.45 -16.85
C VAL C 100 -21.81 -20.08 -16.69
N SER C 101 -23.13 -20.11 -16.45
CA SER C 101 -23.96 -18.92 -16.24
C SER C 101 -23.99 -18.58 -14.76
N PRO C 102 -24.19 -17.29 -14.40
CA PRO C 102 -24.52 -16.96 -13.00
C PRO C 102 -25.77 -17.68 -12.48
N ASN C 103 -26.65 -18.11 -13.39
CA ASN C 103 -27.84 -18.86 -12.99
C ASN C 103 -27.45 -20.15 -12.27
N ALA C 104 -26.25 -20.67 -12.56
CA ALA C 104 -25.78 -21.87 -11.90
C ALA C 104 -25.48 -21.60 -10.43
N VAL C 105 -25.02 -20.38 -10.12
CA VAL C 105 -24.67 -20.02 -8.77
C VAL C 105 -25.95 -19.93 -7.94
N THR C 106 -26.96 -19.26 -8.49
CA THR C 106 -28.24 -19.16 -7.82
C THR C 106 -28.87 -20.56 -7.69
N TRP C 107 -28.84 -21.36 -8.76
CA TRP C 107 -29.40 -22.71 -8.70
C TRP C 107 -28.88 -23.44 -7.46
N TRP C 108 -27.55 -23.50 -7.37
CA TRP C 108 -26.86 -24.22 -6.31
C TRP C 108 -27.30 -23.70 -4.95
N ASN C 109 -27.53 -22.38 -4.88
CA ASN C 109 -27.82 -21.69 -3.64
C ASN C 109 -29.27 -21.95 -3.21
N ARG C 110 -30.13 -22.36 -4.15
CA ARG C 110 -31.50 -22.72 -3.81
C ARG C 110 -31.68 -24.25 -3.75
N ALA C 111 -30.97 -25.00 -4.59
CA ALA C 111 -31.34 -26.40 -4.82
C ALA C 111 -30.14 -27.34 -4.77
N GLY C 112 -28.98 -26.83 -4.38
CA GLY C 112 -27.77 -27.63 -4.43
C GLY C 112 -27.61 -28.47 -3.17
N PRO C 113 -26.50 -29.23 -3.07
CA PRO C 113 -26.21 -30.03 -1.88
C PRO C 113 -26.01 -29.20 -0.62
N VAL C 114 -26.87 -29.41 0.39
CA VAL C 114 -26.73 -28.74 1.68
C VAL C 114 -25.58 -29.35 2.48
N SER C 115 -24.71 -28.49 3.02
CA SER C 115 -23.64 -28.93 3.90
C SER C 115 -23.97 -28.45 5.31
N ASP C 116 -23.21 -28.94 6.29
CA ASP C 116 -23.33 -28.47 7.65
C ASP C 116 -22.17 -27.51 7.91
N VAL C 117 -22.37 -26.57 8.85
CA VAL C 117 -21.56 -25.38 8.93
C VAL C 117 -21.00 -25.22 10.34
N VAL C 118 -20.81 -26.36 11.04
CA VAL C 118 -20.44 -26.34 12.44
C VAL C 118 -19.09 -25.66 12.64
N HIS C 119 -18.17 -25.84 11.67
CA HIS C 119 -16.81 -25.31 11.80
C HIS C 119 -16.72 -23.83 11.42
N TYR C 120 -17.73 -23.30 10.70
CA TYR C 120 -17.61 -21.94 10.15
C TYR C 120 -17.32 -20.95 11.26
N PRO C 121 -18.17 -20.83 12.31
CA PRO C 121 -17.84 -19.92 13.41
C PRO C 121 -16.45 -20.07 14.01
N ARG C 122 -15.90 -21.30 13.99
CA ARG C 122 -14.62 -21.53 14.63
C ARG C 122 -13.49 -21.14 13.68
N VAL C 123 -13.58 -21.55 12.42
CA VAL C 123 -12.57 -21.19 11.44
C VAL C 123 -12.56 -19.67 11.24
N TYR C 124 -13.74 -19.05 11.16
CA TYR C 124 -13.85 -17.63 10.87
C TYR C 124 -14.11 -16.82 12.14
N LYS C 125 -13.60 -17.33 13.27
CA LYS C 125 -13.79 -16.71 14.57
C LYS C 125 -13.37 -15.24 14.53
N MET C 126 -12.24 -14.95 13.89
CA MET C 126 -11.72 -13.59 13.83
C MET C 126 -12.81 -12.63 13.33
N TYR C 127 -13.65 -13.10 12.41
CA TYR C 127 -14.66 -12.26 11.76
C TYR C 127 -15.91 -12.24 12.63
N PHE C 128 -16.31 -13.42 13.13
CA PHE C 128 -17.55 -13.53 13.88
C PHE C 128 -17.41 -12.77 15.19
N ASP C 129 -16.19 -12.74 15.74
CA ASP C 129 -15.92 -12.03 16.98
C ASP C 129 -16.22 -10.54 16.81
N ARG C 130 -15.92 -9.99 15.63
CA ARG C 130 -16.22 -8.60 15.36
C ARG C 130 -17.69 -8.34 15.61
N LEU C 131 -18.54 -9.23 15.07
CA LEU C 131 -19.98 -9.06 15.15
C LEU C 131 -20.43 -9.18 16.60
N GLU C 132 -19.83 -10.12 17.35
CA GLU C 132 -20.19 -10.31 18.73
C GLU C 132 -19.92 -9.03 19.52
N ARG C 133 -18.73 -8.43 19.33
CA ARG C 133 -18.36 -7.23 20.07
C ARG C 133 -19.34 -6.09 19.76
N LEU C 134 -19.84 -6.03 18.53
CA LEU C 134 -20.80 -5.00 18.12
C LEU C 134 -22.20 -5.30 18.66
N THR C 135 -22.68 -6.54 18.48
CA THR C 135 -23.99 -6.91 18.97
C THR C 135 -24.14 -6.54 20.45
N HIS C 136 -23.08 -6.67 21.25
CA HIS C 136 -23.13 -6.41 22.69
C HIS C 136 -22.41 -5.11 23.06
N GLY C 137 -22.26 -4.20 22.09
CA GLY C 137 -21.67 -2.90 22.38
C GLY C 137 -22.73 -1.98 22.96
N THR C 138 -22.27 -0.91 23.62
CA THR C 138 -23.18 0.10 24.12
C THR C 138 -22.82 1.48 23.58
N PHE C 139 -23.83 2.20 23.10
CA PHE C 139 -23.64 3.57 22.64
C PHE C 139 -23.96 4.61 23.73
N GLY C 140 -22.98 5.47 24.00
CA GLY C 140 -23.24 6.75 24.64
C GLY C 140 -23.67 7.79 23.60
N PRO C 141 -23.65 9.10 23.95
CA PRO C 141 -24.03 10.15 23.02
C PRO C 141 -22.90 10.64 22.12
N VAL C 142 -23.29 11.42 21.11
CA VAL C 142 -22.35 12.10 20.24
C VAL C 142 -22.07 13.48 20.82
N LYS C 143 -20.77 13.83 20.91
CA LYS C 143 -20.30 15.17 21.21
C LYS C 143 -19.58 15.77 20.01
N PHE C 144 -19.68 17.09 19.85
CA PHE C 144 -19.05 17.81 18.75
C PHE C 144 -17.92 18.66 19.30
N TYR C 145 -16.73 18.47 18.73
CA TYR C 145 -15.58 19.29 19.05
C TYR C 145 -14.48 18.97 18.05
N ASN C 146 -13.46 19.83 18.02
CA ASN C 146 -12.29 19.68 17.17
C ASN C 146 -11.22 18.98 18.00
N GLN C 147 -10.69 17.89 17.50
CA GLN C 147 -9.61 17.24 18.22
C GLN C 147 -8.57 16.77 17.21
N VAL C 148 -7.30 16.97 17.57
CA VAL C 148 -6.16 16.54 16.77
C VAL C 148 -6.14 15.02 16.82
N LYS C 149 -6.15 14.40 15.64
CA LYS C 149 -6.00 12.97 15.53
C LYS C 149 -4.56 12.73 15.08
N VAL C 150 -3.73 12.20 15.97
CA VAL C 150 -2.32 12.01 15.63
C VAL C 150 -2.16 10.62 15.05
N ARG C 151 -1.36 10.55 13.98
CA ARG C 151 -1.08 9.33 13.25
C ARG C 151 -0.08 8.46 14.03
N LYS C 152 -0.53 7.25 14.38
CA LYS C 152 0.25 6.29 15.15
C LYS C 152 0.07 4.90 14.57
N ARG C 153 1.11 4.07 14.71
CA ARG C 153 1.01 2.63 14.52
C ARG C 153 0.14 2.08 15.64
N VAL C 154 -0.89 1.30 15.29
CA VAL C 154 -1.80 0.72 16.27
C VAL C 154 -2.14 -0.71 15.85
N ASP C 155 -2.61 -1.51 16.81
CA ASP C 155 -3.03 -2.89 16.58
C ASP C 155 -4.39 -2.91 15.89
N ILE C 156 -4.62 -3.86 14.98
CA ILE C 156 -5.86 -3.85 14.23
C ILE C 156 -6.64 -5.16 14.36
N ASN C 157 -6.15 -6.17 15.07
CA ASN C 157 -6.86 -7.45 15.10
C ASN C 157 -6.96 -7.97 16.54
N PRO C 158 -8.08 -7.73 17.26
CA PRO C 158 -8.29 -8.32 18.57
C PRO C 158 -8.32 -9.85 18.54
N GLY C 159 -7.69 -10.46 19.56
CA GLY C 159 -7.77 -11.90 19.79
C GLY C 159 -6.55 -12.63 19.20
N HIS C 160 -5.51 -11.87 18.84
CA HIS C 160 -4.26 -12.45 18.38
C HIS C 160 -3.56 -13.12 19.55
N LYS C 161 -2.48 -13.85 19.25
CA LYS C 161 -1.72 -14.59 20.25
C LYS C 161 -0.28 -14.08 20.32
N ASP C 162 -0.03 -12.93 19.68
CA ASP C 162 1.23 -12.23 19.82
C ASP C 162 2.39 -13.12 19.36
N LEU C 163 2.15 -13.94 18.34
CA LEU C 163 3.20 -14.76 17.75
C LEU C 163 3.87 -13.97 16.63
N THR C 164 5.17 -14.26 16.41
CA THR C 164 5.87 -13.80 15.22
C THR C 164 5.36 -14.62 14.04
N SER C 165 5.68 -14.20 12.82
CA SER C 165 5.25 -14.91 11.63
C SER C 165 5.86 -16.31 11.57
N ARG C 166 7.08 -16.46 12.12
CA ARG C 166 7.74 -17.75 12.19
C ARG C 166 6.93 -18.71 13.08
N GLU C 167 6.59 -18.25 14.29
CA GLU C 167 5.95 -19.07 15.31
C GLU C 167 4.52 -19.43 14.90
N ALA C 168 3.86 -18.55 14.13
CA ALA C 168 2.50 -18.81 13.68
C ALA C 168 2.53 -19.87 12.59
N GLN C 169 3.49 -19.74 11.67
CA GLN C 169 3.73 -20.73 10.64
C GLN C 169 3.93 -22.10 11.28
N GLU C 170 4.84 -22.18 12.25
CA GLU C 170 5.15 -23.44 12.91
C GLU C 170 3.91 -24.02 13.54
N VAL C 171 3.10 -23.18 14.21
CA VAL C 171 1.87 -23.64 14.85
C VAL C 171 0.86 -24.10 13.80
N ILE C 172 0.74 -23.37 12.69
CA ILE C 172 -0.29 -23.69 11.71
C ILE C 172 0.10 -25.00 11.02
N MET C 173 1.40 -25.18 10.77
CA MET C 173 1.89 -26.44 10.22
C MET C 173 1.53 -27.62 11.12
N GLU C 174 1.65 -27.47 12.45
CA GLU C 174 1.34 -28.55 13.38
C GLU C 174 -0.16 -28.83 13.42
N VAL C 175 -0.97 -27.79 13.24
CA VAL C 175 -2.40 -27.91 13.37
C VAL C 175 -2.97 -28.48 12.08
N VAL C 176 -2.64 -27.90 10.92
CA VAL C 176 -3.35 -28.23 9.69
C VAL C 176 -2.60 -29.32 8.92
N PHE C 177 -1.27 -29.34 9.01
CA PHE C 177 -0.45 -30.22 8.19
C PHE C 177 0.64 -30.86 9.04
N PRO C 178 0.29 -31.63 10.10
CA PRO C 178 1.29 -32.08 11.09
C PRO C 178 2.42 -32.93 10.51
N ASN C 179 2.12 -33.79 9.53
CA ASN C 179 3.11 -34.72 8.99
C ASN C 179 4.08 -34.04 8.02
N GLU C 180 3.89 -32.74 7.73
CA GLU C 180 4.70 -32.06 6.73
C GLU C 180 5.61 -31.04 7.40
N VAL C 181 5.72 -31.12 8.74
CA VAL C 181 6.39 -30.13 9.57
C VAL C 181 7.88 -30.07 9.29
N GLY C 182 8.51 -31.22 9.01
CA GLY C 182 9.95 -31.33 8.91
C GLY C 182 10.60 -31.55 10.27
N ALA C 183 11.86 -31.13 10.39
CA ALA C 183 12.68 -31.40 11.56
C ALA C 183 12.21 -30.60 12.77
N ARG C 184 12.13 -29.27 12.60
CA ARG C 184 11.89 -28.35 13.70
C ARG C 184 10.47 -28.50 14.23
N THR C 185 10.35 -28.77 15.54
CA THR C 185 9.07 -28.83 16.24
C THR C 185 9.06 -27.77 17.35
N LEU C 186 7.89 -27.62 18.00
CA LEU C 186 7.56 -26.43 18.77
C LEU C 186 8.31 -26.39 20.10
N SER C 187 9.01 -25.28 20.34
CA SER C 187 9.56 -24.97 21.65
C SER C 187 8.44 -24.61 22.62
N SER C 188 7.86 -23.41 22.42
CA SER C 188 7.13 -22.67 23.44
C SER C 188 5.92 -23.46 23.96
N ASP C 189 5.57 -23.19 25.22
CA ASP C 189 4.38 -23.74 25.83
C ASP C 189 3.15 -22.99 25.33
N ALA C 190 3.35 -21.73 24.92
CA ALA C 190 2.31 -20.92 24.29
C ALA C 190 1.90 -21.55 22.96
N GLN C 191 2.91 -21.90 22.15
CA GLN C 191 2.69 -22.62 20.91
C GLN C 191 1.93 -23.92 21.16
N LEU C 192 2.37 -24.69 22.15
CA LEU C 192 1.83 -26.03 22.35
C LEU C 192 0.37 -25.98 22.80
N THR C 193 0.04 -25.02 23.67
CA THR C 193 -1.31 -24.97 24.23
C THR C 193 -2.27 -24.44 23.16
N ILE C 194 -1.79 -23.55 22.28
CA ILE C 194 -2.59 -23.09 21.15
C ILE C 194 -2.86 -24.24 20.20
N THR C 195 -1.81 -24.98 19.84
CA THR C 195 -1.90 -26.15 18.99
C THR C 195 -2.96 -27.12 19.52
N LYS C 196 -2.92 -27.46 20.82
CA LYS C 196 -3.90 -28.38 21.39
C LYS C 196 -5.30 -27.85 21.12
N GLU C 197 -5.54 -26.60 21.54
CA GLU C 197 -6.87 -26.02 21.48
C GLU C 197 -7.40 -26.10 20.05
N LYS C 198 -6.59 -25.56 19.11
CA LYS C 198 -7.00 -25.43 17.72
C LYS C 198 -7.23 -26.80 17.08
N LYS C 199 -6.33 -27.75 17.37
CA LYS C 199 -6.47 -29.13 16.93
C LYS C 199 -7.84 -29.67 17.34
N GLU C 200 -8.26 -29.34 18.58
CA GLU C 200 -9.50 -29.87 19.13
C GLU C 200 -10.69 -29.17 18.47
N GLU C 201 -10.64 -27.84 18.39
CA GLU C 201 -11.74 -27.05 17.85
C GLU C 201 -11.98 -27.38 16.37
N LEU C 202 -10.92 -27.76 15.65
CA LEU C 202 -10.99 -27.85 14.21
C LEU C 202 -10.82 -29.30 13.75
N LYS C 203 -11.15 -30.26 14.62
CA LYS C 203 -11.02 -31.65 14.25
C LYS C 203 -12.23 -32.03 13.41
N ASN C 204 -11.97 -32.79 12.33
CA ASN C 204 -12.96 -33.31 11.40
C ASN C 204 -13.42 -32.22 10.42
N CYS C 205 -12.68 -31.11 10.38
CA CYS C 205 -13.09 -29.91 9.62
C CYS C 205 -12.95 -30.17 8.13
N LYS C 206 -14.01 -29.88 7.38
CA LYS C 206 -14.02 -30.16 5.95
C LYS C 206 -14.00 -28.87 5.14
N ILE C 207 -13.72 -27.72 5.78
CA ILE C 207 -13.48 -26.52 5.01
C ILE C 207 -12.06 -26.58 4.45
N SER C 208 -11.84 -25.95 3.29
CA SER C 208 -10.55 -25.94 2.62
C SER C 208 -9.44 -25.56 3.61
N PRO C 209 -8.40 -26.41 3.77
CA PRO C 209 -7.28 -26.07 4.64
C PRO C 209 -6.54 -24.79 4.27
N ILE C 210 -6.73 -24.34 3.02
CA ILE C 210 -6.27 -23.03 2.59
C ILE C 210 -6.94 -21.95 3.43
N MET C 211 -8.28 -21.97 3.53
CA MET C 211 -8.99 -20.98 4.33
C MET C 211 -8.66 -21.11 5.81
N VAL C 212 -8.52 -22.34 6.32
CA VAL C 212 -8.17 -22.58 7.73
C VAL C 212 -6.83 -21.95 8.07
N ALA C 213 -5.81 -22.24 7.24
CA ALA C 213 -4.47 -21.71 7.44
C ALA C 213 -4.46 -20.17 7.28
N TYR C 214 -5.16 -19.67 6.26
CA TYR C 214 -5.25 -18.26 6.00
C TYR C 214 -5.86 -17.57 7.22
N MET C 215 -6.99 -18.10 7.69
CA MET C 215 -7.65 -17.51 8.85
C MET C 215 -6.77 -17.63 10.08
N LEU C 216 -6.17 -18.81 10.32
CA LEU C 216 -5.37 -18.98 11.52
C LEU C 216 -4.22 -17.97 11.50
N GLU C 217 -3.65 -17.71 10.33
CA GLU C 217 -2.51 -16.79 10.23
C GLU C 217 -2.95 -15.35 10.51
N ARG C 218 -4.10 -14.94 9.96
CA ARG C 218 -4.66 -13.61 10.20
C ARG C 218 -4.92 -13.40 11.68
N GLU C 219 -5.43 -14.46 12.33
CA GLU C 219 -5.88 -14.42 13.71
C GLU C 219 -4.75 -14.50 14.73
N LEU C 220 -3.68 -15.26 14.44
CA LEU C 220 -2.64 -15.55 15.41
C LEU C 220 -1.60 -14.43 15.47
N VAL C 221 -1.35 -13.75 14.36
CA VAL C 221 -0.27 -12.79 14.29
C VAL C 221 -0.83 -11.39 14.59
N ARG C 222 -0.17 -10.68 15.51
CA ARG C 222 -0.48 -9.27 15.75
C ARG C 222 -0.14 -8.48 14.49
N ARG C 223 -1.16 -7.79 13.96
CA ARG C 223 -1.00 -6.94 12.79
C ARG C 223 -1.32 -5.51 13.19
N THR C 224 -0.68 -4.55 12.52
CA THR C 224 -0.78 -3.17 12.90
C THR C 224 -0.99 -2.31 11.66
N ARG C 225 -1.24 -1.03 11.91
CA ARG C 225 -1.50 -0.07 10.85
C ARG C 225 -1.31 1.34 11.39
N PHE C 226 -0.95 2.26 10.49
CA PHE C 226 -0.77 3.66 10.79
C PHE C 226 -2.07 4.40 10.49
N LEU C 227 -2.67 4.99 11.53
CA LEU C 227 -4.00 5.61 11.46
C LEU C 227 -4.03 6.90 12.28
N PRO C 228 -4.83 7.91 11.85
CA PRO C 228 -5.12 9.07 12.69
C PRO C 228 -6.10 8.66 13.78
N ILE C 229 -5.68 8.79 15.04
CA ILE C 229 -6.47 8.27 16.15
C ILE C 229 -6.35 9.20 17.35
N ALA C 230 -7.49 9.63 17.89
CA ALA C 230 -7.52 10.64 18.93
C ALA C 230 -7.70 10.01 20.31
N GLY C 231 -8.39 8.87 20.37
CA GLY C 231 -8.80 8.29 21.64
C GLY C 231 -8.02 7.03 21.99
N ALA C 232 -8.73 6.06 22.56
CA ALA C 232 -8.17 4.80 22.99
C ALA C 232 -7.60 4.04 21.78
N THR C 233 -6.40 3.47 21.95
CA THR C 233 -5.66 2.83 20.86
C THR C 233 -5.77 1.31 20.91
N SER C 234 -6.57 0.75 21.83
CA SER C 234 -6.76 -0.69 21.88
C SER C 234 -7.43 -1.16 20.58
N SER C 235 -7.16 -2.43 20.23
CA SER C 235 -7.57 -2.97 18.95
C SER C 235 -9.08 -3.05 18.85
N THR C 236 -9.78 -3.27 19.98
CA THR C 236 -11.24 -3.34 19.92
C THR C 236 -11.82 -1.95 19.66
N TYR C 237 -11.05 -0.87 19.93
CA TYR C 237 -11.48 0.49 19.60
C TYR C 237 -11.06 0.85 18.17
N VAL C 238 -9.83 0.48 17.78
CA VAL C 238 -9.35 0.69 16.43
C VAL C 238 -10.34 0.08 15.42
N GLU C 239 -10.88 -1.08 15.77
CA GLU C 239 -11.77 -1.84 14.92
C GLU C 239 -13.01 -1.05 14.54
N VAL C 240 -13.43 -0.11 15.40
CA VAL C 240 -14.65 0.67 15.15
C VAL C 240 -14.30 2.15 15.07
N LEU C 241 -13.11 2.49 14.60
CA LEU C 241 -12.69 3.88 14.54
C LEU C 241 -13.62 4.66 13.61
N HIS C 242 -14.12 4.00 12.57
CA HIS C 242 -14.96 4.68 11.60
C HIS C 242 -16.26 5.13 12.26
N LEU C 243 -16.65 4.44 13.34
CA LEU C 243 -17.93 4.66 14.00
C LEU C 243 -17.82 5.64 15.15
N THR C 244 -16.65 5.69 15.82
CA THR C 244 -16.51 6.42 17.09
C THR C 244 -15.91 7.79 16.86
N GLN C 245 -15.21 8.01 15.73
CA GLN C 245 -14.41 9.21 15.51
C GLN C 245 -14.71 9.81 14.13
N GLY C 246 -15.06 11.11 14.11
CA GLY C 246 -15.17 11.89 12.89
C GLY C 246 -14.30 13.14 12.97
N THR C 247 -14.37 14.00 11.96
CA THR C 247 -13.54 15.20 11.93
C THR C 247 -13.96 16.16 13.06
N CYS C 248 -15.25 16.19 13.39
CA CYS C 248 -15.76 17.16 14.34
C CYS C 248 -16.59 16.49 15.44
N TRP C 249 -16.49 15.16 15.58
CA TRP C 249 -17.37 14.45 16.49
C TRP C 249 -16.73 13.20 17.05
N GLU C 250 -17.28 12.81 18.21
CA GLU C 250 -17.01 11.55 18.88
C GLU C 250 -18.33 10.87 19.21
N GLN C 251 -18.43 9.60 18.83
CA GLN C 251 -19.55 8.74 19.19
C GLN C 251 -19.06 7.87 20.34
N GLN C 252 -19.46 8.21 21.57
CA GLN C 252 -19.06 7.42 22.72
C GLN C 252 -19.63 6.02 22.53
N TYR C 253 -18.79 5.02 22.84
CA TYR C 253 -19.11 3.65 22.55
C TYR C 253 -18.23 2.72 23.38
N THR C 254 -18.81 1.58 23.77
CA THR C 254 -18.10 0.53 24.49
C THR C 254 -18.38 -0.79 23.80
N PRO C 255 -17.36 -1.44 23.20
CA PRO C 255 -17.54 -2.75 22.58
C PRO C 255 -17.95 -3.78 23.63
N GLY C 256 -18.72 -4.78 23.21
CA GLY C 256 -18.99 -5.92 24.08
C GLY C 256 -17.70 -6.69 24.40
N GLY C 257 -17.71 -7.46 25.49
CA GLY C 257 -16.62 -8.35 25.85
C GLY C 257 -15.64 -7.70 26.82
N GLU C 258 -14.64 -8.48 27.28
CA GLU C 258 -13.73 -8.07 28.33
C GLU C 258 -12.49 -7.40 27.73
N ALA C 259 -11.92 -6.45 28.47
CA ALA C 259 -10.64 -5.85 28.12
C ALA C 259 -9.51 -6.80 28.51
N GLU C 260 -8.40 -6.75 27.78
CA GLU C 260 -7.16 -7.32 28.27
C GLU C 260 -6.81 -6.70 29.62
N ASN C 261 -6.19 -7.51 30.49
CA ASN C 261 -5.60 -7.01 31.71
C ASN C 261 -4.43 -6.08 31.36
N ASP C 262 -3.75 -6.35 30.22
CA ASP C 262 -2.64 -5.52 29.77
C ASP C 262 -3.13 -4.12 29.38
N ASP C 263 -4.25 -4.01 28.68
CA ASP C 263 -4.78 -2.71 28.29
C ASP C 263 -5.24 -1.95 29.54
N LEU C 264 -5.94 -2.62 30.44
CA LEU C 264 -6.40 -2.01 31.69
C LEU C 264 -5.21 -1.48 32.48
N ASP C 265 -4.21 -2.33 32.69
CA ASP C 265 -3.04 -1.92 33.46
C ASP C 265 -2.40 -0.69 32.85
N GLN C 266 -2.22 -0.72 31.53
CA GLN C 266 -1.57 0.36 30.81
C GLN C 266 -2.37 1.65 30.98
N THR C 267 -3.71 1.56 30.87
CA THR C 267 -4.57 2.73 30.99
C THR C 267 -4.51 3.27 32.43
N LEU C 268 -4.48 2.37 33.41
CA LEU C 268 -4.43 2.77 34.81
C LEU C 268 -3.20 3.63 35.07
N ILE C 269 -2.08 3.27 34.45
CA ILE C 269 -0.84 4.00 34.64
C ILE C 269 -0.98 5.37 34.02
N ILE C 270 -1.56 5.43 32.82
CA ILE C 270 -1.70 6.70 32.10
C ILE C 270 -2.63 7.65 32.89
N ALA C 271 -3.77 7.12 33.33
CA ALA C 271 -4.72 7.87 34.14
C ALA C 271 -4.05 8.42 35.40
N SER C 272 -3.32 7.55 36.11
CA SER C 272 -2.72 7.91 37.38
C SER C 272 -1.70 9.02 37.17
N ARG C 273 -0.91 8.93 36.10
CA ARG C 273 0.10 9.92 35.77
C ARG C 273 -0.55 11.26 35.42
N ASN C 274 -1.61 11.20 34.60
CA ASN C 274 -2.32 12.40 34.22
C ASN C 274 -2.87 13.11 35.46
N ILE C 275 -3.45 12.32 36.38
CA ILE C 275 -4.03 12.84 37.61
C ILE C 275 -2.94 13.48 38.46
N VAL C 276 -1.83 12.76 38.68
CA VAL C 276 -0.71 13.28 39.44
C VAL C 276 -0.21 14.58 38.83
N ARG C 277 0.03 14.59 37.51
CA ARG C 277 0.59 15.75 36.84
C ARG C 277 -0.37 16.93 36.90
N ARG C 278 -1.67 16.68 36.75
CA ARG C 278 -2.63 17.77 36.88
C ARG C 278 -2.66 18.31 38.33
N SER C 279 -2.49 17.43 39.33
CA SER C 279 -2.70 17.76 40.74
C SER C 279 -1.57 18.65 41.30
N ILE C 280 -0.35 18.44 40.82
CA ILE C 280 0.86 19.09 41.33
C ILE C 280 0.81 20.59 41.10
N VAL C 281 0.02 21.01 40.14
CA VAL C 281 -0.11 22.39 39.76
C VAL C 281 -1.34 23.06 40.40
N ALA C 282 -2.13 22.30 41.19
CA ALA C 282 -3.22 22.88 41.97
C ALA C 282 -2.73 23.43 43.32
N ILE C 283 -3.53 24.28 43.97
CA ILE C 283 -3.14 24.82 45.27
C ILE C 283 -3.13 23.72 46.32
N ASP C 284 -4.05 22.75 46.20
CA ASP C 284 -4.08 21.64 47.12
C ASP C 284 -3.97 20.33 46.33
N PRO C 285 -2.75 19.84 46.07
CA PRO C 285 -2.57 18.66 45.21
C PRO C 285 -3.31 17.41 45.66
N LEU C 286 -3.24 17.10 46.96
CA LEU C 286 -3.89 15.90 47.48
C LEU C 286 -5.40 16.01 47.32
N ALA C 287 -5.99 17.14 47.75
CA ALA C 287 -7.42 17.33 47.56
C ALA C 287 -7.80 17.13 46.10
N SER C 288 -7.02 17.73 45.19
CA SER C 288 -7.32 17.65 43.77
C SER C 288 -7.17 16.22 43.24
N LEU C 289 -6.14 15.51 43.69
CA LEU C 289 -5.92 14.15 43.21
C LEU C 289 -7.05 13.22 43.65
N LEU C 290 -7.45 13.39 44.91
CA LEU C 290 -8.52 12.59 45.49
C LEU C 290 -9.80 12.83 44.71
N SER C 291 -10.08 14.11 44.44
CA SER C 291 -11.27 14.44 43.67
C SER C 291 -11.29 13.68 42.33
N MET C 292 -10.19 13.78 41.60
CA MET C 292 -10.09 13.15 40.29
C MET C 292 -10.13 11.62 40.40
N CYS C 293 -9.46 11.07 41.43
CA CYS C 293 -9.54 9.64 41.66
C CYS C 293 -10.98 9.18 41.82
N HIS C 294 -11.79 10.00 42.52
CA HIS C 294 -13.14 9.64 42.90
C HIS C 294 -14.14 9.89 41.77
N THR C 295 -13.83 10.73 40.77
CA THR C 295 -14.74 10.92 39.66
C THR C 295 -14.34 10.13 38.42
N THR C 296 -13.09 9.68 38.32
CA THR C 296 -12.58 9.11 37.07
C THR C 296 -13.09 7.67 36.91
N SER C 297 -13.29 7.25 35.65
CA SER C 297 -13.58 5.88 35.32
C SER C 297 -12.78 5.45 34.08
N ILE C 298 -12.45 4.15 34.00
CA ILE C 298 -11.92 3.53 32.78
C ILE C 298 -12.98 2.54 32.28
N SER C 299 -13.44 2.72 31.03
CA SER C 299 -14.60 2.03 30.49
C SER C 299 -15.73 1.92 31.51
N SER C 300 -16.10 3.05 32.12
CA SER C 300 -17.21 3.09 33.07
C SER C 300 -16.95 2.28 34.34
N GLU C 301 -15.74 1.76 34.55
CA GLU C 301 -15.35 1.24 35.85
C GLU C 301 -14.75 2.37 36.69
N PRO C 302 -15.20 2.59 37.94
CA PRO C 302 -14.57 3.56 38.82
C PRO C 302 -13.08 3.30 39.01
N LEU C 303 -12.29 4.35 38.89
CA LEU C 303 -10.85 4.24 39.06
C LEU C 303 -10.54 3.77 40.47
N VAL C 304 -11.40 4.17 41.42
CA VAL C 304 -11.21 3.80 42.82
C VAL C 304 -11.24 2.27 42.97
N GLU C 305 -12.22 1.61 42.34
CA GLU C 305 -12.31 0.15 42.41
C GLU C 305 -11.12 -0.49 41.72
N ILE C 306 -10.72 0.06 40.57
CA ILE C 306 -9.59 -0.49 39.84
C ILE C 306 -8.36 -0.42 40.74
N LEU C 307 -8.14 0.73 41.38
CA LEU C 307 -6.95 0.95 42.18
C LEU C 307 -6.96 0.02 43.40
N ARG C 308 -8.16 -0.34 43.84
CA ARG C 308 -8.34 -1.21 44.99
C ARG C 308 -7.91 -2.64 44.67
N SER C 309 -8.17 -3.11 43.44
CA SER C 309 -8.08 -4.51 43.09
C SER C 309 -7.00 -4.80 42.05
N ASN C 310 -6.22 -3.78 41.65
CA ASN C 310 -5.22 -3.95 40.61
C ASN C 310 -3.83 -4.04 41.25
N PRO C 311 -3.04 -5.09 40.93
CA PRO C 311 -1.69 -5.23 41.51
C PRO C 311 -0.56 -4.37 40.95
N THR C 312 -0.85 -3.53 39.95
CA THR C 312 0.19 -2.71 39.36
C THR C 312 0.92 -1.90 40.42
N ASP C 313 2.25 -2.03 40.41
CA ASP C 313 3.13 -1.20 41.20
C ASP C 313 3.84 -0.24 40.26
N GLU C 314 3.48 1.05 40.38
CA GLU C 314 4.06 2.13 39.58
C GLU C 314 3.92 3.40 40.40
N GLN C 315 4.83 4.36 40.19
CA GLN C 315 5.01 5.49 41.08
C GLN C 315 3.71 6.29 41.20
N ALA C 316 3.10 6.65 40.06
CA ALA C 316 1.90 7.46 40.05
C ALA C 316 0.75 6.65 40.63
N VAL C 317 0.64 5.39 40.18
CA VAL C 317 -0.38 4.48 40.66
C VAL C 317 -0.30 4.40 42.18
N ASN C 318 0.92 4.35 42.70
CA ASN C 318 1.15 4.17 44.12
C ASN C 318 0.81 5.45 44.86
N ILE C 319 1.03 6.60 44.24
CA ILE C 319 0.60 7.86 44.85
C ILE C 319 -0.92 7.84 44.99
N CYS C 320 -1.64 7.42 43.95
CA CYS C 320 -3.10 7.37 43.99
C CYS C 320 -3.59 6.39 45.07
N LYS C 321 -2.98 5.20 45.11
CA LYS C 321 -3.29 4.18 46.11
C LYS C 321 -3.05 4.72 47.51
N ALA C 322 -1.92 5.39 47.71
CA ALA C 322 -1.62 6.00 49.01
C ALA C 322 -2.73 6.95 49.43
N ALA C 323 -3.12 7.87 48.53
CA ALA C 323 -4.18 8.82 48.81
C ALA C 323 -5.45 8.14 49.27
N LEU C 324 -5.73 6.94 48.71
CA LEU C 324 -7.00 6.28 48.91
C LEU C 324 -6.96 5.30 50.08
N GLY C 325 -5.83 5.23 50.77
CA GLY C 325 -5.70 4.30 51.88
C GLY C 325 -5.53 2.86 51.42
N ILE C 326 -5.06 2.64 50.18
CA ILE C 326 -4.80 1.30 49.69
C ILE C 326 -3.34 0.97 49.98
N ARG C 327 -3.07 -0.28 50.38
CA ARG C 327 -1.70 -0.66 50.72
C ARG C 327 -0.95 -0.84 49.41
N ILE C 328 0.34 -0.49 49.42
CA ILE C 328 1.13 -0.50 48.21
C ILE C 328 2.28 -1.48 48.38
N ASN C 329 2.76 -1.99 47.26
CA ASN C 329 4.05 -2.64 47.21
C ASN C 329 4.99 -1.58 46.64
N ASN C 330 5.95 -1.08 47.44
CA ASN C 330 6.82 -0.03 46.94
C ASN C 330 7.87 -0.61 45.99
N SER C 331 7.40 -1.07 44.83
CA SER C 331 8.23 -1.67 43.81
C SER C 331 7.78 -1.16 42.44
N PHE C 332 8.65 -1.33 41.44
CA PHE C 332 8.27 -1.12 40.05
C PHE C 332 8.59 -2.41 39.28
N SER C 333 7.94 -2.60 38.14
CA SER C 333 8.25 -3.70 37.24
C SER C 333 9.21 -3.23 36.15
N PHE C 334 10.09 -4.13 35.72
CA PHE C 334 10.98 -3.92 34.59
C PHE C 334 11.23 -5.29 33.97
N GLY C 335 10.83 -5.45 32.70
CA GLY C 335 11.02 -6.70 31.99
C GLY C 335 10.31 -7.88 32.66
N GLY C 336 9.14 -7.63 33.26
CA GLY C 336 8.30 -8.68 33.80
C GLY C 336 8.70 -9.13 35.21
N TYR C 337 9.70 -8.45 35.81
CA TYR C 337 10.17 -8.80 37.14
C TYR C 337 9.99 -7.61 38.08
N ASN C 338 9.51 -7.87 39.30
CA ASN C 338 9.27 -6.84 40.31
C ASN C 338 10.57 -6.47 41.01
N PHE C 339 10.89 -5.17 41.04
CA PHE C 339 12.11 -4.67 41.65
C PHE C 339 11.77 -3.82 42.87
N LYS C 340 12.52 -4.07 43.94
CA LYS C 340 12.36 -3.36 45.20
C LYS C 340 13.76 -2.92 45.64
N ARG C 341 13.96 -1.62 45.79
CA ARG C 341 15.27 -1.12 46.18
C ARG C 341 15.42 -1.28 47.70
N VAL C 342 16.50 -1.95 48.11
CA VAL C 342 16.74 -2.26 49.51
C VAL C 342 17.31 -1.02 50.20
N LYS C 343 18.44 -0.52 49.69
CA LYS C 343 19.18 0.57 50.33
C LYS C 343 19.67 1.56 49.28
N GLY C 344 19.93 2.79 49.75
CA GLY C 344 20.52 3.84 48.93
C GLY C 344 19.51 4.46 47.98
N SER C 345 20.00 5.31 47.07
CA SER C 345 19.20 5.91 46.02
C SER C 345 20.11 6.45 44.92
N SER C 346 19.50 7.03 43.88
CA SER C 346 20.24 7.53 42.73
C SER C 346 19.52 8.73 42.12
N GLN C 347 20.00 9.17 40.94
CA GLN C 347 19.58 10.42 40.34
C GLN C 347 19.34 10.21 38.84
N ARG C 348 18.20 10.72 38.35
CA ARG C 348 17.90 10.77 36.93
C ARG C 348 18.81 11.81 36.27
N THR C 349 19.44 11.41 35.14
CA THR C 349 20.33 12.31 34.42
C THR C 349 20.20 12.04 32.93
N GLU C 350 20.06 13.13 32.17
CA GLU C 350 19.94 13.08 30.72
C GLU C 350 21.32 13.25 30.10
N LYS C 351 21.83 12.23 29.42
CA LYS C 351 23.15 12.27 28.79
C LYS C 351 23.20 11.36 27.57
N ALA C 352 24.20 11.61 26.70
CA ALA C 352 24.30 11.00 25.39
C ALA C 352 25.19 9.76 25.43
N VAL C 353 24.87 8.77 24.59
CA VAL C 353 25.41 7.43 24.71
C VAL C 353 25.67 6.84 23.31
N LEU C 354 26.95 6.64 22.99
CA LEU C 354 27.38 5.94 21.78
C LEU C 354 27.32 4.42 22.03
N THR C 355 26.43 3.74 21.30
CA THR C 355 26.22 2.31 21.45
C THR C 355 27.17 1.55 20.52
N GLY C 356 27.07 0.21 20.54
CA GLY C 356 27.88 -0.65 19.70
C GLY C 356 27.52 -0.55 18.22
N ASN C 357 26.27 -0.14 17.95
CA ASN C 357 25.80 0.16 16.60
C ASN C 357 26.50 1.40 16.06
N LEU C 358 27.12 2.20 16.94
CA LEU C 358 27.68 3.52 16.61
C LEU C 358 26.51 4.49 16.45
N GLN C 359 25.96 4.95 17.57
CA GLN C 359 24.71 5.69 17.56
C GLN C 359 24.57 6.56 18.81
N THR C 360 24.35 7.86 18.61
CA THR C 360 23.92 8.74 19.69
C THR C 360 22.46 8.46 19.99
N LEU C 361 22.15 8.40 21.29
CA LEU C 361 20.85 7.96 21.80
C LEU C 361 20.75 8.43 23.26
N THR C 362 20.12 9.58 23.47
CA THR C 362 20.38 10.38 24.67
C THR C 362 19.18 10.34 25.62
N MET C 363 18.98 9.18 26.26
CA MET C 363 17.89 8.99 27.21
C MET C 363 18.50 8.90 28.62
N THR C 364 17.68 8.64 29.65
CA THR C 364 18.08 8.90 31.04
C THR C 364 18.97 7.79 31.60
N ILE C 365 19.80 8.20 32.56
CA ILE C 365 20.69 7.32 33.29
C ILE C 365 20.31 7.38 34.76
N PHE C 366 20.62 6.31 35.51
CA PHE C 366 20.47 6.29 36.96
C PHE C 366 21.86 6.29 37.58
N GLU C 367 22.09 7.20 38.53
CA GLU C 367 23.42 7.51 39.02
C GLU C 367 23.40 7.64 40.54
N GLY C 368 23.80 6.56 41.23
CA GLY C 368 23.79 6.50 42.69
C GLY C 368 23.72 5.07 43.19
N TYR C 369 23.87 4.88 44.51
CA TYR C 369 23.94 3.53 45.07
C TYR C 369 22.54 3.01 45.37
N GLU C 370 22.28 1.78 44.93
CA GLU C 370 20.96 1.18 44.95
C GLU C 370 21.10 -0.34 45.06
N GLU C 371 20.65 -0.89 46.19
CA GLU C 371 20.54 -2.33 46.33
C GLU C 371 19.15 -2.75 45.85
N PHE C 372 19.06 -3.83 45.08
CA PHE C 372 17.80 -4.25 44.51
C PHE C 372 17.53 -5.73 44.79
N ASN C 373 16.38 -5.98 45.41
CA ASN C 373 15.80 -7.31 45.46
C ASN C 373 14.80 -7.43 44.31
N VAL C 374 14.88 -8.55 43.59
CA VAL C 374 14.12 -8.73 42.36
C VAL C 374 13.40 -10.07 42.44
N SER C 375 12.06 -10.05 42.55
CA SER C 375 11.27 -11.27 42.58
C SER C 375 11.09 -11.76 41.15
N GLY C 376 10.28 -12.81 40.96
CA GLY C 376 10.02 -13.25 39.60
C GLY C 376 9.10 -14.45 39.50
N LYS C 377 8.85 -14.84 38.24
CA LYS C 377 8.06 -16.00 37.87
C LYS C 377 8.65 -17.22 38.56
N ARG C 378 9.90 -17.56 38.20
CA ARG C 378 10.54 -18.77 38.68
C ARG C 378 11.94 -18.46 39.20
N ALA C 379 12.23 -17.17 39.43
CA ALA C 379 13.60 -16.74 39.68
C ALA C 379 13.62 -15.54 40.60
N SER C 380 14.80 -15.24 41.14
CA SER C 380 14.99 -14.09 42.00
C SER C 380 16.48 -13.75 42.03
N ALA C 381 16.83 -12.54 42.50
CA ALA C 381 18.23 -12.15 42.51
C ALA C 381 18.44 -10.93 43.40
N VAL C 382 19.71 -10.67 43.74
CA VAL C 382 20.08 -9.57 44.61
C VAL C 382 21.03 -8.65 43.84
N LEU C 383 20.47 -7.87 42.91
CA LEU C 383 21.25 -6.98 42.07
C LEU C 383 21.73 -5.77 42.87
N LYS C 384 23.00 -5.41 42.67
CA LYS C 384 23.56 -4.17 43.18
C LYS C 384 23.88 -3.25 42.01
N LYS C 385 23.72 -1.94 42.21
CA LYS C 385 23.89 -0.97 41.14
C LYS C 385 24.42 0.34 41.70
N GLY C 386 25.48 0.86 41.05
CA GLY C 386 26.00 2.20 41.32
C GLY C 386 25.55 3.17 40.23
N ALA C 387 26.53 3.72 39.48
CA ALA C 387 26.25 4.53 38.31
C ALA C 387 26.66 3.77 37.06
N GLN C 388 25.67 3.30 36.29
CA GLN C 388 25.90 2.41 35.17
C GLN C 388 26.86 1.30 35.61
N ARG C 389 26.52 0.61 36.70
CA ARG C 389 27.37 -0.43 37.25
C ARG C 389 26.53 -1.65 37.64
N LEU C 390 27.06 -2.84 37.36
CA LEU C 390 26.59 -4.08 37.95
C LEU C 390 27.59 -4.47 39.04
N ILE C 391 27.33 -3.98 40.27
CA ILE C 391 28.22 -4.18 41.40
C ILE C 391 28.24 -5.67 41.77
N GLN C 392 27.11 -6.38 41.54
CA GLN C 392 27.07 -7.83 41.60
C GLN C 392 25.62 -8.33 41.69
N ALA C 393 25.31 -9.38 40.91
CA ALA C 393 23.98 -9.95 40.82
C ALA C 393 24.01 -11.44 41.17
N ILE C 394 23.45 -11.79 42.33
CA ILE C 394 23.33 -13.18 42.75
C ILE C 394 21.93 -13.66 42.39
N ILE C 395 21.84 -14.68 41.52
CA ILE C 395 20.59 -15.07 40.90
C ILE C 395 20.21 -16.50 41.31
N GLY C 396 18.92 -16.74 41.53
CA GLY C 396 18.41 -18.06 41.86
C GLY C 396 17.14 -18.38 41.07
N GLY C 397 16.78 -19.67 41.04
CA GLY C 397 15.54 -20.08 40.37
C GLY C 397 15.36 -21.60 40.38
N ARG C 398 14.24 -22.04 39.80
CA ARG C 398 13.93 -23.45 39.65
C ARG C 398 14.84 -24.08 38.60
N THR C 399 14.86 -23.49 37.40
CA THR C 399 15.68 -23.97 36.31
C THR C 399 16.87 -23.02 36.13
N LEU C 400 17.91 -23.51 35.45
CA LEU C 400 18.99 -22.66 34.98
C LEU C 400 18.42 -21.66 33.98
N GLU C 401 17.38 -22.09 33.25
CA GLU C 401 16.72 -21.28 32.24
C GLU C 401 16.16 -19.99 32.85
N ASP C 402 15.50 -20.13 34.01
CA ASP C 402 14.79 -19.03 34.64
C ASP C 402 15.81 -18.05 35.21
N ILE C 403 17.00 -18.57 35.51
CA ILE C 403 18.14 -17.78 35.94
C ILE C 403 18.75 -17.07 34.75
N LEU C 404 18.44 -17.54 33.53
CA LEU C 404 18.98 -16.94 32.31
C LEU C 404 18.26 -15.63 31.99
N ASN C 405 16.94 -15.71 31.75
CA ASN C 405 16.14 -14.54 31.41
C ASN C 405 16.57 -13.37 32.29
N LEU C 406 16.43 -13.57 33.61
CA LEU C 406 16.66 -12.57 34.63
C LEU C 406 18.13 -12.13 34.63
N MET C 407 19.03 -13.08 34.33
CA MET C 407 20.45 -12.78 34.24
C MET C 407 20.69 -11.64 33.24
N ILE C 408 20.08 -11.76 32.06
CA ILE C 408 20.26 -10.82 30.96
C ILE C 408 19.61 -9.49 31.33
N THR C 409 18.33 -9.58 31.74
CA THR C 409 17.55 -8.44 32.15
C THR C 409 18.36 -7.53 33.06
N LEU C 410 19.12 -8.14 33.97
CA LEU C 410 19.84 -7.41 34.99
C LEU C 410 21.11 -6.75 34.43
N MET C 411 21.74 -7.34 33.42
CA MET C 411 22.88 -6.71 32.76
C MET C 411 22.42 -5.47 31.98
N VAL C 412 21.31 -5.62 31.25
CA VAL C 412 20.67 -4.51 30.56
C VAL C 412 20.36 -3.38 31.55
N PHE C 413 19.62 -3.73 32.61
CA PHE C 413 19.15 -2.82 33.63
C PHE C 413 20.32 -2.03 34.25
N SER C 414 21.54 -2.60 34.22
CA SER C 414 22.69 -1.99 34.88
C SER C 414 23.06 -0.66 34.20
N GLN C 415 22.86 -0.60 32.86
CA GLN C 415 23.17 0.57 32.06
C GLN C 415 24.67 0.67 31.79
N GLU C 416 25.42 -0.42 32.03
CA GLU C 416 26.87 -0.42 31.91
C GLU C 416 27.30 -0.11 30.47
N GLU C 417 28.53 0.41 30.35
CA GLU C 417 29.14 0.70 29.05
C GLU C 417 29.40 -0.58 28.27
N LYS C 418 29.53 -1.72 28.97
CA LYS C 418 29.88 -2.99 28.36
C LYS C 418 28.70 -3.62 27.63
N MET C 419 27.48 -3.11 27.90
CA MET C 419 26.30 -3.51 27.15
C MET C 419 25.92 -2.41 26.16
N LEU C 420 26.16 -1.14 26.53
CA LEU C 420 26.01 -0.04 25.59
C LEU C 420 26.89 -0.30 24.36
N LYS C 421 28.21 -0.41 24.56
CA LYS C 421 29.14 -0.67 23.47
C LYS C 421 29.25 -2.17 23.22
N ALA C 422 28.15 -2.78 22.75
CA ALA C 422 28.02 -4.24 22.62
C ALA C 422 26.82 -4.64 21.76
N VAL C 423 25.89 -3.70 21.54
CA VAL C 423 24.76 -3.87 20.63
C VAL C 423 25.30 -4.02 19.21
N ARG C 424 24.60 -4.79 18.37
CA ARG C 424 25.03 -5.07 17.01
C ARG C 424 23.79 -5.09 16.08
N ASN C 428 18.40 1.07 15.79
CA ASN C 428 18.16 2.54 15.80
C ASN C 428 17.31 2.91 17.01
N PHE C 429 17.11 4.21 17.23
CA PHE C 429 16.49 4.71 18.45
C PHE C 429 15.03 5.11 18.19
N VAL C 430 14.61 4.99 16.92
CA VAL C 430 13.30 5.44 16.46
C VAL C 430 12.69 4.31 15.62
N ASN C 431 11.38 4.40 15.34
CA ASN C 431 10.76 3.59 14.29
C ASN C 431 10.86 4.36 12.96
N ARG C 432 10.18 3.87 11.91
CA ARG C 432 10.33 4.38 10.55
C ARG C 432 9.66 5.75 10.40
N ALA C 433 8.55 5.95 11.10
CA ALA C 433 7.87 7.24 11.18
C ALA C 433 8.68 8.23 12.01
N ASN C 434 9.83 7.74 12.53
CA ASN C 434 10.83 8.55 13.21
C ASN C 434 10.34 8.90 14.61
N GLN C 435 9.43 8.07 15.15
CA GLN C 435 8.92 8.22 16.50
C GLN C 435 9.91 7.54 17.45
N ARG C 436 10.32 8.26 18.50
CA ARG C 436 11.25 7.76 19.49
C ARG C 436 10.66 6.51 20.16
N LEU C 437 11.55 5.58 20.53
CA LEU C 437 11.15 4.31 21.10
C LEU C 437 11.74 4.18 22.51
N ASN C 438 11.34 3.12 23.22
CA ASN C 438 11.71 2.84 24.60
C ASN C 438 13.15 2.32 24.62
N PRO C 439 14.13 3.05 25.21
CA PRO C 439 15.55 2.71 25.08
C PRO C 439 16.00 1.53 25.94
N MET C 440 15.70 1.60 27.25
CA MET C 440 16.09 0.59 28.22
C MET C 440 15.11 -0.59 28.24
N TYR C 441 14.21 -0.66 27.25
CA TYR C 441 13.43 -1.85 27.00
C TYR C 441 13.85 -2.49 25.67
N GLN C 442 14.36 -1.69 24.73
CA GLN C 442 14.79 -2.21 23.44
C GLN C 442 16.19 -2.81 23.54
N LEU C 443 17.03 -2.26 24.42
CA LEU C 443 18.34 -2.83 24.67
C LEU C 443 18.21 -4.22 25.30
N LEU C 444 17.03 -4.48 25.90
CA LEU C 444 16.71 -5.78 26.47
C LEU C 444 16.28 -6.75 25.36
N ARG C 445 15.35 -6.29 24.51
CA ARG C 445 14.83 -7.06 23.38
C ARG C 445 15.95 -7.60 22.50
N HIS C 446 16.97 -6.76 22.26
CA HIS C 446 18.12 -7.11 21.45
C HIS C 446 18.95 -8.20 22.14
N PHE C 447 19.39 -7.89 23.37
CA PHE C 447 20.24 -8.81 24.11
C PHE C 447 19.42 -10.04 24.55
N GLN C 448 18.10 -10.04 24.31
CA GLN C 448 17.27 -11.22 24.54
C GLN C 448 17.69 -12.36 23.61
N LYS C 449 17.48 -12.15 22.30
CA LYS C 449 17.63 -13.23 21.33
C LYS C 449 19.08 -13.36 20.88
N ASP C 450 20.00 -12.62 21.53
CA ASP C 450 21.41 -12.69 21.17
C ASP C 450 22.27 -12.12 22.30
N SER C 451 22.58 -12.97 23.29
CA SER C 451 23.47 -12.60 24.39
C SER C 451 24.92 -12.54 23.90
N SER C 452 25.28 -13.55 23.08
CA SER C 452 26.58 -13.77 22.46
C SER C 452 27.62 -12.67 22.69
N THR C 453 27.35 -11.46 22.18
CA THR C 453 28.35 -10.40 22.21
C THR C 453 28.52 -9.92 23.64
N LEU C 454 27.38 -9.72 24.32
CA LEU C 454 27.35 -9.17 25.67
C LEU C 454 28.24 -10.01 26.59
N LEU C 455 28.00 -11.32 26.60
CA LEU C 455 28.64 -12.21 27.55
C LEU C 455 30.15 -12.31 27.29
N LYS C 456 30.55 -12.26 26.01
CA LYS C 456 31.95 -12.37 25.62
C LYS C 456 32.61 -10.99 25.57
N ASN C 457 31.84 -9.95 25.94
CA ASN C 457 32.36 -8.59 26.06
C ASN C 457 32.14 -8.08 27.49
N TRP C 458 31.60 -8.94 28.36
CA TRP C 458 31.35 -8.60 29.76
C TRP C 458 32.60 -8.89 30.58
N GLY C 459 33.21 -10.06 30.33
CA GLY C 459 34.41 -10.50 31.03
C GLY C 459 34.15 -11.79 31.79
N THR C 460 35.03 -12.08 32.75
CA THR C 460 34.83 -13.14 33.73
C THR C 460 35.50 -12.74 35.05
N GLU C 461 35.39 -13.62 36.06
CA GLU C 461 35.90 -13.34 37.40
C GLU C 461 36.33 -14.66 38.05
N GLU C 462 37.35 -14.61 38.92
CA GLU C 462 37.87 -15.80 39.58
C GLU C 462 37.40 -15.85 41.03
N ILE C 463 36.16 -16.32 41.23
CA ILE C 463 35.49 -16.27 42.52
C ILE C 463 36.14 -17.31 43.45
N ASP C 464 36.25 -16.96 44.73
CA ASP C 464 36.97 -17.74 45.74
C ASP C 464 36.34 -19.12 45.92
N PRO C 465 36.98 -20.04 46.68
CA PRO C 465 36.37 -21.35 46.95
C PRO C 465 35.05 -21.26 47.73
N ILE C 466 34.88 -20.17 48.49
CA ILE C 466 33.71 -19.95 49.35
C ILE C 466 32.59 -20.88 48.90
N MET C 467 32.55 -22.05 49.54
CA MET C 467 31.87 -23.23 49.04
C MET C 467 30.36 -23.03 49.11
N GLY C 468 29.82 -22.21 48.22
CA GLY C 468 28.40 -21.89 48.22
C GLY C 468 27.98 -21.03 47.03
N ILE C 469 28.80 -20.02 46.71
CA ILE C 469 28.50 -19.05 45.66
C ILE C 469 29.08 -19.57 44.34
N ALA C 470 28.23 -20.19 43.52
CA ALA C 470 28.68 -20.78 42.26
C ALA C 470 28.97 -19.67 41.25
N GLY C 471 28.85 -19.99 39.95
CA GLY C 471 29.14 -19.02 38.90
C GLY C 471 28.51 -19.40 37.56
N ILE C 472 28.25 -18.37 36.74
CA ILE C 472 27.84 -18.53 35.35
C ILE C 472 28.90 -17.88 34.46
N MET C 473 29.20 -18.53 33.32
CA MET C 473 30.30 -18.16 32.44
C MET C 473 29.77 -17.43 31.20
N PRO C 474 30.64 -16.83 30.35
CA PRO C 474 30.22 -16.27 29.06
C PRO C 474 29.56 -17.25 28.09
N ASP C 475 28.60 -18.02 28.60
CA ASP C 475 28.14 -19.25 27.97
C ASP C 475 26.69 -19.51 28.35
N GLY C 476 26.46 -19.64 29.66
CA GLY C 476 25.31 -20.34 30.22
C GLY C 476 25.76 -21.51 31.08
N THR C 477 27.01 -21.96 30.86
CA THR C 477 27.65 -23.02 31.62
C THR C 477 27.78 -22.59 33.08
N ILE C 478 27.94 -23.58 33.97
CA ILE C 478 28.18 -23.34 35.38
C ILE C 478 29.65 -23.64 35.65
N ASN C 479 30.32 -22.78 36.44
CA ASN C 479 31.73 -22.96 36.75
C ASN C 479 31.93 -22.85 38.26
N LYS C 480 33.07 -23.36 38.73
CA LYS C 480 33.26 -23.68 40.13
C LYS C 480 33.77 -22.44 40.88
N THR C 481 34.94 -21.94 40.48
CA THR C 481 35.50 -20.73 41.09
C THR C 481 35.86 -19.73 39.98
N GLN C 482 35.03 -19.71 38.92
CA GLN C 482 34.98 -18.57 38.02
C GLN C 482 33.51 -18.26 37.71
N THR C 483 33.29 -17.08 37.11
CA THR C 483 31.96 -16.60 36.75
C THR C 483 32.11 -15.41 35.78
N LEU C 484 30.99 -14.73 35.48
CA LEU C 484 31.00 -13.48 34.76
C LEU C 484 31.38 -12.35 35.74
N MET C 485 31.74 -11.18 35.18
CA MET C 485 32.09 -10.02 35.98
C MET C 485 30.94 -9.59 36.89
N GLY C 486 30.96 -10.09 38.13
CA GLY C 486 30.03 -9.67 39.16
C GLY C 486 28.75 -10.51 39.19
N VAL C 487 28.75 -11.67 38.51
CA VAL C 487 27.60 -12.54 38.43
C VAL C 487 27.81 -13.76 39.33
N ARG C 488 26.73 -14.19 40.00
CA ARG C 488 26.77 -15.32 40.92
C ARG C 488 25.55 -16.20 40.72
N LEU C 489 25.63 -17.43 41.25
CA LEU C 489 24.53 -18.37 41.24
C LEU C 489 24.43 -19.00 42.63
N SER C 490 23.48 -18.49 43.44
CA SER C 490 23.20 -18.96 44.78
C SER C 490 21.70 -19.12 44.95
N GLN C 491 21.23 -19.36 46.19
CA GLN C 491 19.81 -19.56 46.44
C GLN C 491 19.36 -18.72 47.63
N GLY C 492 18.05 -18.42 47.68
CA GLY C 492 17.47 -17.56 48.72
C GLY C 492 16.31 -16.72 48.15
N GLY C 493 16.29 -15.42 48.50
CA GLY C 493 15.34 -14.48 47.96
C GLY C 493 14.12 -14.32 48.86
N TYR C 497 7.84 -14.00 49.45
CA TYR C 497 6.70 -14.00 50.40
C TYR C 497 6.57 -12.63 51.07
N SER C 498 7.65 -12.17 51.73
CA SER C 498 7.66 -10.88 52.39
C SER C 498 8.07 -9.77 51.41
N PHE C 499 8.41 -10.17 50.18
CA PHE C 499 8.69 -9.24 49.10
C PHE C 499 7.39 -8.64 48.56
N ASN C 500 6.32 -9.43 48.65
CA ASN C 500 5.03 -9.11 48.06
C ASN C 500 4.15 -8.34 49.05
N GLU C 501 4.53 -8.33 50.34
CA GLU C 501 3.71 -7.75 51.39
C GLU C 501 3.47 -6.26 51.11
N ARG C 502 2.19 -5.89 51.11
CA ARG C 502 1.77 -4.52 50.85
C ARG C 502 1.75 -3.78 52.18
N ILE C 503 2.35 -2.59 52.20
CA ILE C 503 2.50 -1.82 53.43
C ILE C 503 1.49 -0.68 53.45
N ARG C 504 1.14 -0.25 54.67
CA ARG C 504 0.32 0.92 54.87
C ARG C 504 1.21 2.17 54.84
N VAL C 505 0.81 3.16 54.04
CA VAL C 505 1.58 4.38 53.86
C VAL C 505 0.69 5.57 54.16
N ASN C 506 1.32 6.75 54.28
CA ASN C 506 0.61 8.02 54.37
C ASN C 506 1.18 8.98 53.34
N ILE C 507 0.40 10.03 53.04
CA ILE C 507 0.71 10.93 51.94
C ILE C 507 0.30 12.33 52.35
N ASP C 508 1.20 13.28 52.09
CA ASP C 508 0.99 14.65 52.53
C ASP C 508 0.33 15.46 51.40
N LYS C 509 0.14 16.75 51.67
CA LYS C 509 -0.65 17.60 50.81
C LYS C 509 0.00 17.69 49.43
N TYR C 510 1.33 17.54 49.38
CA TYR C 510 2.07 17.70 48.14
C TYR C 510 2.50 16.37 47.54
N LEU C 511 1.79 15.29 47.89
CA LEU C 511 1.89 14.02 47.19
C LEU C 511 3.17 13.23 47.56
N ARG C 512 3.86 13.64 48.64
CA ARG C 512 4.99 12.85 49.16
C ARG C 512 4.47 11.66 49.97
N VAL C 513 4.94 10.46 49.63
CA VAL C 513 4.46 9.22 50.23
C VAL C 513 5.51 8.72 51.22
N ARG C 514 5.09 8.45 52.45
CA ARG C 514 6.01 7.98 53.48
C ARG C 514 5.45 6.73 54.14
N ASN C 515 6.32 5.90 54.71
CA ASN C 515 5.88 4.73 55.45
C ASN C 515 5.48 5.17 56.86
N GLU C 516 4.95 4.23 57.63
CA GLU C 516 4.47 4.52 58.98
C GLU C 516 5.60 4.97 59.91
N LYS C 517 6.85 4.84 59.49
CA LYS C 517 7.98 5.35 60.25
C LYS C 517 8.40 6.74 59.80
N GLY C 518 7.81 7.24 58.69
CA GLY C 518 8.00 8.61 58.24
C GLY C 518 9.05 8.76 57.15
N GLU C 519 9.42 7.65 56.51
CA GLU C 519 10.49 7.62 55.52
C GLU C 519 9.92 7.85 54.12
N LEU C 520 10.58 8.71 53.33
CA LEU C 520 10.10 9.10 52.01
C LEU C 520 10.19 7.94 51.03
N LEU C 521 9.04 7.46 50.56
CA LEU C 521 8.98 6.37 49.60
C LEU C 521 8.87 6.90 48.16
N ILE C 522 8.01 7.90 47.94
CA ILE C 522 7.73 8.40 46.59
C ILE C 522 7.48 9.89 46.63
N SER C 523 7.98 10.57 45.61
CA SER C 523 7.74 11.99 45.42
C SER C 523 7.21 12.23 44.00
N PRO C 524 6.26 13.17 43.81
CA PRO C 524 5.66 13.41 42.49
C PRO C 524 6.67 13.63 41.36
N GLU C 525 7.86 14.14 41.69
CA GLU C 525 8.86 14.50 40.68
C GLU C 525 9.48 13.24 40.09
N GLU C 526 9.44 12.12 40.82
CA GLU C 526 9.89 10.83 40.33
C GLU C 526 8.95 10.26 39.27
N VAL C 527 7.72 10.80 39.16
CA VAL C 527 6.75 10.24 38.25
C VAL C 527 7.20 10.52 36.82
N SER C 528 7.23 9.48 35.98
CA SER C 528 7.67 9.61 34.60
C SER C 528 6.90 10.73 33.91
N GLU C 529 7.62 11.54 33.12
CA GLU C 529 7.07 12.70 32.44
C GLU C 529 6.46 12.32 31.09
N ALA C 530 6.73 11.07 30.65
CA ALA C 530 6.18 10.53 29.41
C ALA C 530 4.66 10.69 29.38
N GLN C 531 4.18 11.37 28.33
CA GLN C 531 2.76 11.52 28.02
C GLN C 531 2.37 10.39 27.06
N GLY C 532 1.78 9.31 27.59
CA GLY C 532 1.40 8.16 26.77
C GLY C 532 0.03 8.34 26.14
N GLN C 533 -0.45 7.29 25.44
CA GLN C 533 -1.83 7.27 24.96
C GLN C 533 -2.53 6.04 25.50
N GLU C 534 -3.66 6.27 26.16
CA GLU C 534 -4.43 5.22 26.79
C GLU C 534 -4.90 4.22 25.73
N LYS C 535 -4.89 2.95 26.11
CA LYS C 535 -5.44 1.89 25.28
C LYS C 535 -6.94 1.82 25.45
N LEU C 536 -7.45 2.22 26.62
CA LEU C 536 -8.87 2.21 26.89
C LEU C 536 -9.32 3.63 27.23
N PRO C 537 -10.61 3.97 27.05
CA PRO C 537 -11.11 5.31 27.31
C PRO C 537 -10.99 5.64 28.80
N ILE C 538 -10.44 6.82 29.09
CA ILE C 538 -10.45 7.41 30.42
C ILE C 538 -11.45 8.55 30.40
N ASN C 539 -12.38 8.55 31.35
CA ASN C 539 -13.22 9.72 31.57
C ASN C 539 -12.94 10.27 32.96
N TYR C 540 -12.33 11.47 33.03
CA TYR C 540 -12.05 12.09 34.33
C TYR C 540 -13.31 12.59 35.03
N ASN C 541 -14.36 12.94 34.26
N ASN C 541 -14.34 12.95 34.23
CA ASN C 541 -15.61 13.41 34.83
CA ASN C 541 -15.60 13.47 34.73
C ASN C 541 -15.34 14.52 35.85
C ASN C 541 -15.34 14.51 35.82
N SER C 542 -14.45 15.47 35.53
CA SER C 542 -13.88 16.34 36.55
C SER C 542 -13.86 17.78 36.04
N SER C 543 -14.09 18.72 36.95
CA SER C 543 -13.99 20.14 36.63
C SER C 543 -12.53 20.55 36.48
N LEU C 544 -11.60 19.70 36.93
CA LEU C 544 -10.18 19.98 36.84
C LEU C 544 -9.55 19.51 35.53
N MET C 545 -10.32 18.83 34.67
CA MET C 545 -9.79 18.28 33.43
C MET C 545 -10.71 18.70 32.30
N TRP C 546 -10.12 19.09 31.17
CA TRP C 546 -10.91 19.28 29.97
C TRP C 546 -11.63 17.98 29.62
N GLU C 547 -12.82 18.14 29.04
CA GLU C 547 -13.68 17.02 28.67
C GLU C 547 -12.99 16.20 27.61
N VAL C 548 -12.23 16.88 26.74
CA VAL C 548 -11.47 16.23 25.69
C VAL C 548 -10.03 16.03 26.18
N ASN C 549 -9.60 14.78 26.24
CA ASN C 549 -8.32 14.38 26.82
C ASN C 549 -7.18 14.68 25.85
N GLY C 550 -5.95 14.75 26.39
CA GLY C 550 -4.73 14.81 25.59
C GLY C 550 -4.04 16.18 25.62
N PRO C 551 -2.70 16.22 25.44
CA PRO C 551 -1.96 17.48 25.51
C PRO C 551 -2.30 18.47 24.39
N GLU C 552 -2.53 17.93 23.18
CA GLU C 552 -2.88 18.78 22.05
C GLU C 552 -4.18 19.49 22.36
N SER C 553 -5.09 18.73 22.96
CA SER C 553 -6.40 19.23 23.34
C SER C 553 -6.32 20.20 24.50
N ILE C 554 -5.33 20.07 25.40
CA ILE C 554 -5.14 21.12 26.41
C ILE C 554 -4.92 22.44 25.66
N LEU C 555 -4.11 22.42 24.60
CA LEU C 555 -3.78 23.64 23.87
C LEU C 555 -5.04 24.17 23.18
N THR C 556 -5.70 23.34 22.36
CA THR C 556 -6.79 23.86 21.54
C THR C 556 -7.97 24.30 22.41
N ASN C 557 -8.28 23.50 23.47
CA ASN C 557 -9.39 23.78 24.37
C ASN C 557 -9.16 25.07 25.14
N THR C 558 -7.93 25.30 25.63
CA THR C 558 -7.68 26.50 26.41
C THR C 558 -7.93 27.73 25.55
N TYR C 559 -7.43 27.71 24.31
CA TYR C 559 -7.49 28.90 23.46
C TYR C 559 -8.92 29.05 22.96
N HIS C 560 -9.57 27.93 22.61
CA HIS C 560 -10.99 27.94 22.23
C HIS C 560 -11.81 28.58 23.36
N TRP C 561 -11.50 28.20 24.60
CA TRP C 561 -12.28 28.64 25.75
C TRP C 561 -12.13 30.14 25.98
N ILE C 562 -10.87 30.59 25.95
CA ILE C 562 -10.56 32.02 26.05
C ILE C 562 -11.38 32.78 25.01
N ILE C 563 -11.31 32.34 23.76
CA ILE C 563 -11.90 33.09 22.66
C ILE C 563 -13.41 33.18 22.87
N LYS C 564 -14.02 32.05 23.24
CA LYS C 564 -15.46 32.02 23.34
C LYS C 564 -15.94 32.83 24.55
N ASN C 565 -15.08 33.06 25.54
CA ASN C 565 -15.48 33.79 26.75
C ASN C 565 -14.84 35.17 26.76
N TRP C 566 -14.46 35.65 25.57
CA TRP C 566 -13.52 36.76 25.45
C TRP C 566 -14.05 38.05 26.07
N GLU C 567 -15.34 38.34 25.89
CA GLU C 567 -15.91 39.58 26.42
C GLU C 567 -15.70 39.67 27.92
N LEU C 568 -16.09 38.62 28.66
CA LEU C 568 -15.89 38.55 30.10
C LEU C 568 -14.40 38.65 30.42
N LEU C 569 -13.59 37.80 29.78
CA LEU C 569 -12.18 37.70 30.13
C LEU C 569 -11.48 39.03 29.85
N LYS C 570 -11.90 39.76 28.80
CA LYS C 570 -11.27 41.02 28.45
C LYS C 570 -11.48 42.08 29.53
N THR C 571 -12.71 42.17 30.04
CA THR C 571 -13.02 43.19 31.04
C THR C 571 -12.32 42.83 32.35
N GLN C 572 -12.24 41.52 32.64
CA GLN C 572 -11.45 41.02 33.76
C GLN C 572 -9.98 41.37 33.60
N TRP C 573 -9.45 41.29 32.35
CA TRP C 573 -8.09 41.67 32.05
C TRP C 573 -7.86 43.15 32.36
N MET C 574 -8.87 43.98 32.05
CA MET C 574 -8.78 45.43 32.22
C MET C 574 -8.96 45.82 33.69
N THR C 575 -9.97 45.26 34.36
CA THR C 575 -10.34 45.71 35.69
C THR C 575 -9.59 44.91 36.77
N ASP C 576 -9.46 43.59 36.61
CA ASP C 576 -9.08 42.74 37.72
C ASP C 576 -8.06 41.67 37.30
N PRO C 577 -6.87 42.07 36.80
CA PRO C 577 -5.96 41.15 36.13
C PRO C 577 -5.66 39.88 36.93
N THR C 578 -5.37 40.07 38.23
CA THR C 578 -4.73 39.02 39.01
C THR C 578 -5.74 37.91 39.27
N VAL C 579 -7.03 38.23 39.30
CA VAL C 579 -8.05 37.20 39.40
C VAL C 579 -8.06 36.39 38.11
N LEU C 580 -8.05 37.08 36.95
CA LEU C 580 -7.94 36.41 35.66
C LEU C 580 -6.73 35.47 35.63
N TYR C 581 -5.56 35.94 36.05
CA TYR C 581 -4.36 35.12 35.96
C TYR C 581 -4.54 33.83 36.77
N ASN C 582 -5.29 33.89 37.88
CA ASN C 582 -5.32 32.80 38.85
C ASN C 582 -6.47 31.83 38.52
N ARG C 583 -7.21 32.10 37.45
CA ARG C 583 -8.35 31.24 37.16
C ARG C 583 -7.88 29.82 36.93
N ILE C 584 -8.77 28.90 37.26
CA ILE C 584 -8.46 27.48 37.35
C ILE C 584 -8.40 26.86 35.95
N GLU C 585 -9.03 27.51 34.97
CA GLU C 585 -9.11 26.96 33.62
C GLU C 585 -7.74 26.91 32.94
N PHE C 586 -6.74 27.63 33.49
CA PHE C 586 -5.40 27.70 32.93
C PHE C 586 -4.43 26.71 33.57
N GLU C 587 -4.88 25.91 34.56
CA GLU C 587 -3.94 25.04 35.27
C GLU C 587 -3.49 23.86 34.39
N PRO C 588 -4.39 23.19 33.63
CA PRO C 588 -3.93 22.11 32.74
C PRO C 588 -2.82 22.58 31.81
N PHE C 589 -2.98 23.79 31.24
CA PHE C 589 -2.02 24.37 30.32
C PHE C 589 -0.65 24.49 30.97
N GLN C 590 -0.63 24.86 32.27
CA GLN C 590 0.60 24.94 33.04
C GLN C 590 1.40 23.64 32.98
N THR C 591 0.71 22.49 32.89
CA THR C 591 1.41 21.21 32.88
C THR C 591 2.20 21.04 31.59
N LEU C 592 1.91 21.84 30.55
CA LEU C 592 2.66 21.78 29.30
C LEU C 592 3.91 22.65 29.34
N ILE C 593 3.96 23.60 30.28
CA ILE C 593 5.09 24.51 30.40
C ILE C 593 6.14 23.81 31.26
N PRO C 594 7.43 23.81 30.86
CA PRO C 594 8.48 23.23 31.68
C PRO C 594 8.50 23.88 33.06
N LYS C 595 8.55 23.04 34.10
CA LYS C 595 8.44 23.45 35.49
C LYS C 595 9.32 24.67 35.77
N GLY C 596 10.57 24.59 35.28
CA GLY C 596 11.59 25.59 35.56
C GLY C 596 11.31 26.95 34.89
N ASN C 597 10.36 27.00 33.96
CA ASN C 597 10.09 28.24 33.22
C ASN C 597 8.78 28.91 33.66
N ARG C 598 7.95 28.24 34.47
CA ARG C 598 6.60 28.72 34.70
C ARG C 598 6.60 30.15 35.28
N ALA C 599 7.49 30.42 36.24
CA ALA C 599 7.50 31.68 36.96
C ALA C 599 8.00 32.81 36.09
N ILE C 600 9.17 32.63 35.47
CA ILE C 600 9.75 33.64 34.59
C ILE C 600 8.80 33.94 33.42
N TYR C 601 8.20 32.90 32.82
CA TYR C 601 7.25 33.12 31.74
C TYR C 601 6.09 33.99 32.25
N SER C 602 5.59 33.70 33.46
CA SER C 602 4.51 34.47 34.06
C SER C 602 4.95 35.92 34.24
N GLY C 603 6.10 36.08 34.88
CA GLY C 603 6.64 37.42 35.12
C GLY C 603 6.71 38.22 33.83
N PHE C 604 7.35 37.63 32.80
CA PHE C 604 7.47 38.26 31.50
C PHE C 604 6.08 38.66 30.99
N THR C 605 5.15 37.72 31.02
CA THR C 605 3.83 37.95 30.44
C THR C 605 3.10 39.09 31.15
N ARG C 606 3.06 39.03 32.49
CA ARG C 606 2.29 40.02 33.24
C ARG C 606 2.87 41.42 33.03
N THR C 607 4.20 41.51 32.92
CA THR C 607 4.85 42.80 32.68
C THR C 607 4.43 43.35 31.32
N LEU C 608 4.41 42.48 30.28
CA LEU C 608 4.02 42.90 28.94
C LEU C 608 2.57 43.37 28.98
N PHE C 609 1.72 42.63 29.68
CA PHE C 609 0.32 43.03 29.80
C PHE C 609 0.18 44.37 30.53
N GLN C 610 1.07 44.70 31.47
CA GLN C 610 0.97 45.96 32.18
C GLN C 610 1.41 47.09 31.27
N GLN C 611 2.44 46.83 30.45
CA GLN C 611 2.90 47.81 29.49
C GLN C 611 1.78 48.10 28.51
N MET C 612 1.03 47.06 28.10
CA MET C 612 -0.06 47.29 27.19
C MET C 612 -1.09 48.21 27.85
N ARG C 613 -1.38 47.97 29.13
CA ARG C 613 -2.32 48.80 29.86
C ARG C 613 -1.83 50.24 29.93
N ASP C 614 -0.52 50.41 30.18
CA ASP C 614 0.08 51.70 30.47
C ASP C 614 0.15 52.58 29.23
N VAL C 615 0.54 51.98 28.10
CA VAL C 615 0.73 52.70 26.84
C VAL C 615 -0.58 52.65 26.07
N GLU C 616 -1.41 53.69 26.21
CA GLU C 616 -2.80 53.63 25.79
C GLU C 616 -2.89 53.54 24.26
N GLY C 617 -3.95 52.88 23.79
CA GLY C 617 -4.21 52.76 22.36
C GLY C 617 -3.38 51.68 21.68
N THR C 618 -2.65 50.87 22.47
CA THR C 618 -1.82 49.79 21.92
C THR C 618 -2.41 48.44 22.31
N PHE C 619 -3.73 48.38 22.47
CA PHE C 619 -4.41 47.14 22.79
C PHE C 619 -4.30 46.18 21.61
N ASP C 620 -4.15 44.88 21.93
CA ASP C 620 -4.12 43.84 20.92
C ASP C 620 -4.68 42.55 21.51
N SER C 621 -5.90 42.22 21.08
CA SER C 621 -6.63 41.10 21.64
C SER C 621 -5.95 39.77 21.29
N ILE C 622 -5.33 39.70 20.10
CA ILE C 622 -4.70 38.47 19.67
C ILE C 622 -3.49 38.19 20.57
N GLN C 623 -2.67 39.22 20.83
CA GLN C 623 -1.52 39.06 21.70
C GLN C 623 -1.95 38.64 23.12
N ILE C 624 -3.04 39.21 23.62
CA ILE C 624 -3.49 38.88 24.98
C ILE C 624 -3.91 37.41 25.03
N ILE C 625 -4.82 37.02 24.13
CA ILE C 625 -5.29 35.64 24.05
C ILE C 625 -4.09 34.69 24.00
N LYS C 626 -3.11 35.01 23.14
CA LYS C 626 -1.98 34.15 22.88
C LYS C 626 -1.21 33.87 24.17
N LEU C 627 -0.88 34.95 24.91
CA LEU C 627 0.06 34.87 26.02
C LEU C 627 -0.66 34.57 27.34
N LEU C 628 -1.99 34.71 27.37
CA LEU C 628 -2.73 34.73 28.62
C LEU C 628 -2.46 33.49 29.48
N PRO C 629 -2.49 32.24 28.94
CA PRO C 629 -2.28 31.07 29.79
C PRO C 629 -0.95 31.11 30.52
N PHE C 630 0.04 31.81 29.98
CA PHE C 630 1.39 31.81 30.54
C PHE C 630 1.46 32.71 31.78
N SER C 631 0.37 33.45 32.06
CA SER C 631 0.27 34.33 33.20
C SER C 631 -0.01 33.57 34.50
N ALA C 632 -0.38 32.28 34.40
CA ALA C 632 -1.04 31.56 35.49
C ALA C 632 -0.02 30.85 36.38
N HIS C 633 0.92 31.61 36.94
CA HIS C 633 1.86 31.08 37.89
C HIS C 633 2.37 32.27 38.69
N PRO C 634 2.52 32.18 40.04
CA PRO C 634 3.18 33.24 40.77
C PRO C 634 4.39 33.71 39.95
N PRO C 635 4.46 35.01 39.57
CA PRO C 635 5.53 35.50 38.71
C PRO C 635 6.84 35.68 39.48
N SER C 636 7.97 35.53 38.78
CA SER C 636 9.25 35.88 39.36
C SER C 636 9.83 37.07 38.62
N LEU C 637 10.73 37.80 39.30
CA LEU C 637 11.43 38.93 38.70
C LEU C 637 12.46 38.36 37.73
N GLY C 638 12.66 39.03 36.59
CA GLY C 638 13.63 38.54 35.61
C GLY C 638 14.07 39.68 34.69
N ARG C 639 15.31 39.55 34.21
CA ARG C 639 15.89 40.45 33.21
C ARG C 639 15.60 39.88 31.81
N THR C 640 15.71 38.55 31.70
CA THR C 640 15.60 37.80 30.45
C THR C 640 14.45 38.30 29.59
N GLN C 641 14.75 38.60 28.32
CA GLN C 641 13.72 38.82 27.31
C GLN C 641 13.48 37.50 26.59
N PHE C 642 12.21 37.21 26.27
CA PHE C 642 11.89 35.98 25.57
C PHE C 642 11.39 36.30 24.17
N SER C 643 11.91 35.54 23.20
CA SER C 643 11.38 35.57 21.84
C SER C 643 10.35 34.46 21.65
N SER C 644 10.41 33.39 22.48
CA SER C 644 9.40 32.36 22.49
C SER C 644 9.23 31.72 23.87
N PHE C 645 8.09 31.05 24.06
CA PHE C 645 7.86 30.14 25.18
C PHE C 645 7.83 28.70 24.67
N THR C 646 8.51 27.81 25.40
CA THR C 646 8.50 26.39 25.07
C THR C 646 7.30 25.71 25.75
N LEU C 647 6.57 24.92 24.95
CA LEU C 647 5.59 23.96 25.43
C LEU C 647 6.11 22.55 25.11
N ASN C 648 5.83 21.58 25.98
N ASN C 648 5.77 21.58 25.98
CA ASN C 648 6.19 20.20 25.68
CA ASN C 648 6.09 20.18 25.80
C ASN C 648 4.92 19.43 25.32
C ASN C 648 4.85 19.44 25.32
N ILE C 649 4.84 19.02 24.06
CA ILE C 649 3.72 18.27 23.50
C ILE C 649 4.23 16.93 22.97
N ARG C 650 3.79 15.85 23.64
CA ARG C 650 4.21 14.48 23.37
C ARG C 650 5.72 14.35 23.30
N GLY C 651 6.43 14.86 24.31
CA GLY C 651 7.85 14.63 24.45
C GLY C 651 8.71 15.55 23.57
N ALA C 652 8.08 16.47 22.83
CA ALA C 652 8.75 17.27 21.83
C ALA C 652 8.45 18.75 22.05
N PRO C 653 9.48 19.62 22.18
CA PRO C 653 9.26 21.04 22.39
C PRO C 653 8.68 21.66 21.12
N LEU C 654 7.57 22.39 21.30
CA LEU C 654 7.08 23.38 20.35
C LEU C 654 7.35 24.75 20.97
N ARG C 655 7.74 25.73 20.15
CA ARG C 655 7.97 27.08 20.63
C ARG C 655 6.89 28.01 20.08
N LEU C 656 6.23 28.71 21.00
CA LEU C 656 5.26 29.73 20.64
C LEU C 656 5.96 31.09 20.67
N LEU C 657 5.96 31.77 19.50
CA LEU C 657 6.69 33.01 19.37
C LEU C 657 5.86 34.12 20.01
N ILE C 658 6.56 34.98 20.75
CA ILE C 658 5.96 36.12 21.43
C ILE C 658 5.41 37.08 20.38
N ARG C 659 6.21 37.33 19.35
CA ARG C 659 5.85 38.28 18.32
C ARG C 659 5.29 37.54 17.11
N GLY C 660 3.98 37.73 16.88
CA GLY C 660 3.30 37.27 15.68
C GLY C 660 2.95 35.79 15.68
N ASN C 661 2.93 35.22 14.47
CA ASN C 661 2.42 33.89 14.20
C ASN C 661 3.54 32.86 14.38
N SER C 662 3.17 31.66 14.85
CA SER C 662 4.03 30.49 14.82
C SER C 662 3.21 29.32 14.27
N GLN C 663 3.88 28.18 14.08
CA GLN C 663 3.23 26.94 13.67
C GLN C 663 2.19 26.52 14.71
N VAL C 664 2.49 26.77 15.99
CA VAL C 664 1.62 26.42 17.11
C VAL C 664 0.37 27.28 17.15
N PHE C 665 0.58 28.60 17.13
CA PHE C 665 -0.50 29.58 17.24
C PHE C 665 -0.31 30.61 16.14
N ASN C 666 -1.28 30.71 15.23
CA ASN C 666 -1.25 31.80 14.28
C ASN C 666 -2.66 32.28 14.00
N TYR C 667 -2.77 33.58 13.73
CA TYR C 667 -3.99 34.20 13.26
C TYR C 667 -3.93 34.32 11.73
N ASN C 668 -4.96 33.82 11.05
CA ASN C 668 -5.03 33.83 9.60
C ASN C 668 -5.96 34.97 9.17
N GLN C 669 -5.43 35.95 8.45
CA GLN C 669 -6.20 37.12 8.07
C GLN C 669 -7.37 36.66 7.19
N MET C 670 -7.08 35.75 6.28
CA MET C 670 -7.98 35.42 5.18
C MET C 670 -9.22 34.69 5.70
N GLU C 671 -9.03 33.78 6.66
CA GLU C 671 -10.15 33.10 7.27
C GLU C 671 -10.67 33.91 8.47
N ASN C 672 -9.82 34.77 9.03
CA ASN C 672 -10.13 35.50 10.26
C ASN C 672 -10.38 34.51 11.40
N VAL C 673 -9.43 33.58 11.58
CA VAL C 673 -9.52 32.58 12.63
C VAL C 673 -8.13 32.39 13.22
N ILE C 674 -8.14 32.02 14.50
CA ILE C 674 -6.94 31.59 15.19
C ILE C 674 -6.83 30.09 14.99
N ILE C 675 -5.66 29.63 14.53
CA ILE C 675 -5.42 28.23 14.27
C ILE C 675 -4.37 27.75 15.25
N VAL C 676 -4.69 26.65 15.94
CA VAL C 676 -3.86 26.12 17.00
C VAL C 676 -3.58 24.65 16.71
N LEU C 677 -2.30 24.32 16.62
CA LEU C 677 -1.83 23.07 16.02
C LEU C 677 -2.69 22.67 14.84
N GLY C 678 -3.01 23.61 13.93
CA GLY C 678 -3.69 23.28 12.69
C GLY C 678 -5.22 23.26 12.79
N LYS C 679 -5.76 23.50 13.99
CA LYS C 679 -7.21 23.52 14.22
C LYS C 679 -7.71 24.93 14.47
N SER C 680 -8.80 25.31 13.81
CA SER C 680 -9.47 26.56 14.09
C SER C 680 -10.03 26.50 15.50
N VAL C 681 -9.84 27.57 16.28
CA VAL C 681 -10.50 27.70 17.56
C VAL C 681 -11.36 28.97 17.57
N GLY C 682 -11.80 29.41 16.38
CA GLY C 682 -12.62 30.60 16.19
C GLY C 682 -11.78 31.88 16.12
N SER C 683 -12.45 33.04 16.17
CA SER C 683 -11.76 34.33 16.33
C SER C 683 -12.50 35.22 17.32
N PRO C 684 -11.87 36.27 17.89
CA PRO C 684 -12.57 37.22 18.76
C PRO C 684 -13.30 38.31 17.98
N SER C 693 -2.07 51.72 15.13
CA SER C 693 -0.72 52.33 15.17
C SER C 693 0.34 51.25 15.02
N SER C 694 1.59 51.68 14.78
CA SER C 694 2.70 50.79 14.56
C SER C 694 3.32 50.33 15.88
N ILE C 695 2.71 50.71 17.01
CA ILE C 695 3.40 50.53 18.28
C ILE C 695 2.92 49.23 18.94
N GLU C 696 3.89 48.40 19.29
CA GLU C 696 3.65 47.11 19.93
C GLU C 696 4.18 47.21 21.35
N SER C 697 3.26 47.10 22.32
CA SER C 697 3.54 47.38 23.71
C SER C 697 3.88 46.12 24.51
N ALA C 698 3.57 44.95 23.95
CA ALA C 698 3.67 43.69 24.68
C ALA C 698 4.51 42.65 23.93
N VAL C 699 5.75 43.01 23.58
CA VAL C 699 6.67 42.08 22.94
C VAL C 699 8.00 42.03 23.70
N LEU C 700 8.54 43.21 24.00
CA LEU C 700 9.73 43.31 24.85
C LEU C 700 9.35 43.97 26.18
N ARG C 701 9.95 43.49 27.27
CA ARG C 701 9.75 44.13 28.57
C ARG C 701 10.63 45.39 28.63
N GLY C 702 9.97 46.53 28.84
CA GLY C 702 10.67 47.79 29.01
C GLY C 702 11.06 48.42 27.68
N PHE C 703 10.53 47.91 26.56
CA PHE C 703 10.69 48.55 25.27
C PHE C 703 9.35 48.59 24.56
N LEU C 704 9.25 49.53 23.61
CA LEU C 704 8.18 49.58 22.63
C LEU C 704 8.76 49.31 21.26
N ILE C 705 7.98 48.63 20.42
CA ILE C 705 8.28 48.55 19.01
C ILE C 705 7.49 49.65 18.34
N LEU C 706 8.18 50.45 17.52
CA LEU C 706 7.60 51.64 16.92
C LEU C 706 7.18 51.38 15.48
N GLY C 707 7.96 50.55 14.78
CA GLY C 707 7.74 50.24 13.38
C GLY C 707 9.05 49.84 12.73
N LYS C 708 9.11 49.99 11.40
CA LYS C 708 10.20 49.49 10.58
C LYS C 708 11.52 50.02 11.11
N ALA C 709 12.57 49.17 11.04
CA ALA C 709 13.91 49.58 11.42
C ALA C 709 14.32 50.83 10.63
N ASN C 710 15.40 51.48 11.08
CA ASN C 710 15.88 52.69 10.45
C ASN C 710 17.40 52.76 10.55
N SER C 711 18.07 52.82 9.38
CA SER C 711 19.51 52.96 9.28
C SER C 711 19.96 54.26 9.91
N LYS C 712 19.04 55.24 9.96
CA LYS C 712 19.28 56.53 10.60
C LYS C 712 18.99 56.43 12.10
N TYR C 713 19.25 55.25 12.68
CA TYR C 713 19.30 55.07 14.13
C TYR C 713 20.33 54.00 14.50
N GLY C 714 21.33 53.78 13.62
CA GLY C 714 22.46 52.93 13.95
C GLY C 714 22.22 51.47 13.57
N PRO C 715 23.23 50.58 13.79
CA PRO C 715 23.17 49.20 13.31
C PRO C 715 22.16 48.32 14.06
N VAL C 716 22.12 47.04 13.66
CA VAL C 716 21.10 46.10 14.13
C VAL C 716 21.66 45.29 15.29
N LEU C 717 20.98 45.40 16.44
CA LEU C 717 21.33 44.64 17.63
C LEU C 717 20.49 43.38 17.71
N THR C 718 21.03 42.35 18.37
CA THR C 718 20.21 41.23 18.80
C THR C 718 19.24 41.74 19.86
N ILE C 719 18.41 40.83 20.37
CA ILE C 719 17.57 41.11 21.53
C ILE C 719 18.45 41.22 22.77
N GLY C 720 19.33 40.23 22.97
CA GLY C 720 20.17 40.15 24.15
C GLY C 720 21.31 41.17 24.17
N GLU C 721 21.21 42.22 23.35
CA GLU C 721 22.15 43.33 23.38
C GLU C 721 21.42 44.65 23.59
N LEU C 722 20.08 44.60 23.73
CA LEU C 722 19.29 45.77 24.09
C LEU C 722 19.59 46.15 25.54
N ASP C 723 20.19 45.19 26.26
CA ASP C 723 20.77 45.38 27.57
C ASP C 723 20.97 46.86 27.89
N LYS C 724 21.95 47.50 27.23
CA LYS C 724 22.46 48.79 27.65
C LYS C 724 22.01 49.91 26.72
N LEU C 725 20.68 50.05 26.59
CA LEU C 725 20.10 51.25 26.01
C LEU C 725 19.57 52.11 27.16
N GLY C 726 19.03 53.29 26.83
CA GLY C 726 18.54 54.21 27.83
C GLY C 726 17.18 54.78 27.46
N ARG C 727 16.43 55.19 28.49
CA ARG C 727 15.14 55.81 28.31
C ARG C 727 15.17 56.69 27.06
N GLY C 728 14.23 56.46 26.14
CA GLY C 728 14.05 57.32 24.98
C GLY C 728 14.93 56.90 23.80
N GLU C 729 15.87 55.98 24.02
CA GLU C 729 16.93 55.69 23.06
C GLU C 729 16.53 54.52 22.15
N LYS C 730 16.41 54.81 20.85
CA LYS C 730 15.75 53.96 19.87
C LYS C 730 16.77 53.19 19.02
N ALA C 731 16.58 51.86 18.91
CA ALA C 731 17.53 50.99 18.25
C ALA C 731 16.86 50.19 17.13
N ASN C 732 17.68 49.46 16.37
CA ASN C 732 17.21 48.51 15.39
C ASN C 732 17.50 47.11 15.90
N VAL C 733 16.49 46.23 15.84
CA VAL C 733 16.58 44.93 16.47
C VAL C 733 16.16 43.83 15.51
N LEU C 734 16.95 42.75 15.46
CA LEU C 734 16.51 41.52 14.83
C LEU C 734 15.57 40.86 15.83
N ILE C 735 14.28 41.18 15.69
CA ILE C 735 13.27 40.93 16.70
C ILE C 735 12.74 39.50 16.59
N GLY C 736 12.80 38.92 15.38
CA GLY C 736 12.31 37.57 15.13
C GLY C 736 11.93 37.36 13.68
N GLN C 737 11.98 36.08 13.25
CA GLN C 737 11.56 35.63 11.93
C GLN C 737 12.05 36.59 10.83
N GLY C 738 13.31 37.00 10.88
CA GLY C 738 13.90 37.81 9.82
C GLY C 738 13.57 39.32 9.86
N ASP C 739 12.67 39.76 10.76
CA ASP C 739 12.26 41.16 10.79
C ASP C 739 13.28 42.01 11.52
N THR C 740 13.47 43.26 11.08
CA THR C 740 14.17 44.24 11.88
C THR C 740 13.23 45.41 12.12
N VAL C 741 13.20 45.90 13.37
CA VAL C 741 12.23 46.90 13.79
C VAL C 741 12.95 47.97 14.61
N LEU C 742 12.35 49.16 14.62
CA LEU C 742 12.78 50.23 15.48
C LEU C 742 12.06 50.10 16.83
N VAL C 743 12.86 49.91 17.88
CA VAL C 743 12.38 49.85 19.25
C VAL C 743 12.71 51.18 19.92
N MET C 744 12.14 51.37 21.13
CA MET C 744 12.56 52.44 22.03
C MET C 744 12.44 51.93 23.46
N LYS C 745 13.54 52.05 24.22
CA LYS C 745 13.50 51.84 25.66
C LYS C 745 12.59 52.87 26.32
N ARG C 746 11.57 52.41 27.05
CA ARG C 746 10.55 53.27 27.63
C ARG C 746 11.14 54.17 28.70
N LYS C 747 10.47 55.30 28.94
CA LYS C 747 10.97 56.35 29.83
C LYS C 747 10.58 56.04 31.27
N ARG C 748 9.32 55.60 31.46
CA ARG C 748 8.86 55.08 32.74
C ARG C 748 8.95 53.56 32.70
N ASP C 749 8.43 52.90 33.75
CA ASP C 749 8.43 51.46 33.85
C ASP C 749 7.02 50.96 34.13
N SER C 750 6.86 49.64 34.09
CA SER C 750 5.64 48.97 34.50
C SER C 750 6.00 47.90 35.51
N SER C 751 5.32 47.87 36.67
CA SER C 751 5.72 46.97 37.73
C SER C 751 4.60 45.97 38.01
N ILE C 752 4.96 44.86 38.68
CA ILE C 752 4.12 43.69 38.85
C ILE C 752 4.16 43.26 40.34
#